data_5NNT
# 
_entry.id   5NNT 
# 
_audit_conform.dict_name       mmcif_pdbx.dic 
_audit_conform.dict_version    5.391 
_audit_conform.dict_location   http://mmcif.pdb.org/dictionaries/ascii/mmcif_pdbx.dic 
# 
loop_
_database_2.database_id 
_database_2.database_code 
_database_2.pdbx_database_accession 
_database_2.pdbx_DOI 
PDB   5NNT         pdb_00005nnt 10.2210/pdb5nnt/pdb 
WWPDB D_1200004419 ?            ?                   
# 
loop_
_pdbx_audit_revision_history.ordinal 
_pdbx_audit_revision_history.data_content_type 
_pdbx_audit_revision_history.major_revision 
_pdbx_audit_revision_history.minor_revision 
_pdbx_audit_revision_history.revision_date 
1 'Structure model' 1 0 2018-01-24 
2 'Structure model' 1 1 2019-10-16 
3 'Structure model' 1 2 2024-05-08 
# 
_pdbx_audit_revision_details.ordinal             1 
_pdbx_audit_revision_details.revision_ordinal    1 
_pdbx_audit_revision_details.data_content_type   'Structure model' 
_pdbx_audit_revision_details.provider            repository 
_pdbx_audit_revision_details.type                'Initial release' 
_pdbx_audit_revision_details.description         ? 
_pdbx_audit_revision_details.details             ? 
# 
loop_
_pdbx_audit_revision_group.ordinal 
_pdbx_audit_revision_group.revision_ordinal 
_pdbx_audit_revision_group.data_content_type 
_pdbx_audit_revision_group.group 
1 2 'Structure model' 'Data collection'     
2 3 'Structure model' 'Data collection'     
3 3 'Structure model' 'Database references' 
# 
loop_
_pdbx_audit_revision_category.ordinal 
_pdbx_audit_revision_category.revision_ordinal 
_pdbx_audit_revision_category.data_content_type 
_pdbx_audit_revision_category.category 
1 2 'Structure model' reflns_shell   
2 3 'Structure model' chem_comp_atom 
3 3 'Structure model' chem_comp_bond 
4 3 'Structure model' database_2     
# 
loop_
_pdbx_audit_revision_item.ordinal 
_pdbx_audit_revision_item.revision_ordinal 
_pdbx_audit_revision_item.data_content_type 
_pdbx_audit_revision_item.item 
1 3 'Structure model' '_database_2.pdbx_DOI'                
2 3 'Structure model' '_database_2.pdbx_database_accession' 
# 
_pdbx_database_status.status_code                     REL 
_pdbx_database_status.status_code_sf                  REL 
_pdbx_database_status.status_code_mr                  ? 
_pdbx_database_status.entry_id                        5NNT 
_pdbx_database_status.recvd_initial_deposition_date   2017-04-10 
_pdbx_database_status.SG_entry                        N 
_pdbx_database_status.deposit_site                    PDBE 
_pdbx_database_status.process_site                    PDBE 
_pdbx_database_status.status_code_cs                  ? 
_pdbx_database_status.methods_development_category    ? 
_pdbx_database_status.pdb_format_compatible           Y 
_pdbx_database_status.status_code_nmr_data            ? 
# 
loop_
_audit_author.name 
_audit_author.pdbx_ordinal 
_audit_author.identifier_ORCID 
'Zeth, K.'          1 ? 
'Sancho-Vaello, E.' 2 ? 
# 
_citation.abstract                  ? 
_citation.abstract_id_CAS           ? 
_citation.book_id_ISBN              ? 
_citation.book_publisher            ? 
_citation.book_publisher_city       ? 
_citation.book_title                ? 
_citation.coordinate_linkage        ? 
_citation.country                   UK 
_citation.database_id_Medline       ? 
_citation.details                   ? 
_citation.id                        primary 
_citation.journal_abbrev            'Sci Rep' 
_citation.journal_id_ASTM           ? 
_citation.journal_id_CSD            ? 
_citation.journal_id_ISSN           2045-2322 
_citation.journal_full              ? 
_citation.journal_issue             ? 
_citation.journal_volume            7 
_citation.language                  ? 
_citation.page_first                15371 
_citation.page_last                 15371 
_citation.title                     
'Structural remodeling and oligomerization of human cathelicidin on membranes suggest fibril-like structures as active species.' 
_citation.year                      2017 
_citation.database_id_CSD           ? 
_citation.pdbx_database_id_DOI      10.1038/s41598-017-14206-1 
_citation.pdbx_database_id_PubMed   29133814 
_citation.unpublished_flag          ? 
# 
loop_
_citation_author.citation_id 
_citation_author.name 
_citation_author.ordinal 
_citation_author.identifier_ORCID 
primary 'Sancho-Vaello, E.' 1 ? 
primary 'Francois, P.'      2 ? 
primary 'Bonetti, E.J.'     3 ? 
primary 'Lilie, H.'         4 ? 
primary 'Finger, S.'        5 ? 
primary 'Gil-Ortiz, F.'     6 ? 
primary 'Gil-Carton, D.'    7 ? 
primary 'Zeth, K.'          8 ? 
# 
loop_
_entity.id 
_entity.type 
_entity.src_method 
_entity.pdbx_description 
_entity.formula_weight 
_entity.pdbx_number_of_molecules 
_entity.pdbx_ec 
_entity.pdbx_mutation 
_entity.pdbx_fragment 
_entity.details 
1 polymer     syn 'Cathelicidin antimicrobial peptide'          4504.351 2  ? ? ? ? 
2 non-polymer syn 'dodecyl 2-(trimethylammonio)ethyl phosphate' 351.462  2  ? ? ? ? 
3 water       nat water                                         18.015   10 ? ? ? ? 
# 
_entity_name_com.entity_id   1 
_entity_name_com.name        '18 kDa cationic antimicrobial protein,hCAP-18' 
# 
_entity_poly.entity_id                      1 
_entity_poly.type                           'polypeptide(L)' 
_entity_poly.nstd_linkage                   no 
_entity_poly.nstd_monomer                   no 
_entity_poly.pdbx_seq_one_letter_code       LLGDFFRKSKEKIGKEFKRIVQRIKDFLRNLVPRTES 
_entity_poly.pdbx_seq_one_letter_code_can   LLGDFFRKSKEKIGKEFKRIVQRIKDFLRNLVPRTES 
_entity_poly.pdbx_strand_id                 A,B 
_entity_poly.pdbx_target_identifier         ? 
# 
loop_
_pdbx_entity_nonpoly.entity_id 
_pdbx_entity_nonpoly.name 
_pdbx_entity_nonpoly.comp_id 
2 'dodecyl 2-(trimethylammonio)ethyl phosphate' DPV 
3 water                                         HOH 
# 
loop_
_entity_poly_seq.entity_id 
_entity_poly_seq.num 
_entity_poly_seq.mon_id 
_entity_poly_seq.hetero 
1 1  LEU n 
1 2  LEU n 
1 3  GLY n 
1 4  ASP n 
1 5  PHE n 
1 6  PHE n 
1 7  ARG n 
1 8  LYS n 
1 9  SER n 
1 10 LYS n 
1 11 GLU n 
1 12 LYS n 
1 13 ILE n 
1 14 GLY n 
1 15 LYS n 
1 16 GLU n 
1 17 PHE n 
1 18 LYS n 
1 19 ARG n 
1 20 ILE n 
1 21 VAL n 
1 22 GLN n 
1 23 ARG n 
1 24 ILE n 
1 25 LYS n 
1 26 ASP n 
1 27 PHE n 
1 28 LEU n 
1 29 ARG n 
1 30 ASN n 
1 31 LEU n 
1 32 VAL n 
1 33 PRO n 
1 34 ARG n 
1 35 THR n 
1 36 GLU n 
1 37 SER n 
# 
_pdbx_entity_src_syn.entity_id              1 
_pdbx_entity_src_syn.pdbx_src_id            1 
_pdbx_entity_src_syn.pdbx_alt_source_flag   sample 
_pdbx_entity_src_syn.pdbx_beg_seq_num       1 
_pdbx_entity_src_syn.pdbx_end_seq_num       37 
_pdbx_entity_src_syn.organism_scientific    'Homo sapiens' 
_pdbx_entity_src_syn.organism_common_name   Human 
_pdbx_entity_src_syn.ncbi_taxonomy_id       9606 
_pdbx_entity_src_syn.details                ? 
# 
loop_
_chem_comp.id 
_chem_comp.type 
_chem_comp.mon_nstd_flag 
_chem_comp.name 
_chem_comp.pdbx_synonyms 
_chem_comp.formula 
_chem_comp.formula_weight 
ARG 'L-peptide linking' y ARGININE                                      ?                     'C6 H15 N4 O2 1' 175.209 
ASN 'L-peptide linking' y ASPARAGINE                                    ?                     'C4 H8 N2 O3'    132.118 
ASP 'L-peptide linking' y 'ASPARTIC ACID'                               ?                     'C4 H7 N O4'     133.103 
DPV non-polymer         . 'dodecyl 2-(trimethylammonio)ethyl phosphate' dodecylphosphocholine 'C17 H38 N O4 P' 351.462 
GLN 'L-peptide linking' y GLUTAMINE                                     ?                     'C5 H10 N2 O3'   146.144 
GLU 'L-peptide linking' y 'GLUTAMIC ACID'                               ?                     'C5 H9 N O4'     147.129 
GLY 'peptide linking'   y GLYCINE                                       ?                     'C2 H5 N O2'     75.067  
HOH non-polymer         . WATER                                         ?                     'H2 O'           18.015  
ILE 'L-peptide linking' y ISOLEUCINE                                    ?                     'C6 H13 N O2'    131.173 
LEU 'L-peptide linking' y LEUCINE                                       ?                     'C6 H13 N O2'    131.173 
LYS 'L-peptide linking' y LYSINE                                        ?                     'C6 H15 N2 O2 1' 147.195 
PHE 'L-peptide linking' y PHENYLALANINE                                 ?                     'C9 H11 N O2'    165.189 
PRO 'L-peptide linking' y PROLINE                                       ?                     'C5 H9 N O2'     115.130 
SER 'L-peptide linking' y SERINE                                        ?                     'C3 H7 N O3'     105.093 
THR 'L-peptide linking' y THREONINE                                     ?                     'C4 H9 N O3'     119.119 
VAL 'L-peptide linking' y VALINE                                        ?                     'C5 H11 N O2'    117.146 
# 
loop_
_pdbx_poly_seq_scheme.asym_id 
_pdbx_poly_seq_scheme.entity_id 
_pdbx_poly_seq_scheme.seq_id 
_pdbx_poly_seq_scheme.mon_id 
_pdbx_poly_seq_scheme.ndb_seq_num 
_pdbx_poly_seq_scheme.pdb_seq_num 
_pdbx_poly_seq_scheme.auth_seq_num 
_pdbx_poly_seq_scheme.pdb_mon_id 
_pdbx_poly_seq_scheme.auth_mon_id 
_pdbx_poly_seq_scheme.pdb_strand_id 
_pdbx_poly_seq_scheme.pdb_ins_code 
_pdbx_poly_seq_scheme.hetero 
A 1 1  LEU 1  1  1  LEU LEU A . n 
A 1 2  LEU 2  2  2  LEU LEU A . n 
A 1 3  GLY 3  3  3  GLY GLY A . n 
A 1 4  ASP 4  4  4  ASP ASP A . n 
A 1 5  PHE 5  5  5  PHE PHE A . n 
A 1 6  PHE 6  6  6  PHE PHE A . n 
A 1 7  ARG 7  7  7  ARG ARG A . n 
A 1 8  LYS 8  8  8  LYS LYS A . n 
A 1 9  SER 9  9  9  SER SER A . n 
A 1 10 LYS 10 10 10 LYS LYS A . n 
A 1 11 GLU 11 11 11 GLU GLU A . n 
A 1 12 LYS 12 12 12 LYS LYS A . n 
A 1 13 ILE 13 13 13 ILE ILE A . n 
A 1 14 GLY 14 14 14 GLY GLY A . n 
A 1 15 LYS 15 15 15 LYS LYS A . n 
A 1 16 GLU 16 16 16 GLU GLU A . n 
A 1 17 PHE 17 17 17 PHE PHE A . n 
A 1 18 LYS 18 18 18 LYS LYS A . n 
A 1 19 ARG 19 19 19 ARG ARG A . n 
A 1 20 ILE 20 20 20 ILE ILE A . n 
A 1 21 VAL 21 21 21 VAL VAL A . n 
A 1 22 GLN 22 22 22 GLN GLN A . n 
A 1 23 ARG 23 23 23 ARG ARG A . n 
A 1 24 ILE 24 24 24 ILE ILE A . n 
A 1 25 LYS 25 25 25 LYS LYS A . n 
A 1 26 ASP 26 26 26 ASP ASP A . n 
A 1 27 PHE 27 27 27 PHE PHE A . n 
A 1 28 LEU 28 28 28 LEU LEU A . n 
A 1 29 ARG 29 29 29 ARG ARG A . n 
A 1 30 ASN 30 30 30 ASN ASN A . n 
A 1 31 LEU 31 31 31 LEU LEU A . n 
A 1 32 VAL 32 32 32 VAL VAL A . n 
A 1 33 PRO 33 33 33 PRO PRO A . n 
A 1 34 ARG 34 34 34 ARG ARG A . n 
A 1 35 THR 35 35 ?  ?   ?   A . n 
A 1 36 GLU 36 36 ?  ?   ?   A . n 
A 1 37 SER 37 37 ?  ?   ?   A . n 
B 1 1  LEU 1  1  1  LEU LEU B . n 
B 1 2  LEU 2  2  2  LEU LEU B . n 
B 1 3  GLY 3  3  3  GLY GLY B . n 
B 1 4  ASP 4  4  4  ASP ASP B . n 
B 1 5  PHE 5  5  5  PHE PHE B . n 
B 1 6  PHE 6  6  6  PHE PHE B . n 
B 1 7  ARG 7  7  7  ARG ARG B . n 
B 1 8  LYS 8  8  8  LYS LYS B . n 
B 1 9  SER 9  9  9  SER SER B . n 
B 1 10 LYS 10 10 10 LYS LYS B . n 
B 1 11 GLU 11 11 11 GLU GLU B . n 
B 1 12 LYS 12 12 12 LYS LYS B . n 
B 1 13 ILE 13 13 13 ILE ILE B . n 
B 1 14 GLY 14 14 14 GLY GLY B . n 
B 1 15 LYS 15 15 15 LYS LYS B . n 
B 1 16 GLU 16 16 16 GLU GLU B . n 
B 1 17 PHE 17 17 17 PHE PHE B . n 
B 1 18 LYS 18 18 18 LYS LYS B . n 
B 1 19 ARG 19 19 19 ARG ARG B . n 
B 1 20 ILE 20 20 20 ILE ILE B . n 
B 1 21 VAL 21 21 21 VAL VAL B . n 
B 1 22 GLN 22 22 22 GLN GLN B . n 
B 1 23 ARG 23 23 23 ARG ARG B . n 
B 1 24 ILE 24 24 24 ILE ILE B . n 
B 1 25 LYS 25 25 25 LYS LYS B . n 
B 1 26 ASP 26 26 26 ASP ASP B . n 
B 1 27 PHE 27 27 27 PHE PHE B . n 
B 1 28 LEU 28 28 28 LEU LEU B . n 
B 1 29 ARG 29 29 29 ARG ARG B . n 
B 1 30 ASN 30 30 30 ASN ASN B . n 
B 1 31 LEU 31 31 31 LEU LEU B . n 
B 1 32 VAL 32 32 32 VAL VAL B . n 
B 1 33 PRO 33 33 33 PRO PRO B . n 
B 1 34 ARG 34 34 ?  ?   ?   B . n 
B 1 35 THR 35 35 ?  ?   ?   B . n 
B 1 36 GLU 36 36 ?  ?   ?   B . n 
B 1 37 SER 37 37 ?  ?   ?   B . n 
# 
loop_
_pdbx_nonpoly_scheme.asym_id 
_pdbx_nonpoly_scheme.entity_id 
_pdbx_nonpoly_scheme.mon_id 
_pdbx_nonpoly_scheme.ndb_seq_num 
_pdbx_nonpoly_scheme.pdb_seq_num 
_pdbx_nonpoly_scheme.auth_seq_num 
_pdbx_nonpoly_scheme.pdb_mon_id 
_pdbx_nonpoly_scheme.auth_mon_id 
_pdbx_nonpoly_scheme.pdb_strand_id 
_pdbx_nonpoly_scheme.pdb_ins_code 
C 2 DPV 1 101 1  DPV DPV A . 
D 2 DPV 1 101 2  DPV DPV B . 
E 3 HOH 1 201 8  HOH HOH A . 
E 3 HOH 2 202 4  HOH HOH A . 
E 3 HOH 3 203 9  HOH HOH A . 
F 3 HOH 1 201 6  HOH HOH B . 
F 3 HOH 2 202 10 HOH HOH B . 
F 3 HOH 3 203 3  HOH HOH B . 
F 3 HOH 4 204 5  HOH HOH B . 
F 3 HOH 5 205 2  HOH HOH B . 
F 3 HOH 6 206 11 HOH HOH B . 
F 3 HOH 7 207 7  HOH HOH B . 
# 
loop_
_pdbx_unobs_or_zero_occ_atoms.id 
_pdbx_unobs_or_zero_occ_atoms.PDB_model_num 
_pdbx_unobs_or_zero_occ_atoms.polymer_flag 
_pdbx_unobs_or_zero_occ_atoms.occupancy_flag 
_pdbx_unobs_or_zero_occ_atoms.auth_asym_id 
_pdbx_unobs_or_zero_occ_atoms.auth_comp_id 
_pdbx_unobs_or_zero_occ_atoms.auth_seq_id 
_pdbx_unobs_or_zero_occ_atoms.PDB_ins_code 
_pdbx_unobs_or_zero_occ_atoms.auth_atom_id 
_pdbx_unobs_or_zero_occ_atoms.label_alt_id 
_pdbx_unobs_or_zero_occ_atoms.label_asym_id 
_pdbx_unobs_or_zero_occ_atoms.label_comp_id 
_pdbx_unobs_or_zero_occ_atoms.label_seq_id 
_pdbx_unobs_or_zero_occ_atoms.label_atom_id 
1 1 Y 1 A ARG 34 ? CG  ? A ARG 34 CG  
2 1 Y 1 A ARG 34 ? CD  ? A ARG 34 CD  
3 1 Y 1 A ARG 34 ? NE  ? A ARG 34 NE  
4 1 Y 1 A ARG 34 ? CZ  ? A ARG 34 CZ  
5 1 Y 1 A ARG 34 ? NH1 ? A ARG 34 NH1 
6 1 Y 1 A ARG 34 ? NH2 ? A ARG 34 NH2 
# 
loop_
_software.citation_id 
_software.classification 
_software.compiler_name 
_software.compiler_version 
_software.contact_author 
_software.contact_author_email 
_software.date 
_software.description 
_software.dependencies 
_software.hardware 
_software.language 
_software.location 
_software.mods 
_software.name 
_software.os 
_software.os_version 
_software.type 
_software.version 
_software.pdbx_ordinal 
? refinement       ? ? ? ? ? ? ? ? ? ? ? PHENIX ? ? ? '(1.10.1_2155: ???)' 1 
? 'data reduction' ? ? ? ? ? ? ? ? ? ? ? XDS    ? ? ? .                    2 
? 'data scaling'   ? ? ? ? ? ? ? ? ? ? ? XSCALE ? ? ? .                    3 
? phasing          ? ? ? ? ? ? ? ? ? ? ? PHASER ? ? ? .                    4 
# 
_cell.angle_alpha                  90.00 
_cell.angle_alpha_esd              ? 
_cell.angle_beta                   90.00 
_cell.angle_beta_esd               ? 
_cell.angle_gamma                  90.00 
_cell.angle_gamma_esd              ? 
_cell.entry_id                     5NNT 
_cell.details                      ? 
_cell.formula_units_Z              ? 
_cell.length_a                     35.209 
_cell.length_a_esd                 ? 
_cell.length_b                     43.703 
_cell.length_b_esd                 ? 
_cell.length_c                     54.398 
_cell.length_c_esd                 ? 
_cell.volume                       ? 
_cell.volume_esd                   ? 
_cell.Z_PDB                        8 
_cell.reciprocal_angle_alpha       ? 
_cell.reciprocal_angle_beta        ? 
_cell.reciprocal_angle_gamma       ? 
_cell.reciprocal_angle_alpha_esd   ? 
_cell.reciprocal_angle_beta_esd    ? 
_cell.reciprocal_angle_gamma_esd   ? 
_cell.reciprocal_length_a          ? 
_cell.reciprocal_length_b          ? 
_cell.reciprocal_length_c          ? 
_cell.reciprocal_length_a_esd      ? 
_cell.reciprocal_length_b_esd      ? 
_cell.reciprocal_length_c_esd      ? 
_cell.pdbx_unique_axis             ? 
# 
_symmetry.entry_id                         5NNT 
_symmetry.cell_setting                     ? 
_symmetry.Int_Tables_number                19 
_symmetry.space_group_name_Hall            ? 
_symmetry.space_group_name_H-M             'P 21 21 21' 
_symmetry.pdbx_full_space_group_name_H-M   ? 
# 
_exptl.absorpt_coefficient_mu     ? 
_exptl.absorpt_correction_T_max   ? 
_exptl.absorpt_correction_T_min   ? 
_exptl.absorpt_correction_type    ? 
_exptl.absorpt_process_details    ? 
_exptl.entry_id                   5NNT 
_exptl.crystals_number            1 
_exptl.details                    ? 
_exptl.method                     'X-RAY DIFFRACTION' 
_exptl.method_details             ? 
# 
_exptl_crystal.colour                      ? 
_exptl_crystal.density_diffrn              ? 
_exptl_crystal.density_Matthews            2.32 
_exptl_crystal.density_method              ? 
_exptl_crystal.density_percent_sol         47.05 
_exptl_crystal.description                 ? 
_exptl_crystal.F_000                       ? 
_exptl_crystal.id                          1 
_exptl_crystal.preparation                 ? 
_exptl_crystal.size_max                    ? 
_exptl_crystal.size_mid                    ? 
_exptl_crystal.size_min                    ? 
_exptl_crystal.size_rad                    ? 
_exptl_crystal.colour_lustre               ? 
_exptl_crystal.colour_modifier             ? 
_exptl_crystal.colour_primary              ? 
_exptl_crystal.density_meas                ? 
_exptl_crystal.density_meas_esd            ? 
_exptl_crystal.density_meas_gt             ? 
_exptl_crystal.density_meas_lt             ? 
_exptl_crystal.density_meas_temp           ? 
_exptl_crystal.density_meas_temp_esd       ? 
_exptl_crystal.density_meas_temp_gt        ? 
_exptl_crystal.density_meas_temp_lt        ? 
_exptl_crystal.pdbx_crystal_image_url      ? 
_exptl_crystal.pdbx_crystal_image_format   ? 
_exptl_crystal.pdbx_mosaicity              ? 
_exptl_crystal.pdbx_mosaicity_esd          ? 
# 
_exptl_crystal_grow.apparatus       ? 
_exptl_crystal_grow.atmosphere      ? 
_exptl_crystal_grow.crystal_id      1 
_exptl_crystal_grow.details         ? 
_exptl_crystal_grow.method          'VAPOR DIFFUSION, SITTING DROP' 
_exptl_crystal_grow.method_ref      ? 
_exptl_crystal_grow.pH              ? 
_exptl_crystal_grow.pressure        ? 
_exptl_crystal_grow.pressure_esd    ? 
_exptl_crystal_grow.seeding         ? 
_exptl_crystal_grow.seeding_ref     ? 
_exptl_crystal_grow.temp            298 
_exptl_crystal_grow.temp_details    ? 
_exptl_crystal_grow.temp_esd        ? 
_exptl_crystal_grow.time            ? 
_exptl_crystal_grow.pdbx_details    '30% PEGMME 3350, 100 mM Tris, ph 8' 
_exptl_crystal_grow.pdbx_pH_range   ? 
# 
_diffrn.ambient_environment    ? 
_diffrn.ambient_temp           100 
_diffrn.ambient_temp_details   ? 
_diffrn.ambient_temp_esd       ? 
_diffrn.crystal_id             1 
_diffrn.crystal_support        ? 
_diffrn.crystal_treatment      ? 
_diffrn.details                ? 
_diffrn.id                     1 
_diffrn.ambient_pressure       ? 
_diffrn.ambient_pressure_esd   ? 
_diffrn.ambient_pressure_gt    ? 
_diffrn.ambient_pressure_lt    ? 
_diffrn.ambient_temp_gt        ? 
_diffrn.ambient_temp_lt        ? 
# 
_diffrn_detector.details                      ? 
_diffrn_detector.detector                     PIXEL 
_diffrn_detector.diffrn_id                    1 
_diffrn_detector.type                         'DECTRIS PILATUS3 6M' 
_diffrn_detector.area_resol_mean              ? 
_diffrn_detector.dtime                        ? 
_diffrn_detector.pdbx_frames_total            ? 
_diffrn_detector.pdbx_collection_time_total   ? 
_diffrn_detector.pdbx_collection_date         2013-04-13 
# 
_diffrn_radiation.collimation                      ? 
_diffrn_radiation.diffrn_id                        1 
_diffrn_radiation.filter_edge                      ? 
_diffrn_radiation.inhomogeneity                    ? 
_diffrn_radiation.monochromator                    ? 
_diffrn_radiation.polarisn_norm                    ? 
_diffrn_radiation.polarisn_ratio                   ? 
_diffrn_radiation.probe                            ? 
_diffrn_radiation.type                             ? 
_diffrn_radiation.xray_symbol                      ? 
_diffrn_radiation.wavelength_id                    1 
_diffrn_radiation.pdbx_monochromatic_or_laue_m_l   M 
_diffrn_radiation.pdbx_wavelength_list             ? 
_diffrn_radiation.pdbx_wavelength                  ? 
_diffrn_radiation.pdbx_diffrn_protocol             'SINGLE WAVELENGTH' 
_diffrn_radiation.pdbx_analyzer                    ? 
_diffrn_radiation.pdbx_scattering_type             x-ray 
# 
_diffrn_radiation_wavelength.id           1 
_diffrn_radiation_wavelength.wavelength   1 
_diffrn_radiation_wavelength.wt           1.0 
# 
_diffrn_source.current                     ? 
_diffrn_source.details                     ? 
_diffrn_source.diffrn_id                   1 
_diffrn_source.power                       ? 
_diffrn_source.size                        ? 
_diffrn_source.source                      SYNCHROTRON 
_diffrn_source.target                      ? 
_diffrn_source.type                        'ALBA BEAMLINE XALOC' 
_diffrn_source.voltage                     ? 
_diffrn_source.take-off_angle              ? 
_diffrn_source.pdbx_wavelength_list        1 
_diffrn_source.pdbx_wavelength             ? 
_diffrn_source.pdbx_synchrotron_beamline   XALOC 
_diffrn_source.pdbx_synchrotron_site       ALBA 
# 
_reflns.B_iso_Wilson_estimate            31.30 
_reflns.entry_id                         5NNT 
_reflns.data_reduction_details           ? 
_reflns.data_reduction_method            ? 
_reflns.d_resolution_high                2.19 
_reflns.d_resolution_low                 40 
_reflns.details                          ? 
_reflns.limit_h_max                      ? 
_reflns.limit_h_min                      ? 
_reflns.limit_k_max                      ? 
_reflns.limit_k_min                      ? 
_reflns.limit_l_max                      ? 
_reflns.limit_l_min                      ? 
_reflns.number_all                       ? 
_reflns.number_obs                       4568 
_reflns.observed_criterion               ? 
_reflns.observed_criterion_F_max         ? 
_reflns.observed_criterion_F_min         ? 
_reflns.observed_criterion_I_max         ? 
_reflns.observed_criterion_I_min         ? 
_reflns.observed_criterion_sigma_F       ? 
_reflns.observed_criterion_sigma_I       ? 
_reflns.percent_possible_obs             98.7 
_reflns.R_free_details                   ? 
_reflns.Rmerge_F_all                     ? 
_reflns.Rmerge_F_obs                     ? 
_reflns.Friedel_coverage                 ? 
_reflns.number_gt                        ? 
_reflns.threshold_expression             ? 
_reflns.pdbx_redundancy                  5.9 
_reflns.pdbx_Rmerge_I_obs                ? 
_reflns.pdbx_Rmerge_I_all                ? 
_reflns.pdbx_Rsym_value                  ? 
_reflns.pdbx_netI_over_av_sigmaI         ? 
_reflns.pdbx_netI_over_sigmaI            8.07 
_reflns.pdbx_res_netI_over_av_sigmaI_2   ? 
_reflns.pdbx_res_netI_over_sigmaI_2      ? 
_reflns.pdbx_chi_squared                 ? 
_reflns.pdbx_scaling_rejects             ? 
_reflns.pdbx_d_res_high_opt              ? 
_reflns.pdbx_d_res_low_opt               ? 
_reflns.pdbx_d_res_opt_method            ? 
_reflns.phase_calculation_details        ? 
_reflns.pdbx_Rrim_I_all                  0.128 
_reflns.pdbx_Rpim_I_all                  ? 
_reflns.pdbx_d_opt                       ? 
_reflns.pdbx_number_measured_all         ? 
_reflns.pdbx_diffrn_id                   1 
_reflns.pdbx_ordinal                     1 
_reflns.pdbx_CC_half                     0.999 
_reflns.pdbx_R_split                     ? 
# 
_refine.aniso_B[1][1]                            ? 
_refine.aniso_B[1][2]                            ? 
_refine.aniso_B[1][3]                            ? 
_refine.aniso_B[2][2]                            ? 
_refine.aniso_B[2][3]                            ? 
_refine.aniso_B[3][3]                            ? 
_refine.B_iso_max                                ? 
_refine.B_iso_mean                               ? 
_refine.B_iso_min                                ? 
_refine.correlation_coeff_Fo_to_Fc               ? 
_refine.correlation_coeff_Fo_to_Fc_free          ? 
_refine.details                                  ? 
_refine.diff_density_max                         ? 
_refine.diff_density_max_esd                     ? 
_refine.diff_density_min                         ? 
_refine.diff_density_min_esd                     ? 
_refine.diff_density_rms                         ? 
_refine.diff_density_rms_esd                     ? 
_refine.entry_id                                 5NNT 
_refine.pdbx_refine_id                           'X-RAY DIFFRACTION' 
_refine.ls_abs_structure_details                 ? 
_refine.ls_abs_structure_Flack                   ? 
_refine.ls_abs_structure_Flack_esd               ? 
_refine.ls_abs_structure_Rogers                  ? 
_refine.ls_abs_structure_Rogers_esd              ? 
_refine.ls_d_res_high                            2.209 
_refine.ls_d_res_low                             29.558 
_refine.ls_extinction_coef                       ? 
_refine.ls_extinction_coef_esd                   ? 
_refine.ls_extinction_expression                 ? 
_refine.ls_extinction_method                     ? 
_refine.ls_goodness_of_fit_all                   ? 
_refine.ls_goodness_of_fit_all_esd               ? 
_refine.ls_goodness_of_fit_obs                   ? 
_refine.ls_goodness_of_fit_obs_esd               ? 
_refine.ls_hydrogen_treatment                    ? 
_refine.ls_matrix_type                           ? 
_refine.ls_number_constraints                    ? 
_refine.ls_number_parameters                     ? 
_refine.ls_number_reflns_all                     ? 
_refine.ls_number_reflns_obs                     4433 
_refine.ls_number_reflns_R_free                  223 
_refine.ls_number_reflns_R_work                  ? 
_refine.ls_number_restraints                     ? 
_refine.ls_percent_reflns_obs                    97.97 
_refine.ls_percent_reflns_R_free                 5.03 
_refine.ls_R_factor_all                          ? 
_refine.ls_R_factor_obs                          0.2640 
_refine.ls_R_factor_R_free                       0.2873 
_refine.ls_R_factor_R_free_error                 ? 
_refine.ls_R_factor_R_free_error_details         ? 
_refine.ls_R_factor_R_work                       0.2627 
_refine.ls_R_Fsqd_factor_obs                     ? 
_refine.ls_R_I_factor_obs                        ? 
_refine.ls_redundancy_reflns_all                 ? 
_refine.ls_redundancy_reflns_obs                 ? 
_refine.ls_restrained_S_all                      ? 
_refine.ls_restrained_S_obs                      ? 
_refine.ls_shift_over_esd_max                    ? 
_refine.ls_shift_over_esd_mean                   ? 
_refine.ls_structure_factor_coef                 ? 
_refine.ls_weighting_details                     ? 
_refine.ls_weighting_scheme                      ? 
_refine.ls_wR_factor_all                         ? 
_refine.ls_wR_factor_obs                         ? 
_refine.ls_wR_factor_R_free                      ? 
_refine.ls_wR_factor_R_work                      ? 
_refine.occupancy_max                            ? 
_refine.occupancy_min                            ? 
_refine.solvent_model_details                    ? 
_refine.solvent_model_param_bsol                 ? 
_refine.solvent_model_param_ksol                 ? 
_refine.ls_R_factor_gt                           ? 
_refine.ls_goodness_of_fit_gt                    ? 
_refine.ls_goodness_of_fit_ref                   ? 
_refine.ls_shift_over_su_max                     ? 
_refine.ls_shift_over_su_max_lt                  ? 
_refine.ls_shift_over_su_mean                    ? 
_refine.ls_shift_over_su_mean_lt                 ? 
_refine.pdbx_ls_sigma_I                          ? 
_refine.pdbx_ls_sigma_F                          1.36 
_refine.pdbx_ls_sigma_Fsqd                       ? 
_refine.pdbx_data_cutoff_high_absF               ? 
_refine.pdbx_data_cutoff_high_rms_absF           ? 
_refine.pdbx_data_cutoff_low_absF                ? 
_refine.pdbx_isotropic_thermal_model             ? 
_refine.pdbx_ls_cross_valid_method               THROUGHOUT 
_refine.pdbx_method_to_determine_struct          'MOLECULAR REPLACEMENT' 
_refine.pdbx_starting_model                      ? 
_refine.pdbx_stereochemistry_target_values       ? 
_refine.pdbx_R_Free_selection_details            RANDOM 
_refine.pdbx_stereochem_target_val_spec_case     ? 
_refine.pdbx_overall_ESU_R                       ? 
_refine.pdbx_overall_ESU_R_Free                  ? 
_refine.pdbx_solvent_vdw_probe_radii             1.11 
_refine.pdbx_solvent_ion_probe_radii             ? 
_refine.pdbx_solvent_shrinkage_radii             0.90 
_refine.pdbx_real_space_R                        ? 
_refine.pdbx_density_correlation                 ? 
_refine.pdbx_pd_number_of_powder_patterns        ? 
_refine.pdbx_pd_number_of_points                 ? 
_refine.pdbx_pd_meas_number_of_points            ? 
_refine.pdbx_pd_proc_ls_prof_R_factor            ? 
_refine.pdbx_pd_proc_ls_prof_wR_factor           ? 
_refine.pdbx_pd_Marquardt_correlation_coeff      ? 
_refine.pdbx_pd_Fsqrd_R_factor                   ? 
_refine.pdbx_pd_ls_matrix_band_width             ? 
_refine.pdbx_overall_phase_error                 24.73 
_refine.pdbx_overall_SU_R_free_Cruickshank_DPI   ? 
_refine.pdbx_overall_SU_R_free_Blow_DPI          ? 
_refine.pdbx_overall_SU_R_Blow_DPI               ? 
_refine.pdbx_TLS_residual_ADP_flag               ? 
_refine.pdbx_diffrn_id                           1 
_refine.overall_SU_B                             ? 
_refine.overall_SU_ML                            0.40 
_refine.overall_SU_R_Cruickshank_DPI             ? 
_refine.overall_SU_R_free                        ? 
_refine.overall_FOM_free_R_set                   ? 
_refine.overall_FOM_work_R_set                   ? 
_refine.pdbx_average_fsc_overall                 ? 
_refine.pdbx_average_fsc_work                    ? 
_refine.pdbx_average_fsc_free                    ? 
# 
_refine_hist.pdbx_refine_id                   'X-RAY DIFFRACTION' 
_refine_hist.cycle_id                         LAST 
_refine_hist.pdbx_number_atoms_protein        573 
_refine_hist.pdbx_number_atoms_nucleic_acid   0 
_refine_hist.pdbx_number_atoms_ligand         46 
_refine_hist.number_atoms_solvent             10 
_refine_hist.number_atoms_total               629 
_refine_hist.d_res_high                       2.209 
_refine_hist.d_res_low                        29.558 
# 
loop_
_refine_ls_restr.pdbx_refine_id 
_refine_ls_restr.criterion 
_refine_ls_restr.dev_ideal 
_refine_ls_restr.dev_ideal_target 
_refine_ls_restr.number 
_refine_ls_restr.rejects 
_refine_ls_restr.type 
_refine_ls_restr.weight 
_refine_ls_restr.pdbx_restraint_function 
'X-RAY DIFFRACTION' ? 0.003  ? 632 ? f_bond_d           ? ? 
'X-RAY DIFFRACTION' ? 0.740  ? 829 ? f_angle_d          ? ? 
'X-RAY DIFFRACTION' ? 16.824 ? 405 ? f_dihedral_angle_d ? ? 
'X-RAY DIFFRACTION' ? 0.036  ? 84  ? f_chiral_restr     ? ? 
'X-RAY DIFFRACTION' ? 0.003  ? 96  ? f_plane_restr      ? ? 
# 
loop_
_refine_ls_shell.pdbx_refine_id 
_refine_ls_shell.d_res_high 
_refine_ls_shell.d_res_low 
_refine_ls_shell.number_reflns_all 
_refine_ls_shell.number_reflns_obs 
_refine_ls_shell.number_reflns_R_free 
_refine_ls_shell.number_reflns_R_work 
_refine_ls_shell.percent_reflns_obs 
_refine_ls_shell.percent_reflns_R_free 
_refine_ls_shell.R_factor_all 
_refine_ls_shell.R_factor_obs 
_refine_ls_shell.R_factor_R_free 
_refine_ls_shell.R_factor_R_free_error 
_refine_ls_shell.R_factor_R_work 
_refine_ls_shell.redundancy_reflns_all 
_refine_ls_shell.redundancy_reflns_obs 
_refine_ls_shell.wR_factor_all 
_refine_ls_shell.wR_factor_obs 
_refine_ls_shell.wR_factor_R_free 
_refine_ls_shell.wR_factor_R_work 
_refine_ls_shell.pdbx_total_number_of_bins_used 
_refine_ls_shell.pdbx_phase_error 
_refine_ls_shell.pdbx_fsc_work 
_refine_ls_shell.pdbx_fsc_free 
'X-RAY DIFFRACTION' 2.2089 2.7826  . . 108 2042 97.00 . . . 0.3711 . 0.3264 . . . . . . . . . . 
'X-RAY DIFFRACTION' 2.7826 29.5605 . . 115 2168 99.00 . . . 0.2574 . 0.2392 . . . . . . . . . . 
# 
_struct.entry_id                     5NNT 
_struct.title                        'The dimeric structure of LL-37 crystallized in DPC' 
_struct.pdbx_model_details           ? 
_struct.pdbx_formula_weight          ? 
_struct.pdbx_formula_weight_method   ? 
_struct.pdbx_model_type_details      ? 
_struct.pdbx_CASP_flag               N 
# 
_struct_keywords.entry_id        5NNT 
_struct_keywords.text            'AMP, LL-37, LDAO, peptide-detergent complex, antimicrobial peptide, antimicrobial protein' 
_struct_keywords.pdbx_keywords   'ANTIMICROBIAL PROTEIN' 
# 
loop_
_struct_asym.id 
_struct_asym.pdbx_blank_PDB_chainid_flag 
_struct_asym.pdbx_modified 
_struct_asym.entity_id 
_struct_asym.details 
A N N 1 ? 
B N N 1 ? 
C N N 2 ? 
D N N 2 ? 
E N N 3 ? 
F N N 3 ? 
# 
_struct_ref.id                         1 
_struct_ref.db_name                    UNP 
_struct_ref.db_code                    CAMP_HUMAN 
_struct_ref.pdbx_db_accession          P49913 
_struct_ref.pdbx_db_isoform            ? 
_struct_ref.entity_id                  1 
_struct_ref.pdbx_seq_one_letter_code   LLGDFFRKSKEKIGKEFKRIVQRIKDFLRNLVPRTES 
_struct_ref.pdbx_align_begin           134 
# 
loop_
_struct_ref_seq.align_id 
_struct_ref_seq.ref_id 
_struct_ref_seq.pdbx_PDB_id_code 
_struct_ref_seq.pdbx_strand_id 
_struct_ref_seq.seq_align_beg 
_struct_ref_seq.pdbx_seq_align_beg_ins_code 
_struct_ref_seq.seq_align_end 
_struct_ref_seq.pdbx_seq_align_end_ins_code 
_struct_ref_seq.pdbx_db_accession 
_struct_ref_seq.db_align_beg 
_struct_ref_seq.pdbx_db_align_beg_ins_code 
_struct_ref_seq.db_align_end 
_struct_ref_seq.pdbx_db_align_end_ins_code 
_struct_ref_seq.pdbx_auth_seq_align_beg 
_struct_ref_seq.pdbx_auth_seq_align_end 
1 1 5NNT A 1 ? 37 ? P49913 134 ? 170 ? 1 37 
2 1 5NNT B 1 ? 37 ? P49913 134 ? 170 ? 1 37 
# 
_pdbx_struct_assembly.id                   1 
_pdbx_struct_assembly.details              author_and_software_defined_assembly 
_pdbx_struct_assembly.method_details       PISA 
_pdbx_struct_assembly.oligomeric_details   dimeric 
_pdbx_struct_assembly.oligomeric_count     2 
# 
loop_
_pdbx_struct_assembly_prop.biol_id 
_pdbx_struct_assembly_prop.type 
_pdbx_struct_assembly_prop.value 
_pdbx_struct_assembly_prop.details 
1 'ABSA (A^2)' 1560 ? 
1 MORE         -13  ? 
1 'SSA (A^2)'  6580 ? 
# 
_pdbx_struct_assembly_gen.assembly_id       1 
_pdbx_struct_assembly_gen.oper_expression   1 
_pdbx_struct_assembly_gen.asym_id_list      A,B,C,D,E,F 
# 
_pdbx_struct_assembly_auth_evidence.id                     1 
_pdbx_struct_assembly_auth_evidence.assembly_id            1 
_pdbx_struct_assembly_auth_evidence.experimental_support   cross-linking 
_pdbx_struct_assembly_auth_evidence.details                dimer 
# 
_pdbx_struct_oper_list.id                   1 
_pdbx_struct_oper_list.type                 'identity operation' 
_pdbx_struct_oper_list.name                 1_555 
_pdbx_struct_oper_list.symmetry_operation   x,y,z 
_pdbx_struct_oper_list.matrix[1][1]         1.0000000000 
_pdbx_struct_oper_list.matrix[1][2]         0.0000000000 
_pdbx_struct_oper_list.matrix[1][3]         0.0000000000 
_pdbx_struct_oper_list.vector[1]            0.0000000000 
_pdbx_struct_oper_list.matrix[2][1]         0.0000000000 
_pdbx_struct_oper_list.matrix[2][2]         1.0000000000 
_pdbx_struct_oper_list.matrix[2][3]         0.0000000000 
_pdbx_struct_oper_list.vector[2]            0.0000000000 
_pdbx_struct_oper_list.matrix[3][1]         0.0000000000 
_pdbx_struct_oper_list.matrix[3][2]         0.0000000000 
_pdbx_struct_oper_list.matrix[3][3]         1.0000000000 
_pdbx_struct_oper_list.vector[3]            0.0000000000 
# 
loop_
_struct_conf.conf_type_id 
_struct_conf.id 
_struct_conf.pdbx_PDB_helix_id 
_struct_conf.beg_label_comp_id 
_struct_conf.beg_label_asym_id 
_struct_conf.beg_label_seq_id 
_struct_conf.pdbx_beg_PDB_ins_code 
_struct_conf.end_label_comp_id 
_struct_conf.end_label_asym_id 
_struct_conf.end_label_seq_id 
_struct_conf.pdbx_end_PDB_ins_code 
_struct_conf.beg_auth_comp_id 
_struct_conf.beg_auth_asym_id 
_struct_conf.beg_auth_seq_id 
_struct_conf.end_auth_comp_id 
_struct_conf.end_auth_asym_id 
_struct_conf.end_auth_seq_id 
_struct_conf.pdbx_PDB_helix_class 
_struct_conf.details 
_struct_conf.pdbx_PDB_helix_length 
HELX_P HELX_P1 AA1 PHE A 6 ? VAL A 32 ? PHE A 6 VAL A 32 1 ? 27 
HELX_P HELX_P2 AA2 PHE B 6 ? VAL B 32 ? PHE B 6 VAL B 32 1 ? 27 
# 
_struct_conf_type.id          HELX_P 
_struct_conf_type.criteria    ? 
_struct_conf_type.reference   ? 
# 
loop_
_struct_site.id 
_struct_site.pdbx_evidence_code 
_struct_site.pdbx_auth_asym_id 
_struct_site.pdbx_auth_comp_id 
_struct_site.pdbx_auth_seq_id 
_struct_site.pdbx_auth_ins_code 
_struct_site.pdbx_num_residues 
_struct_site.details 
AC1 Software A DPV 101 ? 4 'binding site for residue DPV A 101' 
AC2 Software B DPV 101 ? 5 'binding site for residue DPV B 101' 
# 
loop_
_struct_site_gen.id 
_struct_site_gen.site_id 
_struct_site_gen.pdbx_num_res 
_struct_site_gen.label_comp_id 
_struct_site_gen.label_asym_id 
_struct_site_gen.label_seq_id 
_struct_site_gen.pdbx_auth_ins_code 
_struct_site_gen.auth_comp_id 
_struct_site_gen.auth_asym_id 
_struct_site_gen.auth_seq_id 
_struct_site_gen.label_atom_id 
_struct_site_gen.label_alt_id 
_struct_site_gen.symmetry 
_struct_site_gen.details 
1 AC1 4 PHE A 5  ? PHE A 5   . ? 1_555 ? 
2 AC1 4 PHE A 6  ? PHE A 6   . ? 1_555 ? 
3 AC1 4 GLU B 11 ? GLU B 11  . ? 4_455 ? 
4 AC1 4 LYS B 15 ? LYS B 15  . ? 4_455 ? 
5 AC2 5 GLN A 22 ? GLN A 22  . ? 4_545 ? 
6 AC2 5 PHE B 5  ? PHE B 5   . ? 1_555 ? 
7 AC2 5 PHE B 6  ? PHE B 6   . ? 1_555 ? 
8 AC2 5 ASN B 30 ? ASN B 30  . ? 1_545 ? 
9 AC2 5 HOH F .  ? HOH B 202 . ? 1_555 ? 
# 
_pdbx_validate_torsion.id              1 
_pdbx_validate_torsion.PDB_model_num   1 
_pdbx_validate_torsion.auth_comp_id    LEU 
_pdbx_validate_torsion.auth_asym_id    A 
_pdbx_validate_torsion.auth_seq_id     2 
_pdbx_validate_torsion.PDB_ins_code    ? 
_pdbx_validate_torsion.label_alt_id    ? 
_pdbx_validate_torsion.phi             -143.74 
_pdbx_validate_torsion.psi             46.16 
# 
loop_
_pdbx_refine_tls.pdbx_refine_id 
_pdbx_refine_tls.id 
_pdbx_refine_tls.details 
_pdbx_refine_tls.method 
_pdbx_refine_tls.origin_x 
_pdbx_refine_tls.origin_y 
_pdbx_refine_tls.origin_z 
_pdbx_refine_tls.T[1][1] 
_pdbx_refine_tls.T[2][2] 
_pdbx_refine_tls.T[3][3] 
_pdbx_refine_tls.T[1][2] 
_pdbx_refine_tls.T[1][3] 
_pdbx_refine_tls.T[2][3] 
_pdbx_refine_tls.L[1][1] 
_pdbx_refine_tls.L[2][2] 
_pdbx_refine_tls.L[3][3] 
_pdbx_refine_tls.L[1][2] 
_pdbx_refine_tls.L[1][3] 
_pdbx_refine_tls.L[2][3] 
_pdbx_refine_tls.S[1][1] 
_pdbx_refine_tls.S[1][2] 
_pdbx_refine_tls.S[1][3] 
_pdbx_refine_tls.S[2][1] 
_pdbx_refine_tls.S[2][2] 
_pdbx_refine_tls.S[2][3] 
_pdbx_refine_tls.S[3][1] 
_pdbx_refine_tls.S[3][2] 
_pdbx_refine_tls.S[3][3] 
'X-RAY DIFFRACTION' 1 ? refined -11.2536 -4.3578 -6.7181 0.1230 0.5909 0.4023 0.0617  -0.1665 -0.0790 5.4704 5.9707 6.2333 3.0327 0.7423  0.8028  -0.0950 0.4546  -0.0506 -0.0777 -0.1106 -0.3013 -0.0053 0.4651  0.0760  
'X-RAY DIFFRACTION' 2 ? refined 6.6527   7.5514  -3.5720 0.0706 0.2377 0.9234 -0.1238 0.0111  -0.1387 3.7995 0.6471 1.0386 1.1996 -1.0358 -0.2797 -0.0825 0.0846  0.3525  -0.0109 0.0155  0.2786  -0.0680 0.0284  -0.0135 
'X-RAY DIFFRACTION' 3 ? refined 12.2825  1.7515  5.8374  0.3302 0.7134 0.6676 -0.1650 -0.0995 -0.0117 6.2965 4.2377 2.3760 0.2078 -0.5305 -2.7106 0.1196  0.0172  -0.9401 -0.1239 0.0712  -0.3399 0.3755  -0.1501 -0.2699 
'X-RAY DIFFRACTION' 4 ? refined -7.9316  -6.9333 4.7089  0.2299 0.3077 0.3530 -0.0285 -0.0596 0.0212  3.8436 7.0933 1.9732 3.4281 1.0444  2.0654  0.1671  -0.8272 0.3838  0.6232  -0.4198 0.4038  0.0181  -0.1330 0.2067 
# 
loop_
_pdbx_refine_tls_group.pdbx_refine_id 
_pdbx_refine_tls_group.id 
_pdbx_refine_tls_group.refine_tls_id 
_pdbx_refine_tls_group.beg_auth_asym_id 
_pdbx_refine_tls_group.beg_auth_seq_id 
_pdbx_refine_tls_group.beg_label_asym_id 
_pdbx_refine_tls_group.beg_label_seq_id 
_pdbx_refine_tls_group.end_auth_asym_id 
_pdbx_refine_tls_group.end_auth_seq_id 
_pdbx_refine_tls_group.end_label_asym_id 
_pdbx_refine_tls_group.end_label_seq_id 
_pdbx_refine_tls_group.selection 
_pdbx_refine_tls_group.selection_details 
'X-RAY DIFFRACTION' 1 1 ? ? ? ? ? ? ? ? ? 
;chain 'A' and (resid 1 through 6 )
;
'X-RAY DIFFRACTION' 2 2 ? ? ? ? ? ? ? ? ? 
;chain 'A' and (resid 7 through 34 )
;
'X-RAY DIFFRACTION' 3 3 ? ? ? ? ? ? ? ? ? 
;chain 'B' and (resid 1 through 6 )
;
'X-RAY DIFFRACTION' 4 4 ? ? ? ? ? ? ? ? ? 
;chain 'B' and (resid 7 through 33 )
;
# 
loop_
_pdbx_unobs_or_zero_occ_residues.id 
_pdbx_unobs_or_zero_occ_residues.PDB_model_num 
_pdbx_unobs_or_zero_occ_residues.polymer_flag 
_pdbx_unobs_or_zero_occ_residues.occupancy_flag 
_pdbx_unobs_or_zero_occ_residues.auth_asym_id 
_pdbx_unobs_or_zero_occ_residues.auth_comp_id 
_pdbx_unobs_or_zero_occ_residues.auth_seq_id 
_pdbx_unobs_or_zero_occ_residues.PDB_ins_code 
_pdbx_unobs_or_zero_occ_residues.label_asym_id 
_pdbx_unobs_or_zero_occ_residues.label_comp_id 
_pdbx_unobs_or_zero_occ_residues.label_seq_id 
1 1 Y 1 A THR 35 ? A THR 35 
2 1 Y 1 A GLU 36 ? A GLU 36 
3 1 Y 1 A SER 37 ? A SER 37 
4 1 Y 1 B ARG 34 ? B ARG 34 
5 1 Y 1 B THR 35 ? B THR 35 
6 1 Y 1 B GLU 36 ? B GLU 36 
7 1 Y 1 B SER 37 ? B SER 37 
# 
loop_
_chem_comp_atom.comp_id 
_chem_comp_atom.atom_id 
_chem_comp_atom.type_symbol 
_chem_comp_atom.pdbx_aromatic_flag 
_chem_comp_atom.pdbx_stereo_config 
_chem_comp_atom.pdbx_ordinal 
ARG N    N N N 1   
ARG CA   C N S 2   
ARG C    C N N 3   
ARG O    O N N 4   
ARG CB   C N N 5   
ARG CG   C N N 6   
ARG CD   C N N 7   
ARG NE   N N N 8   
ARG CZ   C N N 9   
ARG NH1  N N N 10  
ARG NH2  N N N 11  
ARG OXT  O N N 12  
ARG H    H N N 13  
ARG H2   H N N 14  
ARG HA   H N N 15  
ARG HB2  H N N 16  
ARG HB3  H N N 17  
ARG HG2  H N N 18  
ARG HG3  H N N 19  
ARG HD2  H N N 20  
ARG HD3  H N N 21  
ARG HE   H N N 22  
ARG HH11 H N N 23  
ARG HH12 H N N 24  
ARG HH21 H N N 25  
ARG HH22 H N N 26  
ARG HXT  H N N 27  
ASN N    N N N 28  
ASN CA   C N S 29  
ASN C    C N N 30  
ASN O    O N N 31  
ASN CB   C N N 32  
ASN CG   C N N 33  
ASN OD1  O N N 34  
ASN ND2  N N N 35  
ASN OXT  O N N 36  
ASN H    H N N 37  
ASN H2   H N N 38  
ASN HA   H N N 39  
ASN HB2  H N N 40  
ASN HB3  H N N 41  
ASN HD21 H N N 42  
ASN HD22 H N N 43  
ASN HXT  H N N 44  
ASP N    N N N 45  
ASP CA   C N S 46  
ASP C    C N N 47  
ASP O    O N N 48  
ASP CB   C N N 49  
ASP CG   C N N 50  
ASP OD1  O N N 51  
ASP OD2  O N N 52  
ASP OXT  O N N 53  
ASP H    H N N 54  
ASP H2   H N N 55  
ASP HA   H N N 56  
ASP HB2  H N N 57  
ASP HB3  H N N 58  
ASP HD2  H N N 59  
ASP HXT  H N N 60  
DPV N    N N N 61  
DPV P    P N N 62  
DPV C1   C N N 63  
DPV C2   C N N 64  
DPV C3   C N N 65  
DPV C4   C N N 66  
DPV C5   C N N 67  
DPV C6   C N N 68  
DPV C7   C N N 69  
DPV C8   C N N 70  
DPV C15  C N N 71  
DPV C16  C N N 72  
DPV C17  C N N 73  
DPV C18  C N N 74  
DPV C19  C N N 75  
DPV O1P  O N N 76  
DPV C20  C N N 77  
DPV C21  C N N 78  
DPV C22  C N N 79  
DPV C23  C N N 80  
DPV O2P  O N N 81  
DPV O3P  O N N 82  
DPV O4P  O N N 83  
DPV H1   H N N 84  
DPV H1A  H N N 85  
DPV H2   H N N 86  
DPV H2A  H N N 87  
DPV H3   H N N 88  
DPV H3A  H N N 89  
DPV H4   H N N 90  
DPV H4A  H N N 91  
DPV H5   H N N 92  
DPV H5A  H N N 93  
DPV H6   H N N 94  
DPV H6A  H N N 95  
DPV H6B  H N N 96  
DPV H7   H N N 97  
DPV H7A  H N N 98  
DPV H7B  H N N 99  
DPV H8   H N N 100 
DPV H8A  H N N 101 
DPV H8B  H N N 102 
DPV H15  H N N 103 
DPV H15A H N N 104 
DPV H16  H N N 105 
DPV H16A H N N 106 
DPV H17  H N N 107 
DPV H17A H N N 108 
DPV H18  H N N 109 
DPV H18A H N N 110 
DPV H19  H N N 111 
DPV H19A H N N 112 
DPV H20  H N N 113 
DPV H20A H N N 114 
DPV H21  H N N 115 
DPV H21A H N N 116 
DPV H22  H N N 117 
DPV H22A H N N 118 
DPV H23  H N N 119 
DPV H23A H N N 120 
DPV H23B H N N 121 
GLN N    N N N 122 
GLN CA   C N S 123 
GLN C    C N N 124 
GLN O    O N N 125 
GLN CB   C N N 126 
GLN CG   C N N 127 
GLN CD   C N N 128 
GLN OE1  O N N 129 
GLN NE2  N N N 130 
GLN OXT  O N N 131 
GLN H    H N N 132 
GLN H2   H N N 133 
GLN HA   H N N 134 
GLN HB2  H N N 135 
GLN HB3  H N N 136 
GLN HG2  H N N 137 
GLN HG3  H N N 138 
GLN HE21 H N N 139 
GLN HE22 H N N 140 
GLN HXT  H N N 141 
GLU N    N N N 142 
GLU CA   C N S 143 
GLU C    C N N 144 
GLU O    O N N 145 
GLU CB   C N N 146 
GLU CG   C N N 147 
GLU CD   C N N 148 
GLU OE1  O N N 149 
GLU OE2  O N N 150 
GLU OXT  O N N 151 
GLU H    H N N 152 
GLU H2   H N N 153 
GLU HA   H N N 154 
GLU HB2  H N N 155 
GLU HB3  H N N 156 
GLU HG2  H N N 157 
GLU HG3  H N N 158 
GLU HE2  H N N 159 
GLU HXT  H N N 160 
GLY N    N N N 161 
GLY CA   C N N 162 
GLY C    C N N 163 
GLY O    O N N 164 
GLY OXT  O N N 165 
GLY H    H N N 166 
GLY H2   H N N 167 
GLY HA2  H N N 168 
GLY HA3  H N N 169 
GLY HXT  H N N 170 
HOH O    O N N 171 
HOH H1   H N N 172 
HOH H2   H N N 173 
ILE N    N N N 174 
ILE CA   C N S 175 
ILE C    C N N 176 
ILE O    O N N 177 
ILE CB   C N S 178 
ILE CG1  C N N 179 
ILE CG2  C N N 180 
ILE CD1  C N N 181 
ILE OXT  O N N 182 
ILE H    H N N 183 
ILE H2   H N N 184 
ILE HA   H N N 185 
ILE HB   H N N 186 
ILE HG12 H N N 187 
ILE HG13 H N N 188 
ILE HG21 H N N 189 
ILE HG22 H N N 190 
ILE HG23 H N N 191 
ILE HD11 H N N 192 
ILE HD12 H N N 193 
ILE HD13 H N N 194 
ILE HXT  H N N 195 
LEU N    N N N 196 
LEU CA   C N S 197 
LEU C    C N N 198 
LEU O    O N N 199 
LEU CB   C N N 200 
LEU CG   C N N 201 
LEU CD1  C N N 202 
LEU CD2  C N N 203 
LEU OXT  O N N 204 
LEU H    H N N 205 
LEU H2   H N N 206 
LEU HA   H N N 207 
LEU HB2  H N N 208 
LEU HB3  H N N 209 
LEU HG   H N N 210 
LEU HD11 H N N 211 
LEU HD12 H N N 212 
LEU HD13 H N N 213 
LEU HD21 H N N 214 
LEU HD22 H N N 215 
LEU HD23 H N N 216 
LEU HXT  H N N 217 
LYS N    N N N 218 
LYS CA   C N S 219 
LYS C    C N N 220 
LYS O    O N N 221 
LYS CB   C N N 222 
LYS CG   C N N 223 
LYS CD   C N N 224 
LYS CE   C N N 225 
LYS NZ   N N N 226 
LYS OXT  O N N 227 
LYS H    H N N 228 
LYS H2   H N N 229 
LYS HA   H N N 230 
LYS HB2  H N N 231 
LYS HB3  H N N 232 
LYS HG2  H N N 233 
LYS HG3  H N N 234 
LYS HD2  H N N 235 
LYS HD3  H N N 236 
LYS HE2  H N N 237 
LYS HE3  H N N 238 
LYS HZ1  H N N 239 
LYS HZ2  H N N 240 
LYS HZ3  H N N 241 
LYS HXT  H N N 242 
PHE N    N N N 243 
PHE CA   C N S 244 
PHE C    C N N 245 
PHE O    O N N 246 
PHE CB   C N N 247 
PHE CG   C Y N 248 
PHE CD1  C Y N 249 
PHE CD2  C Y N 250 
PHE CE1  C Y N 251 
PHE CE2  C Y N 252 
PHE CZ   C Y N 253 
PHE OXT  O N N 254 
PHE H    H N N 255 
PHE H2   H N N 256 
PHE HA   H N N 257 
PHE HB2  H N N 258 
PHE HB3  H N N 259 
PHE HD1  H N N 260 
PHE HD2  H N N 261 
PHE HE1  H N N 262 
PHE HE2  H N N 263 
PHE HZ   H N N 264 
PHE HXT  H N N 265 
PRO N    N N N 266 
PRO CA   C N S 267 
PRO C    C N N 268 
PRO O    O N N 269 
PRO CB   C N N 270 
PRO CG   C N N 271 
PRO CD   C N N 272 
PRO OXT  O N N 273 
PRO H    H N N 274 
PRO HA   H N N 275 
PRO HB2  H N N 276 
PRO HB3  H N N 277 
PRO HG2  H N N 278 
PRO HG3  H N N 279 
PRO HD2  H N N 280 
PRO HD3  H N N 281 
PRO HXT  H N N 282 
SER N    N N N 283 
SER CA   C N S 284 
SER C    C N N 285 
SER O    O N N 286 
SER CB   C N N 287 
SER OG   O N N 288 
SER OXT  O N N 289 
SER H    H N N 290 
SER H2   H N N 291 
SER HA   H N N 292 
SER HB2  H N N 293 
SER HB3  H N N 294 
SER HG   H N N 295 
SER HXT  H N N 296 
THR N    N N N 297 
THR CA   C N S 298 
THR C    C N N 299 
THR O    O N N 300 
THR CB   C N R 301 
THR OG1  O N N 302 
THR CG2  C N N 303 
THR OXT  O N N 304 
THR H    H N N 305 
THR H2   H N N 306 
THR HA   H N N 307 
THR HB   H N N 308 
THR HG1  H N N 309 
THR HG21 H N N 310 
THR HG22 H N N 311 
THR HG23 H N N 312 
THR HXT  H N N 313 
VAL N    N N N 314 
VAL CA   C N S 315 
VAL C    C N N 316 
VAL O    O N N 317 
VAL CB   C N N 318 
VAL CG1  C N N 319 
VAL CG2  C N N 320 
VAL OXT  O N N 321 
VAL H    H N N 322 
VAL H2   H N N 323 
VAL HA   H N N 324 
VAL HB   H N N 325 
VAL HG11 H N N 326 
VAL HG12 H N N 327 
VAL HG13 H N N 328 
VAL HG21 H N N 329 
VAL HG22 H N N 330 
VAL HG23 H N N 331 
VAL HXT  H N N 332 
# 
loop_
_chem_comp_bond.comp_id 
_chem_comp_bond.atom_id_1 
_chem_comp_bond.atom_id_2 
_chem_comp_bond.value_order 
_chem_comp_bond.pdbx_aromatic_flag 
_chem_comp_bond.pdbx_stereo_config 
_chem_comp_bond.pdbx_ordinal 
ARG N   CA   sing N N 1   
ARG N   H    sing N N 2   
ARG N   H2   sing N N 3   
ARG CA  C    sing N N 4   
ARG CA  CB   sing N N 5   
ARG CA  HA   sing N N 6   
ARG C   O    doub N N 7   
ARG C   OXT  sing N N 8   
ARG CB  CG   sing N N 9   
ARG CB  HB2  sing N N 10  
ARG CB  HB3  sing N N 11  
ARG CG  CD   sing N N 12  
ARG CG  HG2  sing N N 13  
ARG CG  HG3  sing N N 14  
ARG CD  NE   sing N N 15  
ARG CD  HD2  sing N N 16  
ARG CD  HD3  sing N N 17  
ARG NE  CZ   sing N N 18  
ARG NE  HE   sing N N 19  
ARG CZ  NH1  sing N N 20  
ARG CZ  NH2  doub N N 21  
ARG NH1 HH11 sing N N 22  
ARG NH1 HH12 sing N N 23  
ARG NH2 HH21 sing N N 24  
ARG NH2 HH22 sing N N 25  
ARG OXT HXT  sing N N 26  
ASN N   CA   sing N N 27  
ASN N   H    sing N N 28  
ASN N   H2   sing N N 29  
ASN CA  C    sing N N 30  
ASN CA  CB   sing N N 31  
ASN CA  HA   sing N N 32  
ASN C   O    doub N N 33  
ASN C   OXT  sing N N 34  
ASN CB  CG   sing N N 35  
ASN CB  HB2  sing N N 36  
ASN CB  HB3  sing N N 37  
ASN CG  OD1  doub N N 38  
ASN CG  ND2  sing N N 39  
ASN ND2 HD21 sing N N 40  
ASN ND2 HD22 sing N N 41  
ASN OXT HXT  sing N N 42  
ASP N   CA   sing N N 43  
ASP N   H    sing N N 44  
ASP N   H2   sing N N 45  
ASP CA  C    sing N N 46  
ASP CA  CB   sing N N 47  
ASP CA  HA   sing N N 48  
ASP C   O    doub N N 49  
ASP C   OXT  sing N N 50  
ASP CB  CG   sing N N 51  
ASP CB  HB2  sing N N 52  
ASP CB  HB3  sing N N 53  
ASP CG  OD1  doub N N 54  
ASP CG  OD2  sing N N 55  
ASP OD2 HD2  sing N N 56  
ASP OXT HXT  sing N N 57  
DPV N   C5   sing N N 58  
DPV N   C6   sing N N 59  
DPV N   C7   sing N N 60  
DPV N   C8   sing N N 61  
DPV P   O1P  sing N N 62  
DPV P   O2P  doub N N 63  
DPV P   O3P  sing N N 64  
DPV P   O4P  sing N N 65  
DPV C1  C2   sing N N 66  
DPV C1  O3P  sing N N 67  
DPV C2  C3   sing N N 68  
DPV C3  C15  sing N N 69  
DPV C4  C5   sing N N 70  
DPV C4  O4P  sing N N 71  
DPV C15 C16  sing N N 72  
DPV C16 C17  sing N N 73  
DPV C17 C18  sing N N 74  
DPV C18 C19  sing N N 75  
DPV C19 C20  sing N N 76  
DPV C20 C21  sing N N 77  
DPV C21 C22  sing N N 78  
DPV C22 C23  sing N N 79  
DPV C1  H1   sing N N 80  
DPV C1  H1A  sing N N 81  
DPV C2  H2   sing N N 82  
DPV C2  H2A  sing N N 83  
DPV C3  H3   sing N N 84  
DPV C3  H3A  sing N N 85  
DPV C4  H4   sing N N 86  
DPV C4  H4A  sing N N 87  
DPV C5  H5   sing N N 88  
DPV C5  H5A  sing N N 89  
DPV C6  H6   sing N N 90  
DPV C6  H6A  sing N N 91  
DPV C6  H6B  sing N N 92  
DPV C7  H7   sing N N 93  
DPV C7  H7A  sing N N 94  
DPV C7  H7B  sing N N 95  
DPV C8  H8   sing N N 96  
DPV C8  H8A  sing N N 97  
DPV C8  H8B  sing N N 98  
DPV C15 H15  sing N N 99  
DPV C15 H15A sing N N 100 
DPV C16 H16  sing N N 101 
DPV C16 H16A sing N N 102 
DPV C17 H17  sing N N 103 
DPV C17 H17A sing N N 104 
DPV C18 H18  sing N N 105 
DPV C18 H18A sing N N 106 
DPV C19 H19  sing N N 107 
DPV C19 H19A sing N N 108 
DPV C20 H20  sing N N 109 
DPV C20 H20A sing N N 110 
DPV C21 H21  sing N N 111 
DPV C21 H21A sing N N 112 
DPV C22 H22  sing N N 113 
DPV C22 H22A sing N N 114 
DPV C23 H23  sing N N 115 
DPV C23 H23A sing N N 116 
DPV C23 H23B sing N N 117 
GLN N   CA   sing N N 118 
GLN N   H    sing N N 119 
GLN N   H2   sing N N 120 
GLN CA  C    sing N N 121 
GLN CA  CB   sing N N 122 
GLN CA  HA   sing N N 123 
GLN C   O    doub N N 124 
GLN C   OXT  sing N N 125 
GLN CB  CG   sing N N 126 
GLN CB  HB2  sing N N 127 
GLN CB  HB3  sing N N 128 
GLN CG  CD   sing N N 129 
GLN CG  HG2  sing N N 130 
GLN CG  HG3  sing N N 131 
GLN CD  OE1  doub N N 132 
GLN CD  NE2  sing N N 133 
GLN NE2 HE21 sing N N 134 
GLN NE2 HE22 sing N N 135 
GLN OXT HXT  sing N N 136 
GLU N   CA   sing N N 137 
GLU N   H    sing N N 138 
GLU N   H2   sing N N 139 
GLU CA  C    sing N N 140 
GLU CA  CB   sing N N 141 
GLU CA  HA   sing N N 142 
GLU C   O    doub N N 143 
GLU C   OXT  sing N N 144 
GLU CB  CG   sing N N 145 
GLU CB  HB2  sing N N 146 
GLU CB  HB3  sing N N 147 
GLU CG  CD   sing N N 148 
GLU CG  HG2  sing N N 149 
GLU CG  HG3  sing N N 150 
GLU CD  OE1  doub N N 151 
GLU CD  OE2  sing N N 152 
GLU OE2 HE2  sing N N 153 
GLU OXT HXT  sing N N 154 
GLY N   CA   sing N N 155 
GLY N   H    sing N N 156 
GLY N   H2   sing N N 157 
GLY CA  C    sing N N 158 
GLY CA  HA2  sing N N 159 
GLY CA  HA3  sing N N 160 
GLY C   O    doub N N 161 
GLY C   OXT  sing N N 162 
GLY OXT HXT  sing N N 163 
HOH O   H1   sing N N 164 
HOH O   H2   sing N N 165 
ILE N   CA   sing N N 166 
ILE N   H    sing N N 167 
ILE N   H2   sing N N 168 
ILE CA  C    sing N N 169 
ILE CA  CB   sing N N 170 
ILE CA  HA   sing N N 171 
ILE C   O    doub N N 172 
ILE C   OXT  sing N N 173 
ILE CB  CG1  sing N N 174 
ILE CB  CG2  sing N N 175 
ILE CB  HB   sing N N 176 
ILE CG1 CD1  sing N N 177 
ILE CG1 HG12 sing N N 178 
ILE CG1 HG13 sing N N 179 
ILE CG2 HG21 sing N N 180 
ILE CG2 HG22 sing N N 181 
ILE CG2 HG23 sing N N 182 
ILE CD1 HD11 sing N N 183 
ILE CD1 HD12 sing N N 184 
ILE CD1 HD13 sing N N 185 
ILE OXT HXT  sing N N 186 
LEU N   CA   sing N N 187 
LEU N   H    sing N N 188 
LEU N   H2   sing N N 189 
LEU CA  C    sing N N 190 
LEU CA  CB   sing N N 191 
LEU CA  HA   sing N N 192 
LEU C   O    doub N N 193 
LEU C   OXT  sing N N 194 
LEU CB  CG   sing N N 195 
LEU CB  HB2  sing N N 196 
LEU CB  HB3  sing N N 197 
LEU CG  CD1  sing N N 198 
LEU CG  CD2  sing N N 199 
LEU CG  HG   sing N N 200 
LEU CD1 HD11 sing N N 201 
LEU CD1 HD12 sing N N 202 
LEU CD1 HD13 sing N N 203 
LEU CD2 HD21 sing N N 204 
LEU CD2 HD22 sing N N 205 
LEU CD2 HD23 sing N N 206 
LEU OXT HXT  sing N N 207 
LYS N   CA   sing N N 208 
LYS N   H    sing N N 209 
LYS N   H2   sing N N 210 
LYS CA  C    sing N N 211 
LYS CA  CB   sing N N 212 
LYS CA  HA   sing N N 213 
LYS C   O    doub N N 214 
LYS C   OXT  sing N N 215 
LYS CB  CG   sing N N 216 
LYS CB  HB2  sing N N 217 
LYS CB  HB3  sing N N 218 
LYS CG  CD   sing N N 219 
LYS CG  HG2  sing N N 220 
LYS CG  HG3  sing N N 221 
LYS CD  CE   sing N N 222 
LYS CD  HD2  sing N N 223 
LYS CD  HD3  sing N N 224 
LYS CE  NZ   sing N N 225 
LYS CE  HE2  sing N N 226 
LYS CE  HE3  sing N N 227 
LYS NZ  HZ1  sing N N 228 
LYS NZ  HZ2  sing N N 229 
LYS NZ  HZ3  sing N N 230 
LYS OXT HXT  sing N N 231 
PHE N   CA   sing N N 232 
PHE N   H    sing N N 233 
PHE N   H2   sing N N 234 
PHE CA  C    sing N N 235 
PHE CA  CB   sing N N 236 
PHE CA  HA   sing N N 237 
PHE C   O    doub N N 238 
PHE C   OXT  sing N N 239 
PHE CB  CG   sing N N 240 
PHE CB  HB2  sing N N 241 
PHE CB  HB3  sing N N 242 
PHE CG  CD1  doub Y N 243 
PHE CG  CD2  sing Y N 244 
PHE CD1 CE1  sing Y N 245 
PHE CD1 HD1  sing N N 246 
PHE CD2 CE2  doub Y N 247 
PHE CD2 HD2  sing N N 248 
PHE CE1 CZ   doub Y N 249 
PHE CE1 HE1  sing N N 250 
PHE CE2 CZ   sing Y N 251 
PHE CE2 HE2  sing N N 252 
PHE CZ  HZ   sing N N 253 
PHE OXT HXT  sing N N 254 
PRO N   CA   sing N N 255 
PRO N   CD   sing N N 256 
PRO N   H    sing N N 257 
PRO CA  C    sing N N 258 
PRO CA  CB   sing N N 259 
PRO CA  HA   sing N N 260 
PRO C   O    doub N N 261 
PRO C   OXT  sing N N 262 
PRO CB  CG   sing N N 263 
PRO CB  HB2  sing N N 264 
PRO CB  HB3  sing N N 265 
PRO CG  CD   sing N N 266 
PRO CG  HG2  sing N N 267 
PRO CG  HG3  sing N N 268 
PRO CD  HD2  sing N N 269 
PRO CD  HD3  sing N N 270 
PRO OXT HXT  sing N N 271 
SER N   CA   sing N N 272 
SER N   H    sing N N 273 
SER N   H2   sing N N 274 
SER CA  C    sing N N 275 
SER CA  CB   sing N N 276 
SER CA  HA   sing N N 277 
SER C   O    doub N N 278 
SER C   OXT  sing N N 279 
SER CB  OG   sing N N 280 
SER CB  HB2  sing N N 281 
SER CB  HB3  sing N N 282 
SER OG  HG   sing N N 283 
SER OXT HXT  sing N N 284 
THR N   CA   sing N N 285 
THR N   H    sing N N 286 
THR N   H2   sing N N 287 
THR CA  C    sing N N 288 
THR CA  CB   sing N N 289 
THR CA  HA   sing N N 290 
THR C   O    doub N N 291 
THR C   OXT  sing N N 292 
THR CB  OG1  sing N N 293 
THR CB  CG2  sing N N 294 
THR CB  HB   sing N N 295 
THR OG1 HG1  sing N N 296 
THR CG2 HG21 sing N N 297 
THR CG2 HG22 sing N N 298 
THR CG2 HG23 sing N N 299 
THR OXT HXT  sing N N 300 
VAL N   CA   sing N N 301 
VAL N   H    sing N N 302 
VAL N   H2   sing N N 303 
VAL CA  C    sing N N 304 
VAL CA  CB   sing N N 305 
VAL CA  HA   sing N N 306 
VAL C   O    doub N N 307 
VAL C   OXT  sing N N 308 
VAL CB  CG1  sing N N 309 
VAL CB  CG2  sing N N 310 
VAL CB  HB   sing N N 311 
VAL CG1 HG11 sing N N 312 
VAL CG1 HG12 sing N N 313 
VAL CG1 HG13 sing N N 314 
VAL CG2 HG21 sing N N 315 
VAL CG2 HG22 sing N N 316 
VAL CG2 HG23 sing N N 317 
VAL OXT HXT  sing N N 318 
# 
_atom_sites.entry_id                    5NNT 
_atom_sites.fract_transf_matrix[1][1]   -0.00029098 
_atom_sites.fract_transf_matrix[1][2]   -0.00897235 
_atom_sites.fract_transf_matrix[1][3]   0.02694598 
_atom_sites.fract_transf_matrix[2][1]   -0.02019695 
_atom_sites.fract_transf_matrix[2][2]   -0.01013689 
_atom_sites.fract_transf_matrix[2][3]   -0.00359344 
_atom_sites.fract_transf_matrix[3][1]   0.00863830 
_atom_sites.fract_transf_matrix[3][2]   -0.01542364 
_atom_sites.fract_transf_matrix[3][3]   -0.00504241 
_atom_sites.fract_transf_vector[1]      0.039254 
_atom_sites.fract_transf_vector[2]      0.057914 
_atom_sites.fract_transf_vector[3]      0.115292 
# 
loop_
_atom_type.symbol 
C 
H 
N 
O 
P 
# 
loop_
_atom_site.group_PDB 
_atom_site.id 
_atom_site.type_symbol 
_atom_site.label_atom_id 
_atom_site.label_alt_id 
_atom_site.label_comp_id 
_atom_site.label_asym_id 
_atom_site.label_entity_id 
_atom_site.label_seq_id 
_atom_site.pdbx_PDB_ins_code 
_atom_site.Cartn_x 
_atom_site.Cartn_y 
_atom_site.Cartn_z 
_atom_site.occupancy 
_atom_site.B_iso_or_equiv 
_atom_site.pdbx_formal_charge 
_atom_site.auth_seq_id 
_atom_site.auth_comp_id 
_atom_site.auth_asym_id 
_atom_site.auth_atom_id 
_atom_site.pdbx_PDB_model_num 
ATOM   1    N N    . LEU A 1 1  ? -6.744  -3.717  -9.832  1.00 67.50  ? 1   LEU A N    1 
ATOM   2    C CA   . LEU A 1 1  ? -6.004  -4.921  -9.350  1.00 69.28  ? 1   LEU A CA   1 
ATOM   3    C C    . LEU A 1 1  ? -6.910  -5.849  -8.542  1.00 61.94  ? 1   LEU A C    1 
ATOM   4    O O    . LEU A 1 1  ? -6.495  -6.925  -8.114  1.00 94.40  ? 1   LEU A O    1 
ATOM   5    C CB   . LEU A 1 1  ? -4.791  -4.497  -8.519  1.00 79.06  ? 1   LEU A CB   1 
ATOM   6    C CG   . LEU A 1 1  ? -3.883  -5.614  -8.003  1.00 76.85  ? 1   LEU A CG   1 
ATOM   7    C CD1  . LEU A 1 1  ? -3.440  -6.525  -9.129  1.00 72.36  ? 1   LEU A CD1  1 
ATOM   8    C CD2  . LEU A 1 1  ? -2.675  -5.016  -7.306  1.00 74.29  ? 1   LEU A CD2  1 
ATOM   9    H H1   . LEU A 1 1  ? -6.210  -3.228  -10.352 1.00 81.00  ? 1   LEU A H1   1 
ATOM   10   H H2   . LEU A 1 1  ? -7.457  -3.972  -10.298 1.00 81.00  ? 1   LEU A H2   1 
ATOM   11   H H3   . LEU A 1 1  ? -7.004  -3.229  -9.135  1.00 81.00  ? 1   LEU A H3   1 
ATOM   12   H HA   . LEU A 1 1  ? -5.681  -5.418  -10.117 1.00 83.13  ? 1   LEU A HA   1 
ATOM   13   H HB2  . LEU A 1 1  ? -4.243  -3.911  -9.065  1.00 94.88  ? 1   LEU A HB2  1 
ATOM   14   H HB3  . LEU A 1 1  ? -5.111  -4.006  -7.746  1.00 94.88  ? 1   LEU A HB3  1 
ATOM   15   H HG   . LEU A 1 1  ? -4.371  -6.147  -7.356  1.00 92.21  ? 1   LEU A HG   1 
ATOM   16   H HD11 . LEU A 1 1  ? -2.868  -7.220  -8.767  1.00 86.83  ? 1   LEU A HD11 1 
ATOM   17   H HD12 . LEU A 1 1  ? -4.225  -6.923  -9.540  1.00 86.83  ? 1   LEU A HD12 1 
ATOM   18   H HD13 . LEU A 1 1  ? -2.953  -6.002  -9.784  1.00 86.83  ? 1   LEU A HD13 1 
ATOM   19   H HD21 . LEU A 1 1  ? -2.109  -5.735  -6.983  1.00 89.15  ? 1   LEU A HD21 1 
ATOM   20   H HD22 . LEU A 1 1  ? -2.185  -4.468  -7.939  1.00 89.15  ? 1   LEU A HD22 1 
ATOM   21   H HD23 . LEU A 1 1  ? -2.977  -4.472  -6.561  1.00 89.15  ? 1   LEU A HD23 1 
ATOM   22   N N    . LEU A 1 2  ? -8.148  -5.411  -8.330  1.00 55.04  ? 2   LEU A N    1 
ATOM   23   C CA   . LEU A 1 2  ? -9.213  -6.235  -7.761  1.00 40.98  ? 2   LEU A CA   1 
ATOM   24   C C    . LEU A 1 2  ? -10.533 -5.872  -8.429  1.00 35.99  ? 2   LEU A C    1 
ATOM   25   O O    . LEU A 1 2  ? -11.563 -5.691  -7.778  1.00 43.34  ? 2   LEU A O    1 
ATOM   26   C CB   . LEU A 1 2  ? -9.298  -6.070  -6.244  1.00 54.17  ? 2   LEU A CB   1 
ATOM   27   C CG   . LEU A 1 2  ? -8.111  -6.582  -5.427  1.00 53.94  ? 2   LEU A CG   1 
ATOM   28   C CD1  . LEU A 1 2  ? -7.804  -5.693  -4.237  1.00 37.35  ? 2   LEU A CD1  1 
ATOM   29   C CD2  . LEU A 1 2  ? -8.430  -7.993  -4.957  1.00 70.53  ? 2   LEU A CD2  1 
ATOM   30   H H    . LEU A 1 2  ? -8.403  -4.611  -8.514  1.00 66.05  ? 2   LEU A H    1 
ATOM   31   H HA   . LEU A 1 2  ? -9.027  -7.168  -7.952  1.00 49.18  ? 2   LEU A HA   1 
ATOM   32   H HB2  . LEU A 1 2  ? -9.395  -5.125  -6.048  1.00 65.00  ? 2   LEU A HB2  1 
ATOM   33   H HB3  . LEU A 1 2  ? -10.085 -6.545  -5.932  1.00 65.00  ? 2   LEU A HB3  1 
ATOM   34   H HG   . LEU A 1 2  ? -7.323  -6.619  -5.991  1.00 64.72  ? 2   LEU A HG   1 
ATOM   35   H HD11 . LEU A 1 2  ? -7.046  -6.061  -3.755  1.00 44.81  ? 2   LEU A HD11 1 
ATOM   36   H HD12 . LEU A 1 2  ? -7.592  -4.802  -4.555  1.00 44.81  ? 2   LEU A HD12 1 
ATOM   37   H HD13 . LEU A 1 2  ? -8.581  -5.662  -3.657  1.00 44.81  ? 2   LEU A HD13 1 
ATOM   38   H HD21 . LEU A 1 2  ? -7.683  -8.329  -4.436  1.00 84.64  ? 2   LEU A HD21 1 
ATOM   39   H HD22 . LEU A 1 2  ? -9.231  -7.970  -4.409  1.00 84.64  ? 2   LEU A HD22 1 
ATOM   40   H HD23 . LEU A 1 2  ? -8.575  -8.558  -5.731  1.00 84.64  ? 2   LEU A HD23 1 
ATOM   41   N N    . GLY A 1 3  ? -10.508 -5.769  -9.754  1.00 32.56  ? 3   GLY A N    1 
ATOM   42   C CA   . GLY A 1 3  ? -11.668 -5.270  -10.470 1.00 32.26  ? 3   GLY A CA   1 
ATOM   43   C C    . GLY A 1 3  ? -12.060 -3.911  -9.934  1.00 51.06  ? 3   GLY A C    1 
ATOM   44   O O    . GLY A 1 3  ? -11.215 -3.029  -9.738  1.00 39.70  ? 3   GLY A O    1 
ATOM   45   H H    . GLY A 1 3  ? -9.840  -5.980  -10.254 1.00 39.07  ? 3   GLY A H    1 
ATOM   46   H HA2  . GLY A 1 3  ? -11.465 -5.189  -11.415 1.00 38.72  ? 3   GLY A HA2  1 
ATOM   47   H HA3  . GLY A 1 3  ? -12.414 -5.880  -10.359 1.00 38.72  ? 3   GLY A HA3  1 
ATOM   48   N N    . ASP A 1 4  ? -13.355 -3.725  -9.698  1.00 42.65  ? 4   ASP A N    1 
ATOM   49   C CA   . ASP A 1 4  ? -13.880 -2.456  -9.211  1.00 33.04  ? 4   ASP A CA   1 
ATOM   50   C C    . ASP A 1 4  ? -13.922 -2.375  -7.689  1.00 34.57  ? 4   ASP A C    1 
ATOM   51   O O    . ASP A 1 4  ? -14.366 -1.355  -7.152  1.00 34.60  ? 4   ASP A O    1 
ATOM   52   C CB   . ASP A 1 4  ? -15.287 -2.219  -9.771  1.00 40.35  ? 4   ASP A CB   1 
ATOM   53   C CG   . ASP A 1 4  ? -15.273 -1.731  -11.211 1.00 60.30  ? 4   ASP A CG   1 
ATOM   54   O OD1  . ASP A 1 4  ? -14.187 -1.356  -11.708 1.00 88.83  ? 4   ASP A OD1  1 
ATOM   55   O OD2  . ASP A 1 4  ? -16.350 -1.715  -11.847 1.00 67.27  ? 4   ASP A OD2  1 
ATOM   56   H H    . ASP A 1 4  ? -13.958 -4.327  -9.813  1.00 51.18  ? 4   ASP A H    1 
ATOM   57   H HA   . ASP A 1 4  ? -13.310 -1.739  -9.531  1.00 39.65  ? 4   ASP A HA   1 
ATOM   58   H HB2  . ASP A 1 4  ? -15.784 -3.053  -9.742  1.00 48.42  ? 4   ASP A HB2  1 
ATOM   59   H HB3  . ASP A 1 4  ? -15.734 -1.548  -9.231  1.00 48.42  ? 4   ASP A HB3  1 
ATOM   60   N N    . PHE A 1 5  ? -13.467 -3.406  -6.985  1.00 28.58  ? 5   PHE A N    1 
ATOM   61   C CA   . PHE A 1 5  ? -13.578 -3.452  -5.535  1.00 28.50  ? 5   PHE A CA   1 
ATOM   62   C C    . PHE A 1 5  ? -12.390 -2.770  -4.868  1.00 38.83  ? 5   PHE A C    1 
ATOM   63   O O    . PHE A 1 5  ? -11.283 -2.725  -5.410  1.00 46.18  ? 5   PHE A O    1 
ATOM   64   C CB   . PHE A 1 5  ? -13.659 -4.900  -5.049  1.00 46.45  ? 5   PHE A CB   1 
ATOM   65   C CG   . PHE A 1 5  ? -14.846 -5.653  -5.574  1.00 50.55  ? 5   PHE A CG   1 
ATOM   66   C CD1  . PHE A 1 5  ? -16.128 -5.322  -5.173  1.00 27.74  ? 5   PHE A CD1  1 
ATOM   67   C CD2  . PHE A 1 5  ? -14.674 -6.697  -6.464  1.00 28.24  ? 5   PHE A CD2  1 
ATOM   68   C CE1  . PHE A 1 5  ? -17.218 -6.017  -5.653  1.00 28.19  ? 5   PHE A CE1  1 
ATOM   69   C CE2  . PHE A 1 5  ? -15.758 -7.395  -6.949  1.00 28.61  ? 5   PHE A CE2  1 
ATOM   70   C CZ   . PHE A 1 5  ? -17.033 -7.056  -6.543  1.00 54.78  ? 5   PHE A CZ   1 
ATOM   71   H H    . PHE A 1 5  ? -13.086 -4.097  -7.328  1.00 34.30  ? 5   PHE A H    1 
ATOM   72   H HA   . PHE A 1 5  ? -14.386 -2.992  -5.261  1.00 34.20  ? 5   PHE A HA   1 
ATOM   73   H HB2  . PHE A 1 5  ? -12.861 -5.370  -5.334  1.00 55.73  ? 5   PHE A HB2  1 
ATOM   74   H HB3  . PHE A 1 5  ? -13.713 -4.901  -4.081  1.00 55.73  ? 5   PHE A HB3  1 
ATOM   75   H HD1  . PHE A 1 5  ? -16.256 -4.622  -4.572  1.00 33.29  ? 5   PHE A HD1  1 
ATOM   76   H HD2  . PHE A 1 5  ? -13.817 -6.928  -6.740  1.00 33.88  ? 5   PHE A HD2  1 
ATOM   77   H HE1  . PHE A 1 5  ? -18.076 -5.787  -5.378  1.00 33.82  ? 5   PHE A HE1  1 
ATOM   78   H HE2  . PHE A 1 5  ? -15.631 -8.095  -7.548  1.00 34.34  ? 5   PHE A HE2  1 
ATOM   79   H HZ   . PHE A 1 5  ? -17.767 -7.527  -6.869  1.00 65.73  ? 5   PHE A HZ   1 
ATOM   80   N N    . PHE A 1 6  ? -12.634 -2.261  -3.660  1.00 34.19  ? 6   PHE A N    1 
ATOM   81   C CA   . PHE A 1 6  ? -11.593 -1.676  -2.817  1.00 36.96  ? 6   PHE A CA   1 
ATOM   82   C C    . PHE A 1 6  ? -10.947 -0.464  -3.485  1.00 37.78  ? 6   PHE A C    1 
ATOM   83   O O    . PHE A 1 6  ? -9.723  -0.327  -3.528  1.00 36.15  ? 6   PHE A O    1 
ATOM   84   C CB   . PHE A 1 6  ? -10.536 -2.722  -2.465  1.00 44.81  ? 6   PHE A CB   1 
ATOM   85   C CG   . PHE A 1 6  ? -11.109 -4.051  -2.090  1.00 36.74  ? 6   PHE A CG   1 
ATOM   86   C CD1  . PHE A 1 6  ? -11.658 -4.255  -0.836  1.00 59.21  ? 6   PHE A CD1  1 
ATOM   87   C CD2  . PHE A 1 6  ? -11.097 -5.100  -2.991  1.00 40.12  ? 6   PHE A CD2  1 
ATOM   88   C CE1  . PHE A 1 6  ? -12.183 -5.482  -0.490  1.00 57.49  ? 6   PHE A CE1  1 
ATOM   89   C CE2  . PHE A 1 6  ? -11.620 -6.327  -2.653  1.00 52.99  ? 6   PHE A CE2  1 
ATOM   90   C CZ   . PHE A 1 6  ? -12.165 -6.520  -1.398  1.00 38.01  ? 6   PHE A CZ   1 
ATOM   91   H H    . PHE A 1 6  ? -13.414 -2.243  -3.299  1.00 41.03  ? 6   PHE A H    1 
ATOM   92   H HA   . PHE A 1 6  ? -11.997 -1.375  -1.987  1.00 44.35  ? 6   PHE A HA   1 
ATOM   93   H HB2  . PHE A 1 6  ? -9.959  -2.854  -3.235  1.00 53.77  ? 6   PHE A HB2  1 
ATOM   94   H HB3  . PHE A 1 6  ? -10.014 -2.400  -1.714  1.00 53.77  ? 6   PHE A HB3  1 
ATOM   95   H HD1  . PHE A 1 6  ? -11.671 -3.558  -0.221  1.00 71.05  ? 6   PHE A HD1  1 
ATOM   96   H HD2  . PHE A 1 6  ? -10.730 -4.975  -3.837  1.00 48.15  ? 6   PHE A HD2  1 
ATOM   97   H HE1  . PHE A 1 6  ? -12.551 -5.609  0.355   1.00 68.98  ? 6   PHE A HE1  1 
ATOM   98   H HE2  . PHE A 1 6  ? -11.607 -7.025  -3.267  1.00 63.59  ? 6   PHE A HE2  1 
ATOM   99   H HZ   . PHE A 1 6  ? -12.521 -7.348  -1.167  1.00 45.61  ? 6   PHE A HZ   1 
ATOM   100  N N    . ARG A 1 7  ? -11.784 0.436   -3.998  1.00 38.42  ? 7   ARG A N    1 
ATOM   101  C CA   . ARG A 1 7  ? -11.263 1.607   -4.691  1.00 40.22  ? 7   ARG A CA   1 
ATOM   102  C C    . ARG A 1 7  ? -10.480 2.513   -3.742  1.00 38.65  ? 7   ARG A C    1 
ATOM   103  O O    . ARG A 1 7  ? -9.353  2.913   -4.043  1.00 37.65  ? 7   ARG A O    1 
ATOM   104  C CB   . ARG A 1 7  ? -12.404 2.379   -5.352  1.00 44.59  ? 7   ARG A CB   1 
ATOM   105  C CG   . ARG A 1 7  ? -11.939 3.310   -6.462  1.00 53.73  ? 7   ARG A CG   1 
ATOM   106  C CD   . ARG A 1 7  ? -13.048 4.228   -6.952  1.00 76.11  ? 7   ARG A CD   1 
ATOM   107  N NE   . ARG A 1 7  ? -12.834 5.611   -6.529  1.00 88.55  ? 7   ARG A NE   1 
ATOM   108  C CZ   . ARG A 1 7  ? -13.309 6.142   -5.404  1.00 78.98  ? 7   ARG A CZ   1 
ATOM   109  N NH1  . ARG A 1 7  ? -14.040 5.413   -4.567  1.00 69.13  ? 7   ARG A NH1  1 
ATOM   110  N NH2  . ARG A 1 7  ? -13.052 7.410   -5.115  1.00 64.25  ? 7   ARG A NH2  1 
ATOM   111  H H    . ARG A 1 7  ? -12.642 0.393   -3.957  1.00 46.11  ? 7   ARG A H    1 
ATOM   112  H HA   . ARG A 1 7  ? -10.657 1.314   -5.391  1.00 48.27  ? 7   ARG A HA   1 
ATOM   113  H HB2  . ARG A 1 7  ? -13.030 1.745   -5.737  1.00 53.50  ? 7   ARG A HB2  1 
ATOM   114  H HB3  . ARG A 1 7  ? -12.850 2.916   -4.679  1.00 53.50  ? 7   ARG A HB3  1 
ATOM   115  H HG2  . ARG A 1 7  ? -11.216 3.863   -6.129  1.00 64.48  ? 7   ARG A HG2  1 
ATOM   116  H HG3  . ARG A 1 7  ? -11.634 2.779   -7.214  1.00 64.48  ? 7   ARG A HG3  1 
ATOM   117  H HD2  . ARG A 1 7  ? -13.074 4.207   -7.921  1.00 91.34  ? 7   ARG A HD2  1 
ATOM   118  H HD3  . ARG A 1 7  ? -13.896 3.927   -6.588  1.00 91.34  ? 7   ARG A HD3  1 
ATOM   119  H HE   . ARG A 1 7  ? -12.367 6.118   -7.043  1.00 106.26 ? 7   ARG A HE   1 
ATOM   120  H HH11 . ARG A 1 7  ? -14.210 4.590   -4.749  1.00 82.96  ? 7   ARG A HH11 1 
ATOM   121  H HH12 . ARG A 1 7  ? -14.343 5.765   -3.844  1.00 82.96  ? 7   ARG A HH12 1 
ATOM   122  H HH21 . ARG A 1 7  ? -12.581 7.887   -5.653  1.00 77.10  ? 7   ARG A HH21 1 
ATOM   123  H HH22 . ARG A 1 7  ? -13.358 7.756   -4.390  1.00 77.10  ? 7   ARG A HH22 1 
ATOM   124  N N    . LYS A 1 8  ? -11.066 2.836   -2.585  1.00 37.81  ? 8   LYS A N    1 
ATOM   125  C CA   A LYS A 1 8  ? -10.410 3.764   -1.663  0.50 37.52  ? 8   LYS A CA   1 
ATOM   126  C CA   B LYS A 1 8  ? -10.409 3.767   -1.666  0.50 37.52  ? 8   LYS A CA   1 
ATOM   127  C C    . LYS A 1 8  ? -9.148  3.154   -1.069  1.00 39.20  ? 8   LYS A C    1 
ATOM   128  O O    . LYS A 1 8  ? -8.127  3.845   -0.918  1.00 70.40  ? 8   LYS A O    1 
ATOM   129  C CB   A LYS A 1 8  ? -11.385 4.166   -0.556  0.50 38.03  ? 8   LYS A CB   1 
ATOM   130  C CB   B LYS A 1 8  ? -11.389 4.198   -0.570  0.50 38.06  ? 8   LYS A CB   1 
ATOM   131  C CG   A LYS A 1 8  ? -12.634 4.868   -1.065  0.50 39.30  ? 8   LYS A CG   1 
ATOM   132  C CG   B LYS A 1 8  ? -11.587 3.210   0.571   0.50 37.55  ? 8   LYS A CG   1 
ATOM   133  C CD   A LYS A 1 8  ? -12.689 6.320   -0.623  0.50 40.13  ? 8   LYS A CD   1 
ATOM   134  C CD   B LYS A 1 8  ? -12.854 3.547   1.354   0.50 50.50  ? 8   LYS A CD   1 
ATOM   135  C CE   A LYS A 1 8  ? -13.665 7.117   -1.475  0.50 50.98  ? 8   LYS A CE   1 
ATOM   136  C CE   B LYS A 1 8  ? -12.958 2.763   2.653   0.50 47.40  ? 8   LYS A CE   1 
ATOM   137  N NZ   A LYS A 1 8  ? -14.108 8.369   -0.805  0.50 54.44  ? 8   LYS A NZ   1 
ATOM   138  N NZ   B LYS A 1 8  ? -14.328 2.832   3.237   0.50 38.87  ? 8   LYS A NZ   1 
ATOM   139  H H    . LYS A 1 8  ? -11.826 2.540   -2.311  1.00 45.37  ? 8   LYS A H    1 
ATOM   140  H HA   . LYS A 1 8  ? -10.153 4.564   -2.153  1.00 45.02  ? 8   LYS A HA   1 
ATOM   141  H HB2  A LYS A 1 8  ? -11.666 3.367   -0.082  0.50 45.64  ? 8   LYS A HB2  1 
ATOM   142  H HB2  B LYS A 1 8  ? -11.068 5.027   -0.183  0.50 45.67  ? 8   LYS A HB2  1 
ATOM   143  H HB3  A LYS A 1 8  ? -10.934 4.770   0.054   0.50 45.64  ? 8   LYS A HB3  1 
ATOM   144  H HB3  B LYS A 1 8  ? -12.257 4.347   -0.977  0.50 45.67  ? 8   LYS A HB3  1 
ATOM   145  H HG2  A LYS A 1 8  ? -12.638 4.846   -2.035  0.50 47.16  ? 8   LYS A HG2  1 
ATOM   146  H HG2  B LYS A 1 8  ? -11.678 2.314   0.211   0.50 45.06  ? 8   LYS A HG2  1 
ATOM   147  H HG3  A LYS A 1 8  ? -13.418 4.415   -0.718  0.50 47.16  ? 8   LYS A HG3  1 
ATOM   148  H HG3  B LYS A 1 8  ? -10.830 3.259   1.176   0.50 45.06  ? 8   LYS A HG3  1 
ATOM   149  H HD2  A LYS A 1 8  ? -12.983 6.365   0.300   0.50 48.16  ? 8   LYS A HD2  1 
ATOM   150  H HD2  B LYS A 1 8  ? -12.851 4.492   1.572   0.50 60.60  ? 8   LYS A HD2  1 
ATOM   151  H HD3  A LYS A 1 8  ? -11.809 6.718   -0.715  0.50 48.16  ? 8   LYS A HD3  1 
ATOM   152  H HD3  B LYS A 1 8  ? -13.629 3.333   0.811   0.50 60.60  ? 8   LYS A HD3  1 
ATOM   153  H HE2  A LYS A 1 8  ? -13.235 7.358   -2.310  0.50 61.18  ? 8   LYS A HE2  1 
ATOM   154  H HE2  B LYS A 1 8  ? -12.749 1.831   2.481   0.50 56.88  ? 8   LYS A HE2  1 
ATOM   155  H HE3  A LYS A 1 8  ? -14.451 6.575   -1.649  0.50 61.18  ? 8   LYS A HE3  1 
ATOM   156  H HE3  B LYS A 1 8  ? -12.335 3.132   3.299   0.50 56.88  ? 8   LYS A HE3  1 
ATOM   157  H HZ1  A LYS A 1 8  ? -14.676 8.810   -1.329  0.50 65.33  ? 8   LYS A HZ1  1 
ATOM   158  H HZ1  B LYS A 1 8  ? -14.543 3.678   3.409   0.50 46.64  ? 8   LYS A HZ1  1 
ATOM   159  H HZ2  A LYS A 1 8  ? -14.512 8.177   -0.037  0.50 65.33  ? 8   LYS A HZ2  1 
ATOM   160  H HZ2  B LYS A 1 8  ? -14.920 2.493   2.664   0.50 46.64  ? 8   LYS A HZ2  1 
ATOM   161  H HZ3  A LYS A 1 8  ? -13.405 8.890   -0.640  0.50 65.33  ? 8   LYS A HZ3  1 
ATOM   162  H HZ3  B LYS A 1 8  ? -14.359 2.365   3.995   0.50 46.64  ? 8   LYS A HZ3  1 
ATOM   163  N N    . SER A 1 9  ? -9.188  1.865   -0.731  1.00 35.99  ? 9   SER A N    1 
ATOM   164  C CA   . SER A 1 9  ? -8.010  1.197   -0.191  1.00 53.79  ? 9   SER A CA   1 
ATOM   165  C C    . SER A 1 9  ? -6.909  1.094   -1.242  1.00 34.86  ? 9   SER A C    1 
ATOM   166  O O    . SER A 1 9  ? -5.734  1.362   -0.953  1.00 34.36  ? 9   SER A O    1 
ATOM   167  C CB   . SER A 1 9  ? -8.397  -0.190  0.322   1.00 35.12  ? 9   SER A CB   1 
ATOM   168  O OG   . SER A 1 9  ? -9.056  -0.101  1.574   1.00 50.55  ? 9   SER A OG   1 
ATOM   169  H H    . SER A 1 9  ? -9.881  1.360   -0.805  1.00 43.19  ? 9   SER A H    1 
ATOM   170  H HA   . SER A 1 9  ? -7.667  1.711   0.556   1.00 64.55  ? 9   SER A HA   1 
ATOM   171  H HB2  . SER A 1 9  ? -8.991  -0.609  -0.319  1.00 42.15  ? 9   SER A HB2  1 
ATOM   172  H HB3  . SER A 1 9  ? -7.593  -0.723  0.427   1.00 42.15  ? 9   SER A HB3  1 
ATOM   173  H HG   . SER A 1 9  ? -8.552  0.261   2.139   1.00 60.66  ? 9   SER A HG   1 
ATOM   174  N N    . LYS A 1 10 ? -7.274  0.721   -2.470  1.00 35.71  ? 10  LYS A N    1 
ATOM   175  C CA   . LYS A 1 10 ? -6.285  0.637   -3.538  1.00 35.57  ? 10  LYS A CA   1 
ATOM   176  C C    . LYS A 1 10 ? -5.668  2.000   -3.806  1.00 35.58  ? 10  LYS A C    1 
ATOM   177  O O    . LYS A 1 10 ? -4.461  2.108   -4.053  1.00 35.14  ? 10  LYS A O    1 
ATOM   178  C CB   . LYS A 1 10 ? -6.930  0.088   -4.811  1.00 36.31  ? 10  LYS A CB   1 
ATOM   179  C CG   . LYS A 1 10 ? -7.180  -1.414  -4.801  1.00 37.59  ? 10  LYS A CG   1 
ATOM   180  C CD   . LYS A 1 10 ? -7.635  -1.915  -6.167  1.00 37.38  ? 10  LYS A CD   1 
ATOM   181  C CE   . LYS A 1 10 ? -8.891  -1.203  -6.644  1.00 47.56  ? 10  LYS A CE   1 
ATOM   182  N NZ   . LYS A 1 10 ? -9.468  -1.828  -7.866  1.00 76.95  ? 10  LYS A NZ   1 
ATOM   183  H H    . LYS A 1 10 ? -8.075  0.515   -2.706  1.00 42.85  ? 10  LYS A H    1 
ATOM   184  H HA   . LYS A 1 10 ? -5.576  0.030   -3.270  1.00 42.69  ? 10  LYS A HA   1 
ATOM   185  H HB2  . LYS A 1 10 ? -7.785  0.528   -4.938  1.00 43.57  ? 10  LYS A HB2  1 
ATOM   186  H HB3  . LYS A 1 10 ? -6.347  0.284   -5.561  1.00 43.57  ? 10  LYS A HB3  1 
ATOM   187  H HG2  . LYS A 1 10 ? -6.359  -1.874  -4.566  1.00 45.11  ? 10  LYS A HG2  1 
ATOM   188  H HG3  . LYS A 1 10 ? -7.875  -1.619  -4.156  1.00 45.11  ? 10  LYS A HG3  1 
ATOM   189  H HD2  . LYS A 1 10 ? -6.931  -1.754  -6.816  1.00 44.85  ? 10  LYS A HD2  1 
ATOM   190  H HD3  . LYS A 1 10 ? -7.827  -2.863  -6.110  1.00 44.85  ? 10  LYS A HD3  1 
ATOM   191  H HE2  . LYS A 1 10 ? -9.560  -1.238  -5.944  1.00 57.07  ? 10  LYS A HE2  1 
ATOM   192  H HE3  . LYS A 1 10 ? -8.673  -0.281  -6.852  1.00 57.07  ? 10  LYS A HE3  1 
ATOM   193  H HZ1  . LYS A 1 10 ? -10.200 -1.387  -8.117  1.00 92.34  ? 10  LYS A HZ1  1 
ATOM   194  H HZ2  . LYS A 1 10 ? -8.874  -1.804  -8.529  1.00 92.34  ? 10  LYS A HZ2  1 
ATOM   195  H HZ3  . LYS A 1 10 ? -9.683  -2.675  -7.701  1.00 92.34  ? 10  LYS A HZ3  1 
ATOM   196  N N    . GLU A 1 11 ? -6.482  3.056   -3.752  1.00 45.95  ? 11  GLU A N    1 
ATOM   197  C CA   . GLU A 1 11 ? -5.953  4.405   -3.913  1.00 36.29  ? 11  GLU A CA   1 
ATOM   198  C C    . GLU A 1 11 ? -4.954  4.734   -2.815  1.00 38.98  ? 11  GLU A C    1 
ATOM   199  O O    . GLU A 1 11 ? -3.830  5.156   -3.095  1.00 35.32  ? 11  GLU A O    1 
ATOM   200  C CB   . GLU A 1 11 ? -7.093  5.423   -3.925  1.00 37.35  ? 11  GLU A CB   1 
ATOM   201  C CG   . GLU A 1 11 ? -7.734  5.607   -5.286  1.00 74.35  ? 11  GLU A CG   1 
ATOM   202  C CD   . GLU A 1 11 ? -8.730  6.750   -5.308  1.00 78.05  ? 11  GLU A CD   1 
ATOM   203  O OE1  . GLU A 1 11 ? -8.464  7.781   -4.654  1.00 89.80  ? 11  GLU A OE1  1 
ATOM   204  O OE2  . GLU A 1 11 ? -9.776  6.618   -5.978  1.00 75.08  ? 11  GLU A OE2  1 
ATOM   205  H H    . GLU A 1 11 ? -7.331  3.017   -3.625  1.00 55.14  ? 11  GLU A H    1 
ATOM   206  H HA   . GLU A 1 11 ? -5.492  4.463   -4.765  1.00 43.55  ? 11  GLU A HA   1 
ATOM   207  H HB2  . GLU A 1 11 ? -7.782  5.129   -3.309  1.00 44.82  ? 11  GLU A HB2  1 
ATOM   208  H HB3  . GLU A 1 11 ? -6.745  6.284   -3.642  1.00 44.82  ? 11  GLU A HB3  1 
ATOM   209  H HG2  . GLU A 1 11 ? -7.043  5.798   -5.939  1.00 89.22  ? 11  GLU A HG2  1 
ATOM   210  H HG3  . GLU A 1 11 ? -8.205  4.794   -5.527  1.00 89.22  ? 11  GLU A HG3  1 
ATOM   211  N N    . LYS A 1 12 ? -5.346  4.541   -1.551  1.00 35.15  ? 12  LYS A N    1 
ATOM   212  C CA   . LYS A 1 12 ? -4.440  4.841   -0.443  1.00 34.75  ? 12  LYS A CA   1 
ATOM   213  C C    . LYS A 1 12 ? -3.106  4.117   -0.606  1.00 33.96  ? 12  LYS A C    1 
ATOM   214  O O    . LYS A 1 12 ? -2.035  4.736   -0.537  1.00 44.23  ? 12  LYS A O    1 
ATOM   215  C CB   . LYS A 1 12 ? -5.105  4.474   0.885   1.00 34.86  ? 12  LYS A CB   1 
ATOM   216  C CG   . LYS A 1 12 ? -5.922  5.611   1.480   1.00 39.77  ? 12  LYS A CG   1 
ATOM   217  C CD   . LYS A 1 12 ? -7.097  5.115   2.313   1.00 49.56  ? 12  LYS A CD   1 
ATOM   218  C CE   . LYS A 1 12 ? -8.041  6.260   2.654   1.00 69.83  ? 12  LYS A CE   1 
ATOM   219  N NZ   . LYS A 1 12 ? -8.991  5.919   3.748   1.00 92.94  ? 12  LYS A NZ   1 
ATOM   220  H H    . LYS A 1 12 ? -6.116  4.243   -1.314  1.00 42.19  ? 12  LYS A H    1 
ATOM   221  H HA   . LYS A 1 12 ? -4.262  5.795   -0.433  1.00 41.70  ? 12  LYS A HA   1 
ATOM   222  H HB2  . LYS A 1 12 ? -5.700  3.722   0.742   1.00 41.83  ? 12  LYS A HB2  1 
ATOM   223  H HB3  . LYS A 1 12 ? -4.417  4.235   1.527   1.00 41.83  ? 12  LYS A HB3  1 
ATOM   224  H HG2  . LYS A 1 12 ? -5.352  6.145   2.054   1.00 47.72  ? 12  LYS A HG2  1 
ATOM   225  H HG3  . LYS A 1 12 ? -6.274  6.157   0.760   1.00 47.72  ? 12  LYS A HG3  1 
ATOM   226  H HD2  . LYS A 1 12 ? -7.591  4.450   1.809   1.00 59.47  ? 12  LYS A HD2  1 
ATOM   227  H HD3  . LYS A 1 12 ? -6.766  4.734   3.141   1.00 59.47  ? 12  LYS A HD3  1 
ATOM   228  H HE2  . LYS A 1 12 ? -7.520  7.026   2.938   1.00 83.79  ? 12  LYS A HE2  1 
ATOM   229  H HE3  . LYS A 1 12 ? -8.561  6.486   1.866   1.00 83.79  ? 12  LYS A HE3  1 
ATOM   230  H HZ1  . LYS A 1 12 ? -9.523  6.611   3.916   1.00 111.53 ? 12  LYS A HZ1  1 
ATOM   231  H HZ2  . LYS A 1 12 ? -9.490  5.221   3.510   1.00 111.53 ? 12  LYS A HZ2  1 
ATOM   232  H HZ3  . LYS A 1 12 ? -8.541  5.713   4.488   1.00 111.53 ? 12  LYS A HZ3  1 
ATOM   233  N N    . ILE A 1 13 ? -3.152  2.800   -0.827  1.00 33.64  ? 13  ILE A N    1 
ATOM   234  C CA   . ILE A 1 13 ? -1.920  2.041   -1.036  1.00 41.98  ? 13  ILE A CA   1 
ATOM   235  C C    . ILE A 1 13 ? -1.107  2.656   -2.172  1.00 38.59  ? 13  ILE A C    1 
ATOM   236  O O    . ILE A 1 13 ? 0.098   2.905   -2.035  1.00 32.71  ? 13  ILE A O    1 
ATOM   237  C CB   . ILE A 1 13 ? -2.238  0.557   -1.295  1.00 33.11  ? 13  ILE A CB   1 
ATOM   238  C CG1  . ILE A 1 13 ? -2.770  -0.092  -0.014  1.00 33.17  ? 13  ILE A CG1  1 
ATOM   239  C CG2  . ILE A 1 13 ? -0.996  -0.188  -1.794  1.00 35.01  ? 13  ILE A CG2  1 
ATOM   240  C CD1  . ILE A 1 13 ? -3.382  -1.464  -0.215  1.00 33.50  ? 13  ILE A CD1  1 
ATOM   241  H H    . ILE A 1 13 ? -3.872  2.331   -0.860  1.00 40.37  ? 13  ILE A H    1 
ATOM   242  H HA   . ILE A 1 13 ? -1.384  2.092   -0.229  1.00 50.37  ? 13  ILE A HA   1 
ATOM   243  H HB   . ILE A 1 13 ? -2.925  0.502   -1.977  1.00 39.73  ? 13  ILE A HB   1 
ATOM   244  H HG12 . ILE A 1 13 ? -2.037  -0.186  0.615   1.00 39.81  ? 13  ILE A HG12 1 
ATOM   245  H HG13 . ILE A 1 13 ? -3.453  0.483   0.365   1.00 39.81  ? 13  ILE A HG13 1 
ATOM   246  H HG21 . ILE A 1 13 ? -1.227  -1.118  -1.948  1.00 42.01  ? 13  ILE A HG21 1 
ATOM   247  H HG22 . ILE A 1 13 ? -0.695  0.219   -2.622  1.00 42.01  ? 13  ILE A HG22 1 
ATOM   248  H HG23 . ILE A 1 13 ? -0.299  -0.128  -1.122  1.00 42.01  ? 13  ILE A HG23 1 
ATOM   249  H HD11 . ILE A 1 13 ? -3.693  -1.800  0.641   1.00 40.19  ? 13  ILE A HD11 1 
ATOM   250  H HD12 . ILE A 1 13 ? -4.128  -1.390  -0.831  1.00 40.19  ? 13  ILE A HD12 1 
ATOM   251  H HD13 . ILE A 1 13 ? -2.709  -2.060  -0.580  1.00 40.19  ? 13  ILE A HD13 1 
ATOM   252  N N    . GLY A 1 14 ? -1.759  2.902   -3.311  1.00 33.54  ? 14  GLY A N    1 
ATOM   253  C CA   . GLY A 1 14 ? -1.060  3.497   -4.440  1.00 34.55  ? 14  GLY A CA   1 
ATOM   254  C C    . GLY A 1 14 ? -0.338  4.777   -4.070  1.00 33.66  ? 14  GLY A C    1 
ATOM   255  O O    . GLY A 1 14 ? 0.825   4.974   -4.423  1.00 55.74  ? 14  GLY A O    1 
ATOM   256  H H    . GLY A 1 14 ? -2.591  2.736   -3.449  1.00 40.24  ? 14  GLY A H    1 
ATOM   257  H HA2  . GLY A 1 14 ? -0.410  2.866   -4.785  1.00 41.46  ? 14  GLY A HA2  1 
ATOM   258  H HA3  . GLY A 1 14 ? -1.698  3.698   -5.144  1.00 41.46  ? 14  GLY A HA3  1 
ATOM   259  N N    . LYS A 1 15 ? -1.023  5.667   -3.352  1.00 42.23  ? 15  LYS A N    1 
ATOM   260  C CA   . LYS A 1 15 ? -0.424  6.946   -2.987  1.00 39.30  ? 15  LYS A CA   1 
ATOM   261  C C    . LYS A 1 15 ? 0.784   6.750   -2.084  1.00 38.62  ? 15  LYS A C    1 
ATOM   262  O O    . LYS A 1 15 ? 1.854   7.316   -2.334  1.00 41.66  ? 15  LYS A O    1 
ATOM   263  C CB   . LYS A 1 15 ? -1.454  7.842   -2.304  1.00 40.04  ? 15  LYS A CB   1 
ATOM   264  C CG   . LYS A 1 15 ? -2.396  8.520   -3.262  1.00 60.84  ? 15  LYS A CG   1 
ATOM   265  C CD   . LYS A 1 15 ? -3.296  9.487   -2.525  1.00 52.59  ? 15  LYS A CD   1 
ATOM   266  C CE   . LYS A 1 15 ? -4.457  9.913   -3.385  1.00 46.48  ? 15  LYS A CE   1 
ATOM   267  N NZ   . LYS A 1 15 ? -5.637  10.336  -2.583  1.00 83.30  ? 15  LYS A NZ   1 
ATOM   268  H H    . LYS A 1 15 ? -1.827  5.555   -3.067  1.00 50.68  ? 15  LYS A H    1 
ATOM   269  H HA   . LYS A 1 15 ? -0.124  7.396   -3.794  1.00 47.16  ? 15  LYS A HA   1 
ATOM   270  H HB2  . LYS A 1 15 ? -1.984  7.302   -1.698  1.00 48.05  ? 15  LYS A HB2  1 
ATOM   271  H HB3  . LYS A 1 15 ? -0.987  8.532   -1.807  1.00 48.05  ? 15  LYS A HB3  1 
ATOM   272  H HG2  . LYS A 1 15 ? -1.886  9.017   -3.921  1.00 73.00  ? 15  LYS A HG2  1 
ATOM   273  H HG3  . LYS A 1 15 ? -2.951  7.854   -3.696  1.00 73.00  ? 15  LYS A HG3  1 
ATOM   274  H HD2  . LYS A 1 15 ? -3.647  9.056   -1.730  1.00 63.11  ? 15  LYS A HD2  1 
ATOM   275  H HD3  . LYS A 1 15 ? -2.788  10.277  -2.283  1.00 63.11  ? 15  LYS A HD3  1 
ATOM   276  H HE2  . LYS A 1 15 ? -4.183  10.662  -3.937  1.00 55.77  ? 15  LYS A HE2  1 
ATOM   277  H HE3  . LYS A 1 15 ? -4.726  9.168   -3.945  1.00 55.77  ? 15  LYS A HE3  1 
ATOM   278  H HZ1  . LYS A 1 15 ? -6.300  10.580  -3.123  1.00 99.96  ? 15  LYS A HZ1  1 
ATOM   279  H HZ2  . LYS A 1 15 ? -5.913  9.663   -2.071  1.00 99.96  ? 15  LYS A HZ2  1 
ATOM   280  H HZ3  . LYS A 1 15 ? -5.419  11.025  -2.063  1.00 99.96  ? 15  LYS A HZ3  1 
ATOM   281  N N    . GLU A 1 16 ? 0.625   5.973   -1.012  1.00 33.49  ? 16  GLU A N    1 
ATOM   282  C CA   . GLU A 1 16 ? 1.750   5.763   -0.105  1.00 33.11  ? 16  GLU A CA   1 
ATOM   283  C C    . GLU A 1 16 ? 2.950   5.175   -0.843  1.00 32.57  ? 16  GLU A C    1 
ATOM   284  O O    . GLU A 1 16 ? 4.096   5.594   -0.622  1.00 71.03  ? 16  GLU A O    1 
ATOM   285  C CB   . GLU A 1 16 ? 1.323   4.856   1.049   1.00 33.04  ? 16  GLU A CB   1 
ATOM   286  C CG   . GLU A 1 16 ? 0.185   5.420   1.877   1.00 34.29  ? 16  GLU A CG   1 
ATOM   287  C CD   . GLU A 1 16 ? 0.522   6.765   2.485   1.00 45.63  ? 16  GLU A CD   1 
ATOM   288  O OE1  . GLU A 1 16 ? 1.628   6.908   3.043   1.00 74.59  ? 16  GLU A OE1  1 
ATOM   289  O OE2  . GLU A 1 16 ? -0.335  7.670   2.437   1.00 80.60  ? 16  GLU A OE2  1 
ATOM   290  H H    . GLU A 1 16 ? -0.101  5.567   -0.793  1.00 40.19  ? 16  GLU A H    1 
ATOM   291  H HA   . GLU A 1 16 ? 2.017   6.617   0.269   1.00 39.73  ? 16  GLU A HA   1 
ATOM   292  H HB2  . GLU A 1 16 ? 1.033   4.005   0.687   1.00 39.65  ? 16  GLU A HB2  1 
ATOM   293  H HB3  . GLU A 1 16 ? 2.082   4.723   1.638   1.00 39.65  ? 16  GLU A HB3  1 
ATOM   294  H HG2  . GLU A 1 16 ? -0.595  5.532   1.311   1.00 41.15  ? 16  GLU A HG2  1 
ATOM   295  H HG3  . GLU A 1 16 ? -0.015  4.805   2.601   1.00 41.15  ? 16  GLU A HG3  1 
ATOM   296  N N    . PHE A 1 17 ? 2.705   4.223   -1.748  1.00 52.73  ? 17  PHE A N    1 
ATOM   297  C CA   . PHE A 1 17 ? 3.803   3.629   -2.504  1.00 44.52  ? 17  PHE A CA   1 
ATOM   298  C C    . PHE A 1 17 ? 4.464   4.658   -3.417  1.00 32.05  ? 17  PHE A C    1 
ATOM   299  O O    . PHE A 1 17 ? 5.696   4.748   -3.478  1.00 31.82  ? 17  PHE A O    1 
ATOM   300  C CB   . PHE A 1 17 ? 3.296   2.439   -3.316  1.00 32.01  ? 17  PHE A CB   1 
ATOM   301  C CG   . PHE A 1 17 ? 4.379   1.712   -4.058  1.00 41.77  ? 17  PHE A CG   1 
ATOM   302  C CD1  . PHE A 1 17 ? 5.010   0.623   -3.480  1.00 31.79  ? 17  PHE A CD1  1 
ATOM   303  C CD2  . PHE A 1 17 ? 4.772   2.116   -5.324  1.00 37.10  ? 17  PHE A CD2  1 
ATOM   304  C CE1  . PHE A 1 17 ? 6.007   -0.053  -4.150  1.00 54.39  ? 17  PHE A CE1  1 
ATOM   305  C CE2  . PHE A 1 17 ? 5.773   1.444   -5.999  1.00 48.57  ? 17  PHE A CE2  1 
ATOM   306  C CZ   . PHE A 1 17 ? 6.389   0.358   -5.411  1.00 52.14  ? 17  PHE A CZ   1 
ATOM   307  H H    . PHE A 1 17 ? 1.927   3.911   -1.938  1.00 63.28  ? 17  PHE A H    1 
ATOM   308  H HA   . PHE A 1 17 ? 4.474   3.305   -1.884  1.00 53.42  ? 17  PHE A HA   1 
ATOM   309  H HB2  . PHE A 1 17 ? 2.873   1.806   -2.713  1.00 38.41  ? 17  PHE A HB2  1 
ATOM   310  H HB3  . PHE A 1 17 ? 2.651   2.755   -3.967  1.00 38.41  ? 17  PHE A HB3  1 
ATOM   311  H HD1  . PHE A 1 17 ? 4.757   0.342   -2.631  1.00 38.14  ? 17  PHE A HD1  1 
ATOM   312  H HD2  . PHE A 1 17 ? 4.357   2.846   -5.723  1.00 44.52  ? 17  PHE A HD2  1 
ATOM   313  H HE1  . PHE A 1 17 ? 6.423   -0.783  -3.752  1.00 65.27  ? 17  PHE A HE1  1 
ATOM   314  H HE2  . PHE A 1 17 ? 6.028   1.721   -6.849  1.00 58.28  ? 17  PHE A HE2  1 
ATOM   315  H HZ   . PHE A 1 17 ? 7.062   -0.097  -5.864  1.00 62.57  ? 17  PHE A HZ   1 
ATOM   316  N N    . LYS A 1 18 ? 3.658   5.453   -4.128  1.00 37.76  ? 18  LYS A N    1 
ATOM   317  C CA   . LYS A 1 18 ? 4.228   6.468   -5.008  1.00 55.28  ? 18  LYS A CA   1 
ATOM   318  C C    . LYS A 1 18 ? 5.085   7.453   -4.235  1.00 54.71  ? 18  LYS A C    1 
ATOM   319  O O    . LYS A 1 18 ? 6.057   7.988   -4.777  1.00 37.93  ? 18  LYS A O    1 
ATOM   320  C CB   . LYS A 1 18 ? 3.132   7.245   -5.737  1.00 41.13  ? 18  LYS A CB   1 
ATOM   321  C CG   . LYS A 1 18 ? 2.611   6.626   -7.020  1.00 53.38  ? 18  LYS A CG   1 
ATOM   322  C CD   . LYS A 1 18 ? 1.583   7.555   -7.655  1.00 71.20  ? 18  LYS A CD   1 
ATOM   323  C CE   . LYS A 1 18 ? 1.190   7.111   -9.050  1.00 76.49  ? 18  LYS A CE   1 
ATOM   324  N NZ   . LYS A 1 18 ? -0.164  6.494   -9.084  1.00 72.77  ? 18  LYS A NZ   1 
ATOM   325  H H    . LYS A 1 18 ? 2.798   5.423   -4.118  1.00 45.31  ? 18  LYS A H    1 
ATOM   326  H HA   . LYS A 1 18 ? 4.788   6.036   -5.673  1.00 66.33  ? 18  LYS A HA   1 
ATOM   327  H HB2  . LYS A 1 18 ? 2.377   7.343   -5.137  1.00 49.36  ? 18  LYS A HB2  1 
ATOM   328  H HB3  . LYS A 1 18 ? 3.479   8.123   -5.962  1.00 49.36  ? 18  LYS A HB3  1 
ATOM   329  H HG2  . LYS A 1 18 ? 3.343   6.501   -7.644  1.00 64.06  ? 18  LYS A HG2  1 
ATOM   330  H HG3  . LYS A 1 18 ? 2.182   5.778   -6.822  1.00 64.06  ? 18  LYS A HG3  1 
ATOM   331  H HD2  . LYS A 1 18 ? 0.784   7.567   -7.106  1.00 85.44  ? 18  LYS A HD2  1 
ATOM   332  H HD3  . LYS A 1 18 ? 1.957   8.448   -7.717  1.00 85.44  ? 18  LYS A HD3  1 
ATOM   333  H HE2  . LYS A 1 18 ? 1.186   7.881   -9.641  1.00 91.78  ? 18  LYS A HE2  1 
ATOM   334  H HE3  . LYS A 1 18 ? 1.829   6.453   -9.366  1.00 91.78  ? 18  LYS A HE3  1 
ATOM   335  H HZ1  . LYS A 1 18 ? -0.364  6.245   -9.915  1.00 87.32  ? 18  LYS A HZ1  1 
ATOM   336  H HZ2  . LYS A 1 18 ? -0.187  5.779   -8.555  1.00 87.32  ? 18  LYS A HZ2  1 
ATOM   337  H HZ3  . LYS A 1 18 ? -0.773  7.081   -8.805  1.00 87.32  ? 18  LYS A HZ3  1 
ATOM   338  N N    . ARG A 1 19 ? 4.749   7.696   -2.968  1.00 44.20  ? 19  ARG A N    1 
ATOM   339  C CA   . ARG A 1 19 ? 5.515   8.636   -2.163  1.00 42.78  ? 19  ARG A CA   1 
ATOM   340  C C    . ARG A 1 19 ? 6.812   8.022   -1.661  1.00 42.21  ? 19  ARG A C    1 
ATOM   341  O O    . ARG A 1 19 ? 7.858   8.680   -1.688  1.00 71.26  ? 19  ARG A O    1 
ATOM   342  C CB   . ARG A 1 19 ? 4.683   9.121   -0.987  1.00 43.30  ? 19  ARG A CB   1 
ATOM   343  C CG   . ARG A 1 19 ? 3.720   10.229  -1.346  1.00 48.80  ? 19  ARG A CG   1 
ATOM   344  C CD   . ARG A 1 19 ? 3.001   10.724  -0.111  1.00 68.66  ? 19  ARG A CD   1 
ATOM   345  N NE   . ARG A 1 19 ? 3.943   11.004  0.970   1.00 86.25  ? 19  ARG A NE   1 
ATOM   346  C CZ   . ARG A 1 19 ? 3.623   11.047  2.260   1.00 86.58  ? 19  ARG A CZ   1 
ATOM   347  N NH1  . ARG A 1 19 ? 2.375   10.834  2.652   1.00 86.13  ? 19  ARG A NH1  1 
ATOM   348  N NH2  . ARG A 1 19 ? 4.562   11.304  3.161   1.00 81.91  ? 19  ARG A NH2  1 
ATOM   349  H H    . ARG A 1 19 ? 4.087   7.332   -2.558  1.00 53.05  ? 19  ARG A H    1 
ATOM   350  H HA   . ARG A 1 19 ? 5.741   9.407   -2.709  1.00 51.34  ? 19  ARG A HA   1 
ATOM   351  H HB2  . ARG A 1 19 ? 4.165   8.378   -0.642  1.00 51.96  ? 19  ARG A HB2  1 
ATOM   352  H HB3  . ARG A 1 19 ? 5.279   9.457   -0.299  1.00 51.96  ? 19  ARG A HB3  1 
ATOM   353  H HG2  . ARG A 1 19 ? 4.211   10.970  -1.734  1.00 58.56  ? 19  ARG A HG2  1 
ATOM   354  H HG3  . ARG A 1 19 ? 3.060   9.893   -1.973  1.00 58.56  ? 19  ARG A HG3  1 
ATOM   355  H HD2  . ARG A 1 19 ? 2.527   11.543  -0.322  1.00 82.39  ? 19  ARG A HD2  1 
ATOM   356  H HD3  . ARG A 1 19 ? 2.381   10.043  0.194   1.00 82.39  ? 19  ARG A HD3  1 
ATOM   357  H HE   . ARG A 1 19 ? 4.763   11.152  0.756   1.00 103.50 ? 19  ARG A HE   1 
ATOM   358  H HH11 . ARG A 1 19 ? 1.764   10.665  2.070   1.00 103.35 ? 19  ARG A HH11 1 
ATOM   359  H HH12 . ARG A 1 19 ? 2.176   10.865  3.487   1.00 103.35 ? 19  ARG A HH12 1 
ATOM   360  H HH21 . ARG A 1 19 ? 5.372   11.444  2.910   1.00 98.29  ? 19  ARG A HH21 1 
ATOM   361  H HH22 . ARG A 1 19 ? 4.358   11.336  3.995   1.00 98.29  ? 19  ARG A HH22 1 
ATOM   362  N N    . ILE A 1 20 ? 6.767   6.776   -1.186  1.00 32.11  ? 20  ILE A N    1 
ATOM   363  C CA   . ILE A 1 20 ? 8.016   6.089   -0.858  1.00 31.75  ? 20  ILE A CA   1 
ATOM   364  C C    . ILE A 1 20 ? 8.952   6.139   -2.058  1.00 31.55  ? 20  ILE A C    1 
ATOM   365  O O    . ILE A 1 20 ? 10.122  6.533   -1.944  1.00 31.54  ? 20  ILE A O    1 
ATOM   366  C CB   . ILE A 1 20 ? 7.734   4.645   -0.406  1.00 58.45  ? 20  ILE A CB   1 
ATOM   367  C CG1  . ILE A 1 20 ? 6.959   4.661   0.916   1.00 31.86  ? 20  ILE A CG1  1 
ATOM   368  C CG2  . ILE A 1 20 ? 9.048   3.868   -0.234  1.00 31.40  ? 20  ILE A CG2  1 
ATOM   369  C CD1  . ILE A 1 20 ? 6.567   3.291   1.451   1.00 42.81  ? 20  ILE A CD1  1 
ATOM   370  H H    . ILE A 1 20 ? 6.051   6.320   -1.047  1.00 38.53  ? 20  ILE A H    1 
ATOM   371  H HA   . ILE A 1 20 ? 8.447   6.553   -0.124  1.00 38.11  ? 20  ILE A HA   1 
ATOM   372  H HB   . ILE A 1 20 ? 7.195   4.204   -1.081  1.00 70.14  ? 20  ILE A HB   1 
ATOM   373  H HG12 . ILE A 1 20 ? 7.507   5.092   1.589   1.00 38.24  ? 20  ILE A HG12 1 
ATOM   374  H HG13 . ILE A 1 20 ? 6.142   5.169   0.787   1.00 38.24  ? 20  ILE A HG13 1 
ATOM   375  H HG21 . ILE A 1 20 ? 8.845   2.964   0.051   1.00 37.68  ? 20  ILE A HG21 1 
ATOM   376  H HG22 . ILE A 1 20 ? 9.518   3.851   -1.083  1.00 37.68  ? 20  ILE A HG22 1 
ATOM   377  H HG23 . ILE A 1 20 ? 9.592   4.313   0.436   1.00 37.68  ? 20  ILE A HG23 1 
ATOM   378  H HD11 . ILE A 1 20 ? 6.084   3.405   2.284   1.00 51.37  ? 20  ILE A HD11 1 
ATOM   379  H HD12 . ILE A 1 20 ? 6.002   2.848   0.799   1.00 51.37  ? 20  ILE A HD12 1 
ATOM   380  H HD13 . ILE A 1 20 ? 7.370   2.770   1.603   1.00 51.37  ? 20  ILE A HD13 1 
ATOM   381  N N    . VAL A 1 21 ? 8.437   5.792   -3.240  1.00 31.54  ? 21  VAL A N    1 
ATOM   382  C CA   . VAL A 1 21 ? 9.263   5.782   -4.446  1.00 49.65  ? 21  VAL A CA   1 
ATOM   383  C C    . VAL A 1 21 ? 9.801   7.180   -4.738  1.00 39.51  ? 21  VAL A C    1 
ATOM   384  O O    . VAL A 1 21 ? 10.989  7.359   -5.026  1.00 48.03  ? 21  VAL A O    1 
ATOM   385  C CB   . VAL A 1 21 ? 8.455   5.230   -5.636  1.00 44.38  ? 21  VAL A CB   1 
ATOM   386  C CG1  . VAL A 1 21 ? 9.158   5.516   -6.965  1.00 32.08  ? 21  VAL A CG1  1 
ATOM   387  C CG2  . VAL A 1 21 ? 8.224   3.742   -5.472  1.00 56.65  ? 21  VAL A CG2  1 
ATOM   388  H H    . VAL A 1 21 ? 7.619   5.559   -3.369  1.00 37.85  ? 21  VAL A H    1 
ATOM   389  H HA   . VAL A 1 21 ? 10.021  5.194   -4.302  1.00 59.58  ? 21  VAL A HA   1 
ATOM   390  H HB   . VAL A 1 21 ? 7.589   5.666   -5.658  1.00 53.25  ? 21  VAL A HB   1 
ATOM   391  H HG11 . VAL A 1 21 ? 8.621   5.155   -7.689  1.00 38.50  ? 21  VAL A HG11 1 
ATOM   392  H HG12 . VAL A 1 21 ? 9.254   6.475   -7.070  1.00 38.50  ? 21  VAL A HG12 1 
ATOM   393  H HG13 . VAL A 1 21 ? 10.031  5.094   -6.957  1.00 38.50  ? 21  VAL A HG13 1 
ATOM   394  H HG21 . VAL A 1 21 ? 7.716   3.416   -6.232  1.00 67.98  ? 21  VAL A HG21 1 
ATOM   395  H HG22 . VAL A 1 21 ? 9.083   3.291   -5.432  1.00 67.98  ? 21  VAL A HG22 1 
ATOM   396  H HG23 . VAL A 1 21 ? 7.729   3.587   -4.652  1.00 67.98  ? 21  VAL A HG23 1 
ATOM   397  N N    . GLN A 1 22 ? 8.933   8.188   -4.665  1.00 52.11  ? 22  GLN A N    1 
ATOM   398  C CA   . GLN A 1 22 ? 9.342   9.553   -4.984  1.00 40.36  ? 22  GLN A CA   1 
ATOM   399  C C    . GLN A 1 22 ? 10.422  10.037  -4.022  1.00 40.30  ? 22  GLN A C    1 
ATOM   400  O O    . GLN A 1 22 ? 11.411  10.656  -4.438  1.00 40.46  ? 22  GLN A O    1 
ATOM   401  C CB   . GLN A 1 22 ? 8.112   10.461  -4.941  1.00 41.14  ? 22  GLN A CB   1 
ATOM   402  C CG   . GLN A 1 22 ? 8.194   11.756  -5.745  1.00 62.40  ? 22  GLN A CG   1 
ATOM   403  C CD   . GLN A 1 22 ? 8.454   11.529  -7.230  1.00 61.12  ? 22  GLN A CD   1 
ATOM   404  O OE1  . GLN A 1 22 ? 7.851   10.650  -7.850  1.00 77.97  ? 22  GLN A OE1  1 
ATOM   405  N NE2  . GLN A 1 22 ? 9.296   12.368  -7.821  1.00 84.59  ? 22  GLN A NE2  1 
ATOM   406  H H    . GLN A 1 22 ? 8.108   8.108   -4.435  1.00 62.54  ? 22  GLN A H    1 
ATOM   407  H HA   . GLN A 1 22 ? 9.705   9.577   -5.883  1.00 48.44  ? 22  GLN A HA   1 
ATOM   408  H HB2  . GLN A 1 22 ? 7.355   9.960   -5.278  1.00 49.37  ? 22  GLN A HB2  1 
ATOM   409  H HB3  . GLN A 1 22 ? 7.950   10.706  -4.016  1.00 49.37  ? 22  GLN A HB3  1 
ATOM   410  H HG2  . GLN A 1 22 ? 7.353   12.232  -5.659  1.00 74.89  ? 22  GLN A HG2  1 
ATOM   411  H HG3  . GLN A 1 22 ? 8.917   12.300  -5.395  1.00 74.89  ? 22  GLN A HG3  1 
ATOM   412  H HE21 . GLN A 1 22 ? 9.662   13.000  -7.366  1.00 101.50 ? 22  GLN A HE21 1 
ATOM   413  H HE22 . GLN A 1 22 ? 9.475   12.280  -8.656  1.00 101.50 ? 22  GLN A HE22 1 
ATOM   414  N N    . ARG A 1 23 ? 10.252  9.751   -2.727  1.00 38.52  ? 23  ARG A N    1 
ATOM   415  C CA   . ARG A 1 23 ? 11.225  10.151  -1.715  1.00 38.67  ? 23  ARG A CA   1 
ATOM   416  C C    . ARG A 1 23 ? 12.564  9.447   -1.930  1.00 55.68  ? 23  ARG A C    1 
ATOM   417  O O    . ARG A 1 23 ? 13.629  10.064  -1.790  1.00 38.39  ? 23  ARG A O    1 
ATOM   418  C CB   . ARG A 1 23 ? 10.657  9.844   -0.327  1.00 38.83  ? 23  ARG A CB   1 
ATOM   419  C CG   . ARG A 1 23 ? 11.570  10.149  0.845   1.00 55.85  ? 23  ARG A CG   1 
ATOM   420  C CD   . ARG A 1 23 ? 11.981  11.611  0.897   1.00 90.47  ? 23  ARG A CD   1 
ATOM   421  N NE   . ARG A 1 23 ? 10.861  12.526  0.689   1.00 72.41  ? 23  ARG A NE   1 
ATOM   422  C CZ   . ARG A 1 23 ? 9.887   12.740  1.569   1.00 102.47 ? 23  ARG A CZ   1 
ATOM   423  N NH1  . ARG A 1 23 ? 9.875   12.096  2.729   1.00 105.16 ? 23  ARG A NH1  1 
ATOM   424  N NH2  . ARG A 1 23 ? 8.916   13.601  1.288   1.00 74.61  ? 23  ARG A NH2  1 
ATOM   425  H H    . ARG A 1 23 ? 9.575   9.323   -2.410  1.00 46.23  ? 23  ARG A H    1 
ATOM   426  H HA   . ARG A 1 23 ? 11.373  11.107  -1.777  1.00 46.41  ? 23  ARG A HA   1 
ATOM   427  H HB2  . ARG A 1 23 ? 9.848   10.364  -0.207  1.00 46.59  ? 23  ARG A HB2  1 
ATOM   428  H HB3  . ARG A 1 23 ? 10.442  8.899   -0.288  1.00 46.59  ? 23  ARG A HB3  1 
ATOM   429  H HG2  . ARG A 1 23 ? 11.106  9.938   1.671   1.00 67.02  ? 23  ARG A HG2  1 
ATOM   430  H HG3  . ARG A 1 23 ? 12.374  9.613   0.769   1.00 67.02  ? 23  ARG A HG3  1 
ATOM   431  H HD2  . ARG A 1 23 ? 12.365  11.800  1.767   1.00 108.56 ? 23  ARG A HD2  1 
ATOM   432  H HD3  . ARG A 1 23 ? 12.638  11.778  0.201   1.00 108.56 ? 23  ARG A HD3  1 
ATOM   433  H HE   . ARG A 1 23 ? 10.829  12.957  -0.055  1.00 86.89  ? 23  ARG A HE   1 
ATOM   434  H HH11 . ARG A 1 23 ? 10.502  11.539  2.918   1.00 126.19 ? 23  ARG A HH11 1 
ATOM   435  H HH12 . ARG A 1 23 ? 9.241   12.238  3.293   1.00 126.19 ? 23  ARG A HH12 1 
ATOM   436  H HH21 . ARG A 1 23 ? 8.918   14.019  0.536   1.00 89.53  ? 23  ARG A HH21 1 
ATOM   437  H HH22 . ARG A 1 23 ? 8.284   13.736  1.854   1.00 89.53  ? 23  ARG A HH22 1 
ATOM   438  N N    . ILE A 1 24 ? 12.529  8.151   -2.246  1.00 38.59  ? 24  ILE A N    1 
ATOM   439  C CA   . ILE A 1 24 ? 13.761  7.438   -2.587  1.00 31.50  ? 24  ILE A CA   1 
ATOM   440  C C    . ILE A 1 24 ? 14.434  8.095   -3.784  1.00 31.60  ? 24  ILE A C    1 
ATOM   441  O O    . ILE A 1 24 ? 15.657  8.284   -3.801  1.00 31.63  ? 24  ILE A O    1 
ATOM   442  C CB   . ILE A 1 24 ? 13.467  5.945   -2.836  1.00 31.20  ? 24  ILE A CB   1 
ATOM   443  C CG1  . ILE A 1 24 ? 13.081  5.261   -1.518  1.00 40.15  ? 24  ILE A CG1  1 
ATOM   444  C CG2  . ILE A 1 24 ? 14.667  5.251   -3.478  1.00 31.12  ? 24  ILE A CG2  1 
ATOM   445  C CD1  . ILE A 1 24 ? 12.657  3.804   -1.654  1.00 54.29  ? 24  ILE A CD1  1 
ATOM   446  H H    . ILE A 1 24 ? 11.817  7.669   -2.271  1.00 46.31  ? 24  ILE A H    1 
ATOM   447  H HA   . ILE A 1 24 ? 14.371  7.498   -1.836  1.00 37.80  ? 24  ILE A HA   1 
ATOM   448  H HB   . ILE A 1 24 ? 12.715  5.879   -3.444  1.00 37.44  ? 24  ILE A HB   1 
ATOM   449  H HG12 . ILE A 1 24 ? 13.844  5.288   -0.920  1.00 48.18  ? 24  ILE A HG12 1 
ATOM   450  H HG13 . ILE A 1 24 ? 12.340  5.745   -1.123  1.00 48.18  ? 24  ILE A HG13 1 
ATOM   451  H HG21 . ILE A 1 24 ? 14.452  4.316   -3.621  1.00 37.34  ? 24  ILE A HG21 1 
ATOM   452  H HG22 . ILE A 1 24 ? 14.862  5.680   -4.327  1.00 37.34  ? 24  ILE A HG22 1 
ATOM   453  H HG23 . ILE A 1 24 ? 15.431  5.328   -2.886  1.00 37.34  ? 24  ILE A HG23 1 
ATOM   454  H HD11 . ILE A 1 24 ? 12.433  3.458   -0.776  1.00 65.15  ? 24  ILE A HD11 1 
ATOM   455  H HD12 . ILE A 1 24 ? 11.883  3.755   -2.238  1.00 65.15  ? 24  ILE A HD12 1 
ATOM   456  H HD13 . ILE A 1 24 ? 13.390  3.296   -2.034  1.00 65.15  ? 24  ILE A HD13 1 
ATOM   457  N N    . LYS A 1 25 ? 13.656  8.441   -4.812  1.00 36.53  ? 25  LYS A N    1 
ATOM   458  C CA   . LYS A 1 25 ? 14.220  9.106   -5.983  1.00 38.77  ? 25  LYS A CA   1 
ATOM   459  C C    . LYS A 1 25 ? 14.927  10.394  -5.586  1.00 60.65  ? 25  LYS A C    1 
ATOM   460  O O    . LYS A 1 25 ? 16.049  10.665  -6.034  1.00 50.56  ? 25  LYS A O    1 
ATOM   461  C CB   . LYS A 1 25 ? 13.118  9.392   -7.002  1.00 37.24  ? 25  LYS A CB   1 
ATOM   462  C CG   . LYS A 1 25 ? 12.999  8.352   -8.108  1.00 49.11  ? 25  LYS A CG   1 
ATOM   463  C CD   . LYS A 1 25 ? 11.563  8.229   -8.593  1.00 58.80  ? 25  LYS A CD   1 
ATOM   464  C CE   . LYS A 1 25 ? 11.490  7.706   -10.019 1.00 83.70  ? 25  LYS A CE   1 
ATOM   465  N NZ   . LYS A 1 25 ? 11.753  8.782   -11.018 1.00 86.66  ? 25  LYS A NZ   1 
ATOM   466  H H    . LYS A 1 25 ? 12.807  8.302   -4.855  1.00 43.84  ? 25  LYS A H    1 
ATOM   467  H HA   . LYS A 1 25 ? 14.873  8.520   -6.397  1.00 46.52  ? 25  LYS A HA   1 
ATOM   468  H HB2  . LYS A 1 25 ? 12.268  9.427   -6.537  1.00 44.69  ? 25  LYS A HB2  1 
ATOM   469  H HB3  . LYS A 1 25 ? 13.298  10.248  -7.421  1.00 44.69  ? 25  LYS A HB3  1 
ATOM   470  H HG2  . LYS A 1 25 ? 13.553  8.616   -8.859  1.00 58.94  ? 25  LYS A HG2  1 
ATOM   471  H HG3  . LYS A 1 25 ? 13.281  7.488   -7.769  1.00 58.94  ? 25  LYS A HG3  1 
ATOM   472  H HD2  . LYS A 1 25 ? 11.085  7.610   -8.019  1.00 70.56  ? 25  LYS A HD2  1 
ATOM   473  H HD3  . LYS A 1 25 ? 11.142  9.102   -8.568  1.00 70.56  ? 25  LYS A HD3  1 
ATOM   474  H HE2  . LYS A 1 25 ? 12.155  7.011   -10.138 1.00 100.44 ? 25  LYS A HE2  1 
ATOM   475  H HE3  . LYS A 1 25 ? 10.602  7.351   -10.182 1.00 100.44 ? 25  LYS A HE3  1 
ATOM   476  H HZ1  . LYS A 1 25 ? 11.704  8.450   -11.842 1.00 104.00 ? 25  LYS A HZ1  1 
ATOM   477  H HZ2  . LYS A 1 25 ? 11.150  9.431   -10.931 1.00 104.00 ? 25  LYS A HZ2  1 
ATOM   478  H HZ3  . LYS A 1 25 ? 12.566  9.122   -10.891 1.00 104.00 ? 25  LYS A HZ3  1 
ATOM   479  N N    . ASP A 1 26 ? 14.293  11.197  -4.730  1.00 45.31  ? 26  ASP A N    1 
ATOM   480  C CA   . ASP A 1 26 ? 14.922  12.438  -4.294  1.00 45.91  ? 26  ASP A CA   1 
ATOM   481  C C    . ASP A 1 26 ? 16.228  12.148  -3.565  1.00 54.30  ? 26  ASP A C    1 
ATOM   482  O O    . ASP A 1 26 ? 17.255  12.790  -3.831  1.00 66.96  ? 26  ASP A O    1 
ATOM   483  C CB   . ASP A 1 26 ? 13.961  13.232  -3.410  1.00 46.59  ? 26  ASP A CB   1 
ATOM   484  C CG   . ASP A 1 26 ? 12.659  13.564  -4.121  1.00 69.86  ? 26  ASP A CG   1 
ATOM   485  O OD1  . ASP A 1 26 ? 12.629  13.497  -5.369  1.00 75.50  ? 26  ASP A OD1  1 
ATOM   486  O OD2  . ASP A 1 26 ? 11.666  13.894  -3.437  1.00 62.27  ? 26  ASP A OD2  1 
ATOM   487  H H    . ASP A 1 26 ? 13.515  11.047  -4.395  1.00 54.37  ? 26  ASP A H    1 
ATOM   488  H HA   . ASP A 1 26 ? 15.127  12.978  -5.073  1.00 55.10  ? 26  ASP A HA   1 
ATOM   489  H HB2  . ASP A 1 26 ? 13.749  12.706  -2.622  1.00 55.91  ? 26  ASP A HB2  1 
ATOM   490  H HB3  . ASP A 1 26 ? 14.384  14.065  -3.151  1.00 55.91  ? 26  ASP A HB3  1 
ATOM   491  N N    . PHE A 1 27 ? 16.216  11.166  -2.659  1.00 66.03  ? 27  PHE A N    1 
ATOM   492  C CA   . PHE A 1 27 ? 17.450  10.775  -1.984  1.00 32.75  ? 27  PHE A CA   1 
ATOM   493  C C    . PHE A 1 27 ? 18.539  10.409  -2.983  1.00 32.46  ? 27  PHE A C    1 
ATOM   494  O O    . PHE A 1 27 ? 19.695  10.819  -2.826  1.00 32.71  ? 27  PHE A O    1 
ATOM   495  C CB   . PHE A 1 27 ? 17.188  9.601   -1.041  1.00 32.51  ? 27  PHE A CB   1 
ATOM   496  C CG   . PHE A 1 27 ? 18.438  8.978   -0.492  1.00 56.10  ? 27  PHE A CG   1 
ATOM   497  C CD1  . PHE A 1 27 ? 19.020  9.453   0.669   1.00 33.24  ? 27  PHE A CD1  1 
ATOM   498  C CD2  . PHE A 1 27 ? 19.037  7.915   -1.149  1.00 32.20  ? 27  PHE A CD2  1 
ATOM   499  C CE1  . PHE A 1 27 ? 20.174  8.878   1.166   1.00 33.49  ? 27  PHE A CE1  1 
ATOM   500  C CE2  . PHE A 1 27 ? 20.188  7.338   -0.658  1.00 42.64  ? 27  PHE A CE2  1 
ATOM   501  C CZ   . PHE A 1 27 ? 20.758  7.820   0.500   1.00 33.09  ? 27  PHE A CZ   1 
ATOM   502  H H    . PHE A 1 27 ? 15.519  10.719  -2.424  1.00 79.23  ? 27  PHE A H    1 
ATOM   503  H HA   . PHE A 1 27 ? 17.769  11.521  -1.452  1.00 39.30  ? 27  PHE A HA   1 
ATOM   504  H HB2  . PHE A 1 27 ? 16.659  9.913   -0.291  1.00 39.01  ? 27  PHE A HB2  1 
ATOM   505  H HB3  . PHE A 1 27 ? 16.702  8.914   -1.524  1.00 39.01  ? 27  PHE A HB3  1 
ATOM   506  H HD1  . PHE A 1 27 ? 18.630  10.168  1.120   1.00 39.89  ? 27  PHE A HD1  1 
ATOM   507  H HD2  . PHE A 1 27 ? 18.657  7.587   -1.931  1.00 38.64  ? 27  PHE A HD2  1 
ATOM   508  H HE1  . PHE A 1 27 ? 20.557  9.204   1.949   1.00 40.19  ? 27  PHE A HE1  1 
ATOM   509  H HE2  . PHE A 1 27 ? 20.580  6.623   -1.108  1.00 51.17  ? 27  PHE A HE2  1 
ATOM   510  H HZ   . PHE A 1 27 ? 21.534  7.431   0.835   1.00 39.71  ? 27  PHE A HZ   1 
ATOM   511  N N    . LEU A 1 28 ? 18.196  9.639   -4.016  1.00 32.06  ? 28  LEU A N    1 
ATOM   512  C CA   . LEU A 1 28 ? 19.193  9.220   -4.995  1.00 38.75  ? 28  LEU A CA   1 
ATOM   513  C C    . LEU A 1 28 ? 19.735  10.403  -5.786  1.00 32.35  ? 28  LEU A C    1 
ATOM   514  O O    . LEU A 1 28 ? 20.923  10.430  -6.128  1.00 32.42  ? 28  LEU A O    1 
ATOM   515  C CB   . LEU A 1 28 ? 18.599  8.178   -5.942  1.00 48.92  ? 28  LEU A CB   1 
ATOM   516  C CG   . LEU A 1 28 ? 18.154  6.855   -5.315  1.00 50.87  ? 28  LEU A CG   1 
ATOM   517  C CD1  . LEU A 1 28 ? 17.580  5.935   -6.380  1.00 39.86  ? 28  LEU A CD1  1 
ATOM   518  C CD2  . LEU A 1 28 ? 19.297  6.178   -4.567  1.00 49.75  ? 28  LEU A CD2  1 
ATOM   519  H H    . LEU A 1 28 ? 17.400  9.350   -4.170  1.00 38.48  ? 28  LEU A H    1 
ATOM   520  H HA   . LEU A 1 28 ? 19.936  8.809   -4.527  1.00 46.50  ? 28  LEU A HA   1 
ATOM   521  H HB2  . LEU A 1 28 ? 17.821  8.568   -6.371  1.00 58.70  ? 28  LEU A HB2  1 
ATOM   522  H HB3  . LEU A 1 28 ? 19.264  7.967   -6.615  1.00 58.70  ? 28  LEU A HB3  1 
ATOM   523  H HG   . LEU A 1 28 ? 17.450  7.037   -4.673  1.00 61.04  ? 28  LEU A HG   1 
ATOM   524  H HD11 . LEU A 1 28 ? 17.305  5.104   -5.964  1.00 47.83  ? 28  LEU A HD11 1 
ATOM   525  H HD12 . LEU A 1 28 ? 16.816  6.369   -6.792  1.00 47.83  ? 28  LEU A HD12 1 
ATOM   526  H HD13 . LEU A 1 28 ? 18.262  5.762   -7.048  1.00 47.83  ? 28  LEU A HD13 1 
ATOM   527  H HD21 . LEU A 1 28 ? 18.975  5.346   -4.186  1.00 59.70  ? 28  LEU A HD21 1 
ATOM   528  H HD22 . LEU A 1 28 ? 20.019  5.999   -5.190  1.00 59.70  ? 28  LEU A HD22 1 
ATOM   529  H HD23 . LEU A 1 28 ? 19.605  6.768   -3.861  1.00 59.70  ? 28  LEU A HD23 1 
ATOM   530  N N    . ARG A 1 29 ? 18.887  11.383  -6.102  1.00 37.45  ? 29  ARG A N    1 
ATOM   531  C CA   . ARG A 1 29 ? 19.372  12.558  -6.815  1.00 48.38  ? 29  ARG A CA   1 
ATOM   532  C C    . ARG A 1 29 ? 20.151  13.511  -5.917  1.00 63.01  ? 29  ARG A C    1 
ATOM   533  O O    . ARG A 1 29 ? 20.855  14.383  -6.437  1.00 41.87  ? 29  ARG A O    1 
ATOM   534  C CB   . ARG A 1 29 ? 18.208  13.296  -7.481  1.00 39.94  ? 29  ARG A CB   1 
ATOM   535  C CG   . ARG A 1 29 ? 17.469  12.469  -8.536  1.00 69.78  ? 29  ARG A CG   1 
ATOM   536  C CD   . ARG A 1 29 ? 18.417  11.893  -9.585  1.00 75.09  ? 29  ARG A CD   1 
ATOM   537  N NE   . ARG A 1 29 ? 17.723  11.060  -10.564 1.00 70.20  ? 29  ARG A NE   1 
ATOM   538  C CZ   . ARG A 1 29 ? 17.466  9.764   -10.406 1.00 78.46  ? 29  ARG A CZ   1 
ATOM   539  N NH1  . ARG A 1 29 ? 17.835  9.133   -9.298  1.00 54.55  ? 29  ARG A NH1  1 
ATOM   540  N NH2  . ARG A 1 29 ? 16.833  9.096   -11.362 1.00 92.06  ? 29  ARG A NH2  1 
ATOM   541  H H    . ARG A 1 29 ? 18.047  11.391  -5.918  1.00 44.94  ? 29  ARG A H    1 
ATOM   542  H HA   . ARG A 1 29 ? 19.972  12.264  -7.518  1.00 58.06  ? 29  ARG A HA   1 
ATOM   543  H HB2  . ARG A 1 29 ? 17.566  13.546  -6.798  1.00 47.93  ? 29  ARG A HB2  1 
ATOM   544  H HB3  . ARG A 1 29 ? 18.551  14.092  -7.916  1.00 47.93  ? 29  ARG A HB3  1 
ATOM   545  H HG2  . ARG A 1 29 ? 17.016  11.730  -8.099  1.00 83.74  ? 29  ARG A HG2  1 
ATOM   546  H HG3  . ARG A 1 29 ? 16.825  13.035  -8.989  1.00 83.74  ? 29  ARG A HG3  1 
ATOM   547  H HD2  . ARG A 1 29 ? 18.846  12.622  -10.059 1.00 90.11  ? 29  ARG A HD2  1 
ATOM   548  H HD3  . ARG A 1 29 ? 19.084  11.345  -9.142  1.00 90.11  ? 29  ARG A HD3  1 
ATOM   549  H HE   . ARG A 1 29 ? 17.463  11.433  -11.294 1.00 84.24  ? 29  ARG A HE   1 
ATOM   550  H HH11 . ARG A 1 29 ? 18.246  9.561   -8.677  1.00 65.46  ? 29  ARG A HH11 1 
ATOM   551  H HH12 . ARG A 1 29 ? 17.663  8.295   -9.204  1.00 65.46  ? 29  ARG A HH12 1 
ATOM   552  H HH21 . ARG A 1 29 ? 16.590  9.500   -12.080 1.00 110.47 ? 29  ARG A HH21 1 
ATOM   553  H HH22 . ARG A 1 29 ? 16.662  8.260   -11.260 1.00 110.47 ? 29  ARG A HH22 1 
ATOM   554  N N    . ASN A 1 30 ? 20.045  13.373  -4.592  1.00 39.50  ? 30  ASN A N    1 
ATOM   555  C CA   . ASN A 1 30 ? 21.021  14.010  -3.714  1.00 34.24  ? 30  ASN A CA   1 
ATOM   556  C C    . ASN A 1 30 ? 22.321  13.213  -3.673  1.00 37.54  ? 30  ASN A C    1 
ATOM   557  O O    . ASN A 1 30 ? 23.409  13.793  -3.598  1.00 44.27  ? 30  ASN A O    1 
ATOM   558  C CB   . ASN A 1 30 ? 20.460  14.162  -2.300  1.00 34.59  ? 30  ASN A CB   1 
ATOM   559  C CG   . ASN A 1 30 ? 19.415  15.249  -2.197  1.00 49.03  ? 30  ASN A CG   1 
ATOM   560  O OD1  . ASN A 1 30 ? 19.402  16.193  -2.988  1.00 83.47  ? 30  ASN A OD1  1 
ATOM   561  N ND2  . ASN A 1 30 ? 18.535  15.129  -1.211  1.00 50.77  ? 30  ASN A ND2  1 
ATOM   562  H H    . ASN A 1 30 ? 19.431  12.927  -4.188  1.00 47.40  ? 30  ASN A H    1 
ATOM   563  H HA   . ASN A 1 30 ? 21.223  14.896  -4.055  1.00 41.09  ? 30  ASN A HA   1 
ATOM   564  H HB2  . ASN A 1 30 ? 20.050  13.325  -2.032  1.00 41.51  ? 30  ASN A HB2  1 
ATOM   565  H HB3  . ASN A 1 30 ? 21.186  14.385  -1.695  1.00 41.51  ? 30  ASN A HB3  1 
ATOM   566  H HD21 . ASN A 1 30 ? 17.920  15.722  -1.109  1.00 60.92  ? 30  ASN A HD21 1 
ATOM   567  H HD22 . ASN A 1 30 ? 18.581  14.459  -0.674  1.00 60.92  ? 30  ASN A HD22 1 
ATOM   568  N N    . LEU A 1 31 ? 22.220  11.885  -3.698  1.00 33.43  ? 31  LEU A N    1 
ATOM   569  C CA   . LEU A 1 31 ? 23.404  11.036  -3.610  1.00 48.33  ? 31  LEU A CA   1 
ATOM   570  C C    . LEU A 1 31 ? 24.241  11.106  -4.882  1.00 37.54  ? 31  LEU A C    1 
ATOM   571  O O    . LEU A 1 31 ? 25.471  11.207  -4.812  1.00 39.93  ? 31  LEU A O    1 
ATOM   572  C CB   . LEU A 1 31 ? 22.980  9.596   -3.321  1.00 32.83  ? 31  LEU A CB   1 
ATOM   573  C CG   . LEU A 1 31 ? 24.076  8.604   -2.933  1.00 69.07  ? 31  LEU A CG   1 
ATOM   574  C CD1  . LEU A 1 31 ? 24.710  8.972   -1.600  1.00 48.12  ? 31  LEU A CD1  1 
ATOM   575  C CD2  . LEU A 1 31 ? 23.496  7.200   -2.874  1.00 40.22  ? 31  LEU A CD2  1 
ATOM   576  H H    . LEU A 1 31 ? 21.480  11.452  -3.763  1.00 40.12  ? 31  LEU A H    1 
ATOM   577  H HA   . LEU A 1 31 ? 23.955  11.340  -2.873  1.00 58.00  ? 31  LEU A HA   1 
ATOM   578  H HB2  . LEU A 1 31 ? 22.340  9.612   -2.593  1.00 39.40  ? 31  LEU A HB2  1 
ATOM   579  H HB3  . LEU A 1 31 ? 22.548  9.244   -4.116  1.00 39.40  ? 31  LEU A HB3  1 
ATOM   580  H HG   . LEU A 1 31 ? 24.770  8.615   -3.610  1.00 82.89  ? 31  LEU A HG   1 
ATOM   581  H HD11 . LEU A 1 31 ? 25.398  8.323   -1.387  1.00 57.74  ? 31  LEU A HD11 1 
ATOM   582  H HD12 . LEU A 1 31 ? 25.100  9.857   -1.671  1.00 57.74  ? 31  LEU A HD12 1 
ATOM   583  H HD13 . LEU A 1 31 ? 24.025  8.966   -0.912  1.00 57.74  ? 31  LEU A HD13 1 
ATOM   584  H HD21 . LEU A 1 31 ? 24.198  6.578   -2.627  1.00 48.27  ? 31  LEU A HD21 1 
ATOM   585  H HD22 . LEU A 1 31 ? 22.787  7.179   -2.212  1.00 48.27  ? 31  LEU A HD22 1 
ATOM   586  H HD23 . LEU A 1 31 ? 23.142  6.969   -3.747  1.00 48.27  ? 31  LEU A HD23 1 
ATOM   587  N N    . VAL A 1 32 ? 23.601  11.063  -6.048  1.00 38.37  ? 32  VAL A N    1 
ATOM   588  C CA   . VAL A 1 32 ? 24.325  11.077  -7.317  1.00 34.67  ? 32  VAL A CA   1 
ATOM   589  C C    . VAL A 1 32 ? 23.720  12.139  -8.228  1.00 35.82  ? 32  VAL A C    1 
ATOM   590  O O    . VAL A 1 32 ? 22.897  11.813  -9.095  1.00 59.16  ? 32  VAL A O    1 
ATOM   591  C CB   . VAL A 1 32 ? 24.307  9.690   -7.981  1.00 41.75  ? 32  VAL A CB   1 
ATOM   592  C CG1  . VAL A 1 32 ? 25.051  9.718   -9.311  1.00 34.61  ? 32  VAL A CG1  1 
ATOM   593  C CG2  . VAL A 1 32 ? 24.923  8.651   -7.058  1.00 58.87  ? 32  VAL A CG2  1 
ATOM   594  H H    . VAL A 1 32 ? 22.747  11.025  -6.130  1.00 46.04  ? 32  VAL A H    1 
ATOM   595  H HA   . VAL A 1 32 ? 25.250  11.317  -7.151  1.00 41.60  ? 32  VAL A HA   1 
ATOM   596  H HB   . VAL A 1 32 ? 23.387  9.433   -8.155  1.00 50.10  ? 32  VAL A HB   1 
ATOM   597  H HG11 . VAL A 1 32 ? 25.023  8.831   -9.705  1.00 41.54  ? 32  VAL A HG11 1 
ATOM   598  H HG12 . VAL A 1 32 ? 24.621  10.356  -9.900  1.00 41.54  ? 32  VAL A HG12 1 
ATOM   599  H HG13 . VAL A 1 32 ? 25.971  9.979   -9.152  1.00 41.54  ? 32  VAL A HG13 1 
ATOM   600  H HG21 . VAL A 1 32 ? 24.900  7.786   -7.497  1.00 70.65  ? 32  VAL A HG21 1 
ATOM   601  H HG22 . VAL A 1 32 ? 25.840  8.902   -6.867  1.00 70.65  ? 32  VAL A HG22 1 
ATOM   602  H HG23 . VAL A 1 32 ? 24.411  8.618   -6.234  1.00 70.65  ? 32  VAL A HG23 1 
ATOM   603  N N    . PRO A 1 33 ? 24.080  13.411  -8.064  1.00 48.90  ? 33  PRO A N    1 
ATOM   604  C CA   . PRO A 1 33 ? 23.579  14.440  -8.980  1.00 42.62  ? 33  PRO A CA   1 
ATOM   605  C C    . PRO A 1 33 ? 24.183  14.291  -10.368 1.00 64.12  ? 33  PRO A C    1 
ATOM   606  O O    . PRO A 1 33 ? 25.268  13.735  -10.554 1.00 69.12  ? 33  PRO A O    1 
ATOM   607  C CB   . PRO A 1 33 ? 24.009  15.754  -8.320  1.00 50.69  ? 33  PRO A CB   1 
ATOM   608  C CG   . PRO A 1 33 ? 25.163  15.391  -7.456  1.00 63.68  ? 33  PRO A CG   1 
ATOM   609  C CD   . PRO A 1 33 ? 24.932  13.976  -7.004  1.00 58.68  ? 33  PRO A CD   1 
ATOM   610  H HA   . PRO A 1 33 ? 22.611  14.405  -9.038  1.00 51.15  ? 33  PRO A HA   1 
ATOM   611  H HB2  . PRO A 1 33 ? 24.276  16.391  -9.001  1.00 60.82  ? 33  PRO A HB2  1 
ATOM   612  H HB3  . PRO A 1 33 ? 23.279  16.106  -7.787  1.00 60.82  ? 33  PRO A HB3  1 
ATOM   613  H HG2  . PRO A 1 33 ? 25.983  15.452  -7.971  1.00 76.41  ? 33  PRO A HG2  1 
ATOM   614  H HG3  . PRO A 1 33 ? 25.196  15.989  -6.693  1.00 76.41  ? 33  PRO A HG3  1 
ATOM   615  H HD2  . PRO A 1 33 ? 25.772  13.496  -6.953  1.00 70.42  ? 33  PRO A HD2  1 
ATOM   616  H HD3  . PRO A 1 33 ? 24.464  13.966  -6.154  1.00 70.42  ? 33  PRO A HD3  1 
ATOM   617  N N    . ARG A 1 34 ? 23.454  14.805  -11.355 1.00 75.92  ? 34  ARG A N    1 
ATOM   618  C CA   . ARG A 1 34 ? 23.887  14.731  -12.746 1.00 74.42  ? 34  ARG A CA   1 
ATOM   619  C C    . ARG A 1 34 ? 24.925  15.804  -13.062 1.00 61.26  ? 34  ARG A C    1 
ATOM   620  O O    . ARG A 1 34 ? 25.455  16.451  -12.161 1.00 74.55  ? 34  ARG A O    1 
ATOM   621  C CB   . ARG A 1 34 ? 22.687  14.876  -13.684 1.00 70.10  ? 34  ARG A CB   1 
ATOM   622  H H    . ARG A 1 34 ? 22.700  15.203  -11.243 1.00 91.10  ? 34  ARG A H    1 
ATOM   623  H HA   . ARG A 1 34 ? 24.292  13.865  -12.907 1.00 89.30  ? 34  ARG A HA   1 
ATOM   624  N N    . LEU B 1 1  ? 10.601  -3.842  5.720   1.00 69.63  ? 1   LEU B N    1 
ATOM   625  C CA   . LEU B 1 1  ? 10.933  -3.959  4.272   1.00 65.96  ? 1   LEU B CA   1 
ATOM   626  C C    . LEU B 1 1  ? 12.093  -3.041  3.915   1.00 69.09  ? 1   LEU B C    1 
ATOM   627  O O    . LEU B 1 1  ? 13.020  -3.440  3.216   1.00 80.60  ? 1   LEU B O    1 
ATOM   628  C CB   . LEU B 1 1  ? 9.718   -3.614  3.407   1.00 80.16  ? 1   LEU B CB   1 
ATOM   629  C CG   . LEU B 1 1  ? 9.882   -3.789  1.893   1.00 79.31  ? 1   LEU B CG   1 
ATOM   630  C CD1  . LEU B 1 1  ? 10.303  -5.213  1.538   1.00 71.86  ? 1   LEU B CD1  1 
ATOM   631  C CD2  . LEU B 1 1  ? 8.606   -3.402  1.163   1.00 71.38  ? 1   LEU B CD2  1 
ATOM   632  H H1   . LEU B 1 1  ? 9.973   -4.437  5.929   1.00 83.55  ? 1   LEU B H1   1 
ATOM   633  H H2   . LEU B 1 1  ? 11.330  -3.998  6.205   1.00 83.55  ? 1   LEU B H2   1 
ATOM   634  H H3   . LEU B 1 1  ? 10.301  -3.022  5.890   1.00 83.55  ? 1   LEU B H3   1 
ATOM   635  H HA   . LEU B 1 1  ? 11.196  -4.873  4.076   1.00 79.15  ? 1   LEU B HA   1 
ATOM   636  H HB2  . LEU B 1 1  ? 8.979   -4.178  3.684   1.00 96.19  ? 1   LEU B HB2  1 
ATOM   637  H HB3  . LEU B 1 1  ? 9.489   -2.684  3.565   1.00 96.19  ? 1   LEU B HB3  1 
ATOM   638  H HG   . LEU B 1 1  ? 10.584  -3.194  1.589   1.00 95.17  ? 1   LEU B HG   1 
ATOM   639  H HD11 . LEU B 1 1  ? 10.395  -5.283  0.574   1.00 86.23  ? 1   LEU B HD11 1 
ATOM   640  H HD12 . LEU B 1 1  ? 11.151  -5.407  1.966   1.00 86.23  ? 1   LEU B HD12 1 
ATOM   641  H HD13 . LEU B 1 1  ? 9.624   -5.831  1.850   1.00 86.23  ? 1   LEU B HD13 1 
ATOM   642  H HD21 . LEU B 1 1  ? 8.739   -3.523  0.209   1.00 85.66  ? 1   LEU B HD21 1 
ATOM   643  H HD22 . LEU B 1 1  ? 7.882   -3.969  1.470   1.00 85.66  ? 1   LEU B HD22 1 
ATOM   644  H HD23 . LEU B 1 1  ? 8.404   -2.472  1.353   1.00 85.66  ? 1   LEU B HD23 1 
ATOM   645  N N    . LEU B 1 2  ? 12.034  -1.805  4.406   1.00 69.44  ? 2   LEU B N    1 
ATOM   646  C CA   . LEU B 1 2  ? 13.006  -0.786  4.032   1.00 61.29  ? 2   LEU B CA   1 
ATOM   647  C C    . LEU B 1 2  ? 13.736  -0.291  5.273   1.00 53.01  ? 2   LEU B C    1 
ATOM   648  O O    . LEU B 1 2  ? 13.876  0.919   5.477   1.00 51.27  ? 2   LEU B O    1 
ATOM   649  C CB   . LEU B 1 2  ? 12.313  0.378   3.326   1.00 81.70  ? 2   LEU B CB   1 
ATOM   650  C CG   . LEU B 1 2  ? 11.551  0.012   2.051   1.00 73.32  ? 2   LEU B CG   1 
ATOM   651  C CD1  . LEU B 1 2  ? 10.316  0.894   1.927   1.00 66.73  ? 2   LEU B CD1  1 
ATOM   652  C CD2  . LEU B 1 2  ? 12.417  0.102   0.802   1.00 75.79  ? 2   LEU B CD2  1 
ATOM   653  H H    . LEU B 1 2  ? 11.435  -1.531  4.961   1.00 83.33  ? 2   LEU B H    1 
ATOM   654  H HA   . LEU B 1 2  ? 13.658  -1.170  3.425   1.00 73.55  ? 2   LEU B HA   1 
ATOM   655  H HB2  . LEU B 1 2  ? 11.678  0.776   3.942   1.00 98.04  ? 2   LEU B HB2  1 
ATOM   656  H HB3  . LEU B 1 2  ? 12.986  1.035   3.086   1.00 98.04  ? 2   LEU B HB3  1 
ATOM   657  H HG   . LEU B 1 2  ? 11.247  -0.906  2.128   1.00 87.99  ? 2   LEU B HG   1 
ATOM   658  H HD11 . LEU B 1 2  ? 9.838   0.656   1.117   1.00 80.07  ? 2   LEU B HD11 1 
ATOM   659  H HD12 . LEU B 1 2  ? 9.748   0.751   2.701   1.00 80.07  ? 2   LEU B HD12 1 
ATOM   660  H HD13 . LEU B 1 2  ? 10.593  1.822   1.887   1.00 80.07  ? 2   LEU B HD13 1 
ATOM   661  H HD21 . LEU B 1 2  ? 11.883  -0.140  0.030   1.00 90.95  ? 2   LEU B HD21 1 
ATOM   662  H HD22 . LEU B 1 2  ? 12.742  1.011   0.709   1.00 90.95  ? 2   LEU B HD22 1 
ATOM   663  H HD23 . LEU B 1 2  ? 13.165  -0.509  0.894   1.00 90.95  ? 2   LEU B HD23 1 
ATOM   664  N N    . GLY B 1 3  ? 14.187  -1.217  6.111   1.00 49.72  ? 3   GLY B N    1 
ATOM   665  C CA   . GLY B 1 3  ? 14.758  -0.845  7.393   1.00 58.70  ? 3   GLY B CA   1 
ATOM   666  C C    . GLY B 1 3  ? 13.794  -0.016  8.217   1.00 48.55  ? 3   GLY B C    1 
ATOM   667  O O    . GLY B 1 3  ? 12.598  -0.315  8.314   1.00 47.88  ? 3   GLY B O    1 
ATOM   668  H H    . GLY B 1 3  ? 14.174  -2.064  5.960   1.00 59.67  ? 3   GLY B H    1 
ATOM   669  H HA2  . GLY B 1 3  ? 14.984  -1.646  7.893   1.00 70.44  ? 3   GLY B HA2  1 
ATOM   670  H HA3  . GLY B 1 3  ? 15.568  -0.330  7.252   1.00 70.44  ? 3   GLY B HA3  1 
ATOM   671  N N    . ASP B 1 4  ? 14.316  1.052   8.817   1.00 56.76  ? 4   ASP B N    1 
ATOM   672  C CA   . ASP B 1 4  ? 13.542  1.900   9.713   1.00 54.55  ? 4   ASP B CA   1 
ATOM   673  C C    . ASP B 1 4  ? 12.837  3.050   9.005   1.00 52.89  ? 4   ASP B C    1 
ATOM   674  O O    . ASP B 1 4  ? 12.165  3.842   9.673   1.00 55.31  ? 4   ASP B O    1 
ATOM   675  C CB   . ASP B 1 4  ? 14.451  2.467   10.808  1.00 74.11  ? 4   ASP B CB   1 
ATOM   676  C CG   . ASP B 1 4  ? 14.742  1.459   11.905  1.00 74.72  ? 4   ASP B CG   1 
ATOM   677  O OD1  . ASP B 1 4  ? 14.069  0.406   11.947  1.00 64.99  ? 4   ASP B OD1  1 
ATOM   678  O OD2  . ASP B 1 4  ? 15.639  1.725   12.732  1.00 63.97  ? 4   ASP B OD2  1 
ATOM   679  H H    . ASP B 1 4  ? 15.131  1.309   8.716   1.00 68.11  ? 4   ASP B H    1 
ATOM   680  H HA   . ASP B 1 4  ? 12.863  1.358   10.144  1.00 65.46  ? 4   ASP B HA   1 
ATOM   681  H HB2  . ASP B 1 4  ? 15.296  2.731   10.412  1.00 88.93  ? 4   ASP B HB2  1 
ATOM   682  H HB3  . ASP B 1 4  ? 14.018  3.234   11.213  1.00 88.93  ? 4   ASP B HB3  1 
ATOM   683  N N    . PHE B 1 5  ? 12.964  3.168   7.687   1.00 43.78  ? 5   PHE B N    1 
ATOM   684  C CA   . PHE B 1 5  ? 12.385  4.295   6.974   1.00 49.10  ? 5   PHE B CA   1 
ATOM   685  C C    . PHE B 1 5  ? 10.944  4.002   6.573   1.00 44.14  ? 5   PHE B C    1 
ATOM   686  O O    . PHE B 1 5  ? 10.552  2.849   6.377   1.00 47.79  ? 5   PHE B O    1 
ATOM   687  C CB   . PHE B 1 5  ? 13.211  4.633   5.731   1.00 42.33  ? 5   PHE B CB   1 
ATOM   688  C CG   . PHE B 1 5  ? 14.619  5.047   6.034   1.00 51.27  ? 5   PHE B CG   1 
ATOM   689  C CD1  . PHE B 1 5  ? 14.877  6.232   6.695   1.00 41.92  ? 5   PHE B CD1  1 
ATOM   690  C CD2  . PHE B 1 5  ? 15.686  4.256   5.646   1.00 43.63  ? 5   PHE B CD2  1 
ATOM   691  C CE1  . PHE B 1 5  ? 16.171  6.621   6.974   1.00 55.81  ? 5   PHE B CE1  1 
ATOM   692  C CE2  . PHE B 1 5  ? 16.987  4.640   5.920   1.00 74.37  ? 5   PHE B CE2  1 
ATOM   693  C CZ   . PHE B 1 5  ? 17.229  5.825   6.584   1.00 43.47  ? 5   PHE B CZ   1 
ATOM   694  H H    . PHE B 1 5  ? 13.381  2.607   7.185   1.00 52.53  ? 5   PHE B H    1 
ATOM   695  H HA   . PHE B 1 5  ? 12.385  5.072   7.555   1.00 58.92  ? 5   PHE B HA   1 
ATOM   696  H HB2  . PHE B 1 5  ? 13.247  3.852   5.158   1.00 50.80  ? 5   PHE B HB2  1 
ATOM   697  H HB3  . PHE B 1 5  ? 12.781  5.365   5.261   1.00 50.80  ? 5   PHE B HB3  1 
ATOM   698  H HD1  . PHE B 1 5  ? 14.169  6.774   6.961   1.00 50.31  ? 5   PHE B HD1  1 
ATOM   699  H HD2  . PHE B 1 5  ? 15.527  3.457   5.197   1.00 52.35  ? 5   PHE B HD2  1 
ATOM   700  H HE1  . PHE B 1 5  ? 16.332  7.420   7.422   1.00 66.97  ? 5   PHE B HE1  1 
ATOM   701  H HE2  . PHE B 1 5  ? 17.698  4.101   5.657   1.00 89.25  ? 5   PHE B HE2  1 
ATOM   702  H HZ   . PHE B 1 5  ? 18.102  6.085   6.771   1.00 52.17  ? 5   PHE B HZ   1 
ATOM   703  N N    . PHE B 1 6  ? 10.158  5.073   6.447   1.00 48.19  ? 6   PHE B N    1 
ATOM   704  C CA   . PHE B 1 6  ? 8.774   4.989   5.978   1.00 53.39  ? 6   PHE B CA   1 
ATOM   705  C C    . PHE B 1 6  ? 7.924   4.130   6.915   1.00 61.23  ? 6   PHE B C    1 
ATOM   706  O O    . PHE B 1 6  ? 7.164   3.259   6.488   1.00 48.78  ? 6   PHE B O    1 
ATOM   707  C CB   . PHE B 1 6  ? 8.720   4.466   4.543   1.00 42.55  ? 6   PHE B CB   1 
ATOM   708  C CG   . PHE B 1 6  ? 9.719   5.119   3.631   1.00 42.11  ? 6   PHE B CG   1 
ATOM   709  C CD1  . PHE B 1 6  ? 9.481   6.382   3.116   1.00 41.40  ? 6   PHE B CD1  1 
ATOM   710  C CD2  . PHE B 1 6  ? 10.901  4.477   3.299   1.00 65.36  ? 6   PHE B CD2  1 
ATOM   711  C CE1  . PHE B 1 6  ? 10.396  6.990   2.279   1.00 52.48  ? 6   PHE B CE1  1 
ATOM   712  C CE2  . PHE B 1 6  ? 11.822  5.081   2.464   1.00 47.97  ? 6   PHE B CE2  1 
ATOM   713  C CZ   . PHE B 1 6  ? 11.569  6.341   1.954   1.00 41.89  ? 6   PHE B CZ   1 
ATOM   714  H H    . PHE B 1 6  ? 10.409  5.875   6.630   1.00 57.83  ? 6   PHE B H    1 
ATOM   715  H HA   . PHE B 1 6  ? 8.395   5.882   5.977   1.00 64.07  ? 6   PHE B HA   1 
ATOM   716  H HB2  . PHE B 1 6  ? 8.902   3.513   4.549   1.00 51.06  ? 6   PHE B HB2  1 
ATOM   717  H HB3  . PHE B 1 6  ? 7.835   4.631   4.181   1.00 51.06  ? 6   PHE B HB3  1 
ATOM   718  H HD1  . PHE B 1 6  ? 8.691   6.825   3.332   1.00 49.68  ? 6   PHE B HD1  1 
ATOM   719  H HD2  . PHE B 1 6  ? 11.075  3.629   3.640   1.00 78.44  ? 6   PHE B HD2  1 
ATOM   720  H HE1  . PHE B 1 6  ? 10.224  7.839   1.937   1.00 62.98  ? 6   PHE B HE1  1 
ATOM   721  H HE2  . PHE B 1 6  ? 12.612  4.640   2.245   1.00 57.57  ? 6   PHE B HE2  1 
ATOM   722  H HZ   . PHE B 1 6  ? 12.187  6.748   1.391   1.00 50.27  ? 6   PHE B HZ   1 
ATOM   723  N N    . ARG B 1 7  ? 8.054   4.400   8.213   1.00 46.42  ? 7   ARG B N    1 
ATOM   724  C CA   . ARG B 1 7  ? 7.282   3.674   9.216   1.00 46.72  ? 7   ARG B CA   1 
ATOM   725  C C    . ARG B 1 7  ? 5.787   3.887   9.011   1.00 45.80  ? 7   ARG B C    1 
ATOM   726  O O    . ARG B 1 7  ? 5.018   2.926   8.883   1.00 54.16  ? 7   ARG B O    1 
ATOM   727  C CB   . ARG B 1 7  ? 7.712   4.135   10.609  1.00 55.58  ? 7   ARG B CB   1 
ATOM   728  C CG   . ARG B 1 7  ? 7.387   3.181   11.746  1.00 60.53  ? 7   ARG B CG   1 
ATOM   729  C CD   . ARG B 1 7  ? 7.890   3.743   13.068  1.00 71.19  ? 7   ARG B CD   1 
ATOM   730  N NE   . ARG B 1 7  ? 7.928   2.737   14.130  1.00 85.50  ? 7   ARG B NE   1 
ATOM   731  C CZ   . ARG B 1 7  ? 9.032   2.139   14.580  1.00 83.38  ? 7   ARG B CZ   1 
ATOM   732  N NH1  . ARG B 1 7  ? 10.228  2.432   14.077  1.00 80.17  ? 7   ARG B NH1  1 
ATOM   733  N NH2  . ARG B 1 7  ? 8.939   1.239   15.550  1.00 77.62  ? 7   ARG B NH2  1 
ATOM   734  H H    . ARG B 1 7  ? 8.582   4.997   8.537   1.00 55.71  ? 7   ARG B H    1 
ATOM   735  H HA   . ARG B 1 7  ? 7.468   2.725   9.139   1.00 56.06  ? 7   ARG B HA   1 
ATOM   736  H HB2  . ARG B 1 7  ? 8.673   4.266   10.606  1.00 66.70  ? 7   ARG B HB2  1 
ATOM   737  H HB3  . ARG B 1 7  ? 7.272   4.978   10.803  1.00 66.70  ? 7   ARG B HB3  1 
ATOM   738  H HG2  . ARG B 1 7  ? 6.426   3.065   11.806  1.00 72.64  ? 7   ARG B HG2  1 
ATOM   739  H HG3  . ARG B 1 7  ? 7.822   2.329   11.588  1.00 72.64  ? 7   ARG B HG3  1 
ATOM   740  H HD2  . ARG B 1 7  ? 8.790   4.084   12.946  1.00 85.42  ? 7   ARG B HD2  1 
ATOM   741  H HD3  . ARG B 1 7  ? 7.301   4.458   13.354  1.00 85.42  ? 7   ARG B HD3  1 
ATOM   742  H HE   . ARG B 1 7  ? 7.180   2.513   14.492  1.00 102.60 ? 7   ARG B HE   1 
ATOM   743  H HH11 . ARG B 1 7  ? 10.299  3.014   13.448  1.00 96.21  ? 7   ARG B HH11 1 
ATOM   744  H HH12 . ARG B 1 7  ? 10.931  2.038   14.380  1.00 96.21  ? 7   ARG B HH12 1 
ATOM   745  H HH21 . ARG B 1 7  ? 8.170   1.043   15.882  1.00 93.15  ? 7   ARG B HH21 1 
ATOM   746  H HH22 . ARG B 1 7  ? 9.647   0.850   15.846  1.00 93.15  ? 7   ARG B HH22 1 
ATOM   747  N N    . LYS B 1 8  ? 5.362   5.151   8.958   1.00 36.77  ? 8   LYS B N    1 
ATOM   748  C CA   . LYS B 1 8  ? 3.943   5.465   8.820   1.00 35.93  ? 8   LYS B CA   1 
ATOM   749  C C    . LYS B 1 8  ? 3.380   4.953   7.501   1.00 33.53  ? 8   LYS B C    1 
ATOM   750  O O    . LYS B 1 8  ? 2.277   4.397   7.468   1.00 38.53  ? 8   LYS B O    1 
ATOM   751  C CB   . LYS B 1 8  ? 3.738   6.974   8.945   1.00 37.20  ? 8   LYS B CB   1 
ATOM   752  C CG   . LYS B 1 8  ? 2.336   7.448   8.591   1.00 71.03  ? 8   LYS B CG   1 
ATOM   753  C CD   . LYS B 1 8  ? 2.183   8.948   8.774   1.00 77.39  ? 8   LYS B CD   1 
ATOM   754  C CE   . LYS B 1 8  ? 2.952   9.738   7.721   1.00 73.01  ? 8   LYS B CE   1 
ATOM   755  N NZ   . LYS B 1 8  ? 2.339   9.614   6.371   1.00 64.51  ? 8   LYS B NZ   1 
ATOM   756  H H    . LYS B 1 8  ? 5.874   5.841   9.000   1.00 44.13  ? 8   LYS B H    1 
ATOM   757  H HA   . LYS B 1 8  ? 3.455   5.036   9.540   1.00 43.12  ? 8   LYS B HA   1 
ATOM   758  H HB2  . LYS B 1 8  ? 3.915   7.238   9.861   1.00 44.64  ? 8   LYS B HB2  1 
ATOM   759  H HB3  . LYS B 1 8  ? 4.360   7.423   8.350   1.00 44.64  ? 8   LYS B HB3  1 
ATOM   760  H HG2  . LYS B 1 8  ? 2.152   7.236   7.663   1.00 85.24  ? 8   LYS B HG2  1 
ATOM   761  H HG3  . LYS B 1 8  ? 1.694   7.006   9.168   1.00 85.24  ? 8   LYS B HG3  1 
ATOM   762  H HD2  . LYS B 1 8  ? 1.245   9.184   8.702   1.00 92.87  ? 8   LYS B HD2  1 
ATOM   763  H HD3  . LYS B 1 8  ? 2.524   9.198   9.647   1.00 92.87  ? 8   LYS B HD3  1 
ATOM   764  H HE2  . LYS B 1 8  ? 2.955   10.676  7.967   1.00 87.62  ? 8   LYS B HE2  1 
ATOM   765  H HE3  . LYS B 1 8  ? 3.861   9.403   7.673   1.00 87.62  ? 8   LYS B HE3  1 
ATOM   766  H HZ1  . LYS B 1 8  ? 2.809   10.085  5.779   1.00 77.41  ? 8   LYS B HZ1  1 
ATOM   767  H HZ2  . LYS B 1 8  ? 2.330   8.761   6.118   1.00 77.41  ? 8   LYS B HZ2  1 
ATOM   768  H HZ3  . LYS B 1 8  ? 1.504   9.921   6.386   1.00 77.41  ? 8   LYS B HZ3  1 
ATOM   769  N N    . SER B 1 9  ? 4.108   5.142   6.397   1.00 32.77  ? 9   SER B N    1 
ATOM   770  C CA   . SER B 1 9  ? 3.605   4.689   5.104   1.00 30.95  ? 9   SER B CA   1 
ATOM   771  C C    . SER B 1 9  ? 3.456   3.173   5.068   1.00 37.79  ? 9   SER B C    1 
ATOM   772  O O    . SER B 1 9  ? 2.443   2.654   4.583   1.00 58.30  ? 9   SER B O    1 
ATOM   773  C CB   . SER B 1 9  ? 4.526   5.164   3.982   1.00 41.13  ? 9   SER B CB   1 
ATOM   774  O OG   . SER B 1 9  ? 4.290   6.526   3.689   1.00 37.33  ? 9   SER B OG   1 
ATOM   775  H H    . SER B 1 9  ? 4.880   5.521   6.373   1.00 39.32  ? 9   SER B H    1 
ATOM   776  H HA   . SER B 1 9  ? 2.730   5.078   4.955   1.00 37.14  ? 9   SER B HA   1 
ATOM   777  H HB2  . SER B 1 9  ? 5.448   5.055   4.261   1.00 49.35  ? 9   SER B HB2  1 
ATOM   778  H HB3  . SER B 1 9  ? 4.354   4.635   3.187   1.00 49.35  ? 9   SER B HB3  1 
ATOM   779  H HG   . SER B 1 9  ? 3.494   6.634   3.446   1.00 44.79  ? 9   SER B HG   1 
ATOM   780  N N    . LYS B 1 10 ? 4.454   2.445   5.573   1.00 61.93  ? 10  LYS B N    1 
ATOM   781  C CA   . LYS B 1 10 ? 4.357   0.989   5.603   1.00 54.25  ? 10  LYS B CA   1 
ATOM   782  C C    . LYS B 1 10 ? 3.213   0.530   6.500   1.00 32.93  ? 10  LYS B C    1 
ATOM   783  O O    . LYS B 1 10 ? 2.524   -0.445  6.181   1.00 34.25  ? 10  LYS B O    1 
ATOM   784  C CB   . LYS B 1 10 ? 5.683   0.380   6.057   1.00 34.53  ? 10  LYS B CB   1 
ATOM   785  C CG   . LYS B 1 10 ? 6.737   0.357   4.961   1.00 34.65  ? 10  LYS B CG   1 
ATOM   786  C CD   . LYS B 1 10 ? 7.969   -0.433  5.367   1.00 36.58  ? 10  LYS B CD   1 
ATOM   787  C CE   . LYS B 1 10 ? 8.624   0.138   6.617   1.00 61.50  ? 10  LYS B CE   1 
ATOM   788  N NZ   . LYS B 1 10 ? 9.945   -0.494  6.891   1.00 94.53  ? 10  LYS B NZ   1 
ATOM   789  H H    . LYS B 1 10 ? 5.184   2.765   5.898   1.00 74.32  ? 10  LYS B H    1 
ATOM   790  H HA   . LYS B 1 10 ? 4.176   0.670   4.706   1.00 65.10  ? 10  LYS B HA   1 
ATOM   791  H HB2  . LYS B 1 10 ? 6.032   0.901   6.796   1.00 41.44  ? 10  LYS B HB2  1 
ATOM   792  H HB3  . LYS B 1 10 ? 5.528   -0.535  6.341   1.00 41.44  ? 10  LYS B HB3  1 
ATOM   793  H HG2  . LYS B 1 10 ? 6.362   -0.056  4.168   1.00 41.58  ? 10  LYS B HG2  1 
ATOM   794  H HG3  . LYS B 1 10 ? 7.012   1.266   4.766   1.00 41.58  ? 10  LYS B HG3  1 
ATOM   795  H HD2  . LYS B 1 10 ? 7.714   -1.351  5.551   1.00 43.90  ? 10  LYS B HD2  1 
ATOM   796  H HD3  . LYS B 1 10 ? 8.618   -0.405  4.645   1.00 43.90  ? 10  LYS B HD3  1 
ATOM   797  H HE2  . LYS B 1 10 ? 8.763   1.091   6.497   1.00 73.80  ? 10  LYS B HE2  1 
ATOM   798  H HE3  . LYS B 1 10 ? 8.047   -0.023  7.380   1.00 73.80  ? 10  LYS B HE3  1 
ATOM   799  H HZ1  . LYS B 1 10 ? 10.304  -0.141  7.626   1.00 113.43 ? 10  LYS B HZ1  1 
ATOM   800  H HZ2  . LYS B 1 10 ? 9.845   -1.369  7.010   1.00 113.43 ? 10  LYS B HZ2  1 
ATOM   801  H HZ3  . LYS B 1 10 ? 10.497  -0.355  6.205   1.00 113.43 ? 10  LYS B HZ3  1 
ATOM   802  N N    . GLU B 1 11 ? 3.001   1.208   7.630   1.00 40.96  ? 11  GLU B N    1 
ATOM   803  C CA   . GLU B 1 11 ? 1.856   0.869   8.474   1.00 57.18  ? 11  GLU B CA   1 
ATOM   804  C C    . GLU B 1 11 ? 0.546   1.091   7.727   1.00 41.26  ? 11  GLU B C    1 
ATOM   805  O O    . GLU B 1 11 ? -0.369  0.262   7.800   1.00 41.13  ? 11  GLU B O    1 
ATOM   806  C CB   . GLU B 1 11 ? 1.882   1.693   9.762   1.00 49.06  ? 11  GLU B CB   1 
ATOM   807  C CG   . GLU B 1 11 ? 2.759   1.101   10.859  1.00 93.71  ? 11  GLU B CG   1 
ATOM   808  C CD   . GLU B 1 11 ? 2.625   1.837   12.178  1.00 101.62 ? 11  GLU B CD   1 
ATOM   809  O OE1  . GLU B 1 11 ? 1.497   2.254   12.519  1.00 112.16 ? 11  GLU B OE1  1 
ATOM   810  O OE2  . GLU B 1 11 ? 3.648   1.996   12.877  1.00 75.39  ? 11  GLU B OE2  1 
ATOM   811  H H    . GLU B 1 11 ? 3.490   1.851   7.924   1.00 49.15  ? 11  GLU B H    1 
ATOM   812  H HA   . GLU B 1 11 ? 1.908   -0.068  8.716   1.00 68.62  ? 11  GLU B HA   1 
ATOM   813  H HB2  . GLU B 1 11 ? 2.221   2.579   9.560   1.00 58.87  ? 11  GLU B HB2  1 
ATOM   814  H HB3  . GLU B 1 11 ? 0.979   1.758   10.109  1.00 58.87  ? 11  GLU B HB3  1 
ATOM   815  H HG2  . GLU B 1 11 ? 2.502   0.177   11.003  1.00 112.45 ? 11  GLU B HG2  1 
ATOM   816  H HG3  . GLU B 1 11 ? 3.687   1.149   10.581  1.00 112.45 ? 11  GLU B HG3  1 
ATOM   817  N N    . LYS B 1 12 ? 0.438   2.208   7.005   1.00 47.54  ? 12  LYS B N    1 
ATOM   818  C CA   . LYS B 1 12 ? -0.752  2.482   6.205   1.00 39.46  ? 12  LYS B CA   1 
ATOM   819  C C    . LYS B 1 12 ? -0.995  1.367   5.194   1.00 37.52  ? 12  LYS B C    1 
ATOM   820  O O    . LYS B 1 12 ? -2.086  0.782   5.136   1.00 37.05  ? 12  LYS B O    1 
ATOM   821  C CB   . LYS B 1 12 ? -0.591  3.833   5.502   1.00 43.28  ? 12  LYS B CB   1 
ATOM   822  C CG   . LYS B 1 12 ? -1.812  4.310   4.726   1.00 66.60  ? 12  LYS B CG   1 
ATOM   823  C CD   . LYS B 1 12 ? -2.970  4.652   5.644   1.00 85.62  ? 12  LYS B CD   1 
ATOM   824  C CE   . LYS B 1 12 ? -4.097  5.316   4.875   1.00 98.62  ? 12  LYS B CE   1 
ATOM   825  N NZ   . LYS B 1 12 ? -5.398  5.195   5.583   1.00 86.39  ? 12  LYS B NZ   1 
ATOM   826  H H    . LYS B 1 12 ? 1.040   2.821   6.963   1.00 57.04  ? 12  LYS B H    1 
ATOM   827  H HA   . LYS B 1 12 ? -1.524  2.534   6.790   1.00 47.35  ? 12  LYS B HA   1 
ATOM   828  H HB2  . LYS B 1 12 ? -0.390  4.505   6.170   1.00 51.93  ? 12  LYS B HB2  1 
ATOM   829  H HB3  . LYS B 1 12 ? 0.146   3.767   4.874   1.00 51.93  ? 12  LYS B HB3  1 
ATOM   830  H HG2  . LYS B 1 12 ? -1.578  5.106   4.223   1.00 79.92  ? 12  LYS B HG2  1 
ATOM   831  H HG3  . LYS B 1 12 ? -2.101  3.607   4.123   1.00 79.92  ? 12  LYS B HG3  1 
ATOM   832  H HD2  . LYS B 1 12 ? -3.312  3.839   6.047   1.00 102.75 ? 12  LYS B HD2  1 
ATOM   833  H HD3  . LYS B 1 12 ? -2.666  5.265   6.330   1.00 102.75 ? 12  LYS B HD3  1 
ATOM   834  H HE2  . LYS B 1 12 ? -3.897  6.258   4.766   1.00 118.35 ? 12  LYS B HE2  1 
ATOM   835  H HE3  . LYS B 1 12 ? -4.185  4.890   4.007   1.00 118.35 ? 12  LYS B HE3  1 
ATOM   836  H HZ1  . LYS B 1 12 ? -6.040  5.592   5.111   1.00 103.67 ? 12  LYS B HZ1  1 
ATOM   837  H HZ2  . LYS B 1 12 ? -5.607  4.337   5.691   1.00 103.67 ? 12  LYS B HZ2  1 
ATOM   838  H HZ3  . LYS B 1 12 ? -5.346  5.583   6.383   1.00 103.67 ? 12  LYS B HZ3  1 
ATOM   839  N N    . ILE B 1 13 ? 0.019   1.065   4.377   1.00 25.99  ? 13  ILE B N    1 
ATOM   840  C CA   . ILE B 1 13 ? -0.112  0.014   3.370   1.00 36.24  ? 13  ILE B CA   1 
ATOM   841  C C    . ILE B 1 13 ? -0.545  -1.289  4.029   1.00 39.92  ? 13  ILE B C    1 
ATOM   842  O O    . ILE B 1 13 ? -1.521  -1.924  3.616   1.00 31.93  ? 13  ILE B O    1 
ATOM   843  C CB   . ILE B 1 13 ? 1.213   -0.159  2.604   1.00 28.49  ? 13  ILE B CB   1 
ATOM   844  C CG1  . ILE B 1 13 ? 1.492   1.064   1.729   1.00 57.20  ? 13  ILE B CG1  1 
ATOM   845  C CG2  . ILE B 1 13 ? 1.184   -1.433  1.748   1.00 23.30  ? 13  ILE B CG2  1 
ATOM   846  C CD1  . ILE B 1 13 ? 2.907   1.106   1.172   1.00 55.26  ? 13  ILE B CD1  1 
ATOM   847  H H    . ILE B 1 13 ? 0.786   1.452   4.388   1.00 31.19  ? 13  ILE B H    1 
ATOM   848  H HA   . ILE B 1 13 ? -0.796  0.270   2.733   1.00 43.49  ? 13  ILE B HA   1 
ATOM   849  H HB   . ILE B 1 13 ? 1.931   -0.243  3.250   1.00 34.19  ? 13  ILE B HB   1 
ATOM   850  H HG12 . ILE B 1 13 ? 0.878   1.059   0.979   1.00 68.64  ? 13  ILE B HG12 1 
ATOM   851  H HG13 . ILE B 1 13 ? 1.357   1.865   2.259   1.00 68.64  ? 13  ILE B HG13 1 
ATOM   852  H HG21 . ILE B 1 13 ? 2.028   -1.517  1.278   1.00 27.96  ? 13  ILE B HG21 1 
ATOM   853  H HG22 . ILE B 1 13 ? 1.051   -2.199  2.328   1.00 27.96  ? 13  ILE B HG22 1 
ATOM   854  H HG23 . ILE B 1 13 ? 0.455   -1.370  1.112   1.00 27.96  ? 13  ILE B HG23 1 
ATOM   855  H HD11 . ILE B 1 13 ? 3.009   1.905   0.631   1.00 66.31  ? 13  ILE B HD11 1 
ATOM   856  H HD12 . ILE B 1 13 ? 3.536   1.124   1.910   1.00 66.31  ? 13  ILE B HD12 1 
ATOM   857  H HD13 . ILE B 1 13 ? 3.056   0.317   0.629   1.00 66.31  ? 13  ILE B HD13 1 
ATOM   858  N N    . GLY B 1 14 ? 0.177   -1.694  5.075   1.00 31.92  ? 14  GLY B N    1 
ATOM   859  C CA   . GLY B 1 14 ? -0.169  -2.921  5.775   1.00 44.84  ? 14  GLY B CA   1 
ATOM   860  C C    . GLY B 1 14 ? -1.616  -2.951  6.208   1.00 29.14  ? 14  GLY B C    1 
ATOM   861  O O    . GLY B 1 14 ? -2.311  -3.954  6.033   1.00 38.02  ? 14  GLY B O    1 
ATOM   862  H H    . GLY B 1 14 ? 0.860   -1.280  5.393   1.00 38.30  ? 14  GLY B H    1 
ATOM   863  H HA2  . GLY B 1 14 ? -0.006  -3.680  5.193   1.00 53.80  ? 14  GLY B HA2  1 
ATOM   864  H HA3  . GLY B 1 14 ? 0.390   -3.012  6.562   1.00 53.80  ? 14  GLY B HA3  1 
ATOM   865  N N    . LYS B 1 15 ? -2.093  -1.853  6.797   1.00 38.81  ? 15  LYS B N    1 
ATOM   866  C CA   . LYS B 1 15 ? -3.462  -1.808  7.297   1.00 49.37  ? 15  LYS B CA   1 
ATOM   867  C C    . LYS B 1 15 ? -4.472  -1.947  6.162   1.00 33.43  ? 15  LYS B C    1 
ATOM   868  O O    . LYS B 1 15 ? -5.373  -2.794  6.219   1.00 26.84  ? 15  LYS B O    1 
ATOM   869  C CB   . LYS B 1 15 ? -3.690  -0.504  8.055   1.00 34.44  ? 15  LYS B CB   1 
ATOM   870  C CG   . LYS B 1 15 ? -3.067  -0.482  9.432   1.00 61.73  ? 15  LYS B CG   1 
ATOM   871  C CD   . LYS B 1 15 ? -3.416  0.802   10.140  1.00 53.86  ? 15  LYS B CD   1 
ATOM   872  C CE   . LYS B 1 15 ? -2.514  1.040   11.322  1.00 55.19  ? 15  LYS B CE   1 
ATOM   873  N NZ   . LYS B 1 15 ? -2.397  2.495   11.606  1.00 78.91  ? 15  LYS B NZ   1 
ATOM   874  H H    . LYS B 1 15 ? -1.647  -1.127  6.916   1.00 46.57  ? 15  LYS B H    1 
ATOM   875  H HA   . LYS B 1 15 ? -3.599  -2.543  7.915   1.00 59.25  ? 15  LYS B HA   1 
ATOM   876  H HB2  . LYS B 1 15 ? -3.304  0.225   7.544   1.00 41.32  ? 15  LYS B HB2  1 
ATOM   877  H HB3  . LYS B 1 15 ? -4.643  -0.365  8.158   1.00 41.32  ? 15  LYS B HB3  1 
ATOM   878  H HG2  . LYS B 1 15 ? -3.410  -1.225  9.953   1.00 74.07  ? 15  LYS B HG2  1 
ATOM   879  H HG3  . LYS B 1 15 ? -2.102  -0.539  9.353   1.00 74.07  ? 15  LYS B HG3  1 
ATOM   880  H HD2  . LYS B 1 15 ? -3.314  1.545   9.525   1.00 64.64  ? 15  LYS B HD2  1 
ATOM   881  H HD3  . LYS B 1 15 ? -4.330  0.754   10.460  1.00 64.64  ? 15  LYS B HD3  1 
ATOM   882  H HE2  . LYS B 1 15 ? -2.885  0.604   12.105  1.00 66.23  ? 15  LYS B HE2  1 
ATOM   883  H HE3  . LYS B 1 15 ? -1.629  0.694   11.128  1.00 66.23  ? 15  LYS B HE3  1 
ATOM   884  H HZ1  . LYS B 1 15 ? -1.864  2.627   12.304  1.00 94.69  ? 15  LYS B HZ1  1 
ATOM   885  H HZ2  . LYS B 1 15 ? -2.058  2.917   10.899  1.00 94.69  ? 15  LYS B HZ2  1 
ATOM   886  H HZ3  . LYS B 1 15 ? -3.201  2.835   11.787  1.00 94.69  ? 15  LYS B HZ3  1 
ATOM   887  N N    . GLU B 1 16 ? -4.340  -1.118  5.122   1.00 26.73  ? 16  GLU B N    1 
ATOM   888  C CA   . GLU B 1 16 ? -5.284  -1.204  4.009   1.00 28.66  ? 16  GLU B CA   1 
ATOM   889  C C    . GLU B 1 16 ? -5.282  -2.604  3.412   1.00 26.58  ? 16  GLU B C    1 
ATOM   890  O O    . GLU B 1 16 ? -6.341  -3.149  3.074   1.00 34.46  ? 16  GLU B O    1 
ATOM   891  C CB   . GLU B 1 16 ? -4.949  -0.161  2.941   1.00 28.44  ? 16  GLU B CB   1 
ATOM   892  C CG   . GLU B 1 16 ? -5.002  1.281   3.442   1.00 44.63  ? 16  GLU B CG   1 
ATOM   893  C CD   . GLU B 1 16 ? -6.363  1.664   3.997   1.00 75.26  ? 16  GLU B CD   1 
ATOM   894  O OE1  . GLU B 1 16 ? -7.381  1.418   3.314   1.00 62.35  ? 16  GLU B OE1  1 
ATOM   895  O OE2  . GLU B 1 16 ? -6.418  2.184   5.131   1.00 96.54  ? 16  GLU B OE2  1 
ATOM   896  H H    . GLU B 1 16 ? -3.733  -0.515  5.038   1.00 32.08  ? 16  GLU B H    1 
ATOM   897  H HA   . GLU B 1 16 ? -6.178  -1.020  4.338   1.00 34.40  ? 16  GLU B HA   1 
ATOM   898  H HB2  . GLU B 1 16 ? -4.051  -0.328  2.614   1.00 34.13  ? 16  GLU B HB2  1 
ATOM   899  H HB3  . GLU B 1 16 ? -5.584  -0.245  2.213   1.00 34.13  ? 16  GLU B HB3  1 
ATOM   900  H HG2  . GLU B 1 16 ? -4.348  1.395   4.150   1.00 53.56  ? 16  GLU B HG2  1 
ATOM   901  H HG3  . GLU B 1 16 ? -4.801  1.879   2.705   1.00 53.56  ? 16  GLU B HG3  1 
ATOM   902  N N    . PHE B 1 17 ? -4.099  -3.212  3.296   1.00 54.59  ? 17  PHE B N    1 
ATOM   903  C CA   . PHE B 1 17 ? -4.008  -4.569  2.774   1.00 40.02  ? 17  PHE B CA   1 
ATOM   904  C C    . PHE B 1 17 ? -4.737  -5.554  3.680   1.00 27.14  ? 17  PHE B C    1 
ATOM   905  O O    . PHE B 1 17 ? -5.477  -6.420  3.201   1.00 30.30  ? 17  PHE B O    1 
ATOM   906  C CB   . PHE B 1 17 ? -2.538  -4.965  2.616   1.00 25.60  ? 17  PHE B CB   1 
ATOM   907  C CG   . PHE B 1 17 ? -2.338  -6.351  2.071   1.00 28.99  ? 17  PHE B CG   1 
ATOM   908  C CD1  . PHE B 1 17 ? -2.432  -6.603  0.711   1.00 48.15  ? 17  PHE B CD1  1 
ATOM   909  C CD2  . PHE B 1 17 ? -2.046  -7.405  2.924   1.00 31.25  ? 17  PHE B CD2  1 
ATOM   910  C CE1  . PHE B 1 17 ? -2.243  -7.880  0.216   1.00 53.03  ? 17  PHE B CE1  1 
ATOM   911  C CE2  . PHE B 1 17 ? -1.855  -8.681  2.432   1.00 41.51  ? 17  PHE B CE2  1 
ATOM   912  C CZ   . PHE B 1 17 ? -1.953  -8.919  1.078   1.00 54.43  ? 17  PHE B CZ   1 
ATOM   913  H H    . PHE B 1 17 ? -3.344  -2.861  3.513   1.00 65.51  ? 17  PHE B H    1 
ATOM   914  H HA   . PHE B 1 17 ? -4.424  -4.600  1.898   1.00 48.03  ? 17  PHE B HA   1 
ATOM   915  H HB2  . PHE B 1 17 ? -2.111  -4.342  2.007   1.00 30.73  ? 17  PHE B HB2  1 
ATOM   916  H HB3  . PHE B 1 17 ? -2.109  -4.922  3.484   1.00 30.73  ? 17  PHE B HB3  1 
ATOM   917  H HD1  . PHE B 1 17 ? -2.626  -5.907  0.126   1.00 57.78  ? 17  PHE B HD1  1 
ATOM   918  H HD2  . PHE B 1 17 ? -1.978  -7.248  3.838   1.00 37.49  ? 17  PHE B HD2  1 
ATOM   919  H HE1  . PHE B 1 17 ? -2.309  -8.039  -0.698  1.00 63.64  ? 17  PHE B HE1  1 
ATOM   920  H HE2  . PHE B 1 17 ? -1.661  -9.380  3.015   1.00 49.82  ? 17  PHE B HE2  1 
ATOM   921  H HZ   . PHE B 1 17 ? -1.827  -9.778  0.745   1.00 65.31  ? 17  PHE B HZ   1 
ATOM   922  N N    . LYS B 1 18 ? -4.539  -5.432  4.993   1.00 23.29  ? 18  LYS B N    1 
ATOM   923  C CA   . LYS B 1 18 ? -5.210  -6.319  5.939   1.00 24.46  ? 18  LYS B CA   1 
ATOM   924  C C    . LYS B 1 18 ? -6.721  -6.164  5.867   1.00 24.79  ? 18  LYS B C    1 
ATOM   925  O O    . LYS B 1 18 ? -7.461  -7.130  6.089   1.00 25.17  ? 18  LYS B O    1 
ATOM   926  C CB   . LYS B 1 18 ? -4.713  -6.025  7.353   1.00 27.73  ? 18  LYS B CB   1 
ATOM   927  C CG   . LYS B 1 18 ? -3.395  -6.698  7.700   1.00 27.24  ? 18  LYS B CG   1 
ATOM   928  C CD   . LYS B 1 18 ? -2.972  -6.372  9.124   1.00 29.98  ? 18  LYS B CD   1 
ATOM   929  C CE   . LYS B 1 18 ? -1.775  -7.200  9.554   1.00 61.66  ? 18  LYS B CE   1 
ATOM   930  N NZ   . LYS B 1 18 ? -2.027  -7.899  10.845  1.00 62.97  ? 18  LYS B NZ   1 
ATOM   931  H H    . LYS B 1 18 ? -4.025  -4.848  5.359   1.00 27.95  ? 18  LYS B H    1 
ATOM   932  H HA   . LYS B 1 18 ? -4.989  -7.238  5.726   1.00 29.35  ? 18  LYS B HA   1 
ATOM   933  H HB2  . LYS B 1 18 ? -4.589  -5.068  7.448   1.00 33.28  ? 18  LYS B HB2  1 
ATOM   934  H HB3  . LYS B 1 18 ? -5.378  -6.335  7.988   1.00 33.28  ? 18  LYS B HB3  1 
ATOM   935  H HG2  . LYS B 1 18 ? -3.497  -7.661  7.624   1.00 32.69  ? 18  LYS B HG2  1 
ATOM   936  H HG3  . LYS B 1 18 ? -2.705  -6.384  7.096   1.00 32.69  ? 18  LYS B HG3  1 
ATOM   937  H HD2  . LYS B 1 18 ? -2.727  -5.436  9.178   1.00 35.97  ? 18  LYS B HD2  1 
ATOM   938  H HD3  . LYS B 1 18 ? -3.706  -6.564  9.728   1.00 35.97  ? 18  LYS B HD3  1 
ATOM   939  H HE2  . LYS B 1 18 ? -1.589  -7.870  8.878   1.00 73.99  ? 18  LYS B HE2  1 
ATOM   940  H HE3  . LYS B 1 18 ? -1.008  -6.617  9.669   1.00 73.99  ? 18  LYS B HE3  1 
ATOM   941  H HZ1  . LYS B 1 18 ? -1.312  -8.377  11.076  1.00 75.57  ? 18  LYS B HZ1  1 
ATOM   942  H HZ2  . LYS B 1 18 ? -2.197  -7.304  11.485  1.00 75.57  ? 18  LYS B HZ2  1 
ATOM   943  H HZ3  . LYS B 1 18 ? -2.726  -8.444  10.764  1.00 75.57  ? 18  LYS B HZ3  1 
ATOM   944  N N    . ARG B 1 19 ? -7.196  -4.968  5.524   1.00 41.01  ? 19  ARG B N    1 
ATOM   945  C CA   . ARG B 1 19 ? -8.631  -4.737  5.426   1.00 50.83  ? 19  ARG B CA   1 
ATOM   946  C C    . ARG B 1 19 ? -9.191  -5.338  4.143   1.00 39.52  ? 19  ARG B C    1 
ATOM   947  O O    . ARG B 1 19 ? -10.247 -5.986  4.166   1.00 48.91  ? 19  ARG B O    1 
ATOM   948  C CB   . ARG B 1 19 ? -8.909  -3.237  5.493   1.00 48.54  ? 19  ARG B CB   1 
ATOM   949  C CG   . ARG B 1 19 ? -10.365 -2.840  5.372   1.00 64.20  ? 19  ARG B CG   1 
ATOM   950  C CD   . ARG B 1 19 ? -10.486 -1.325  5.344   1.00 60.07  ? 19  ARG B CD   1 
ATOM   951  N NE   . ARG B 1 19 ? -10.373 -0.735  6.677   1.00 68.61  ? 19  ARG B NE   1 
ATOM   952  C CZ   . ARG B 1 19 ? -9.896  0.483   6.928   1.00 74.06  ? 19  ARG B CZ   1 
ATOM   953  N NH1  . ARG B 1 19 ? -9.465  1.261   5.943   1.00 73.22  ? 19  ARG B NH1  1 
ATOM   954  N NH2  . ARG B 1 19 ? -9.843  0.923   8.177   1.00 84.86  ? 19  ARG B NH2  1 
ATOM   955  H H    . ARG B 1 19 ? -6.712  -4.280  5.345   1.00 49.22  ? 19  ARG B H    1 
ATOM   956  H HA   . ARG B 1 19 ? -9.075  -5.161  6.178   1.00 60.99  ? 19  ARG B HA   1 
ATOM   957  H HB2  . ARG B 1 19 ? -8.585  -2.902  6.343   1.00 58.25  ? 19  ARG B HB2  1 
ATOM   958  H HB3  . ARG B 1 19 ? -8.428  -2.804  4.770   1.00 58.25  ? 19  ARG B HB3  1 
ATOM   959  H HG2  . ARG B 1 19 ? -10.732 -3.195  4.548   1.00 77.04  ? 19  ARG B HG2  1 
ATOM   960  H HG3  . ARG B 1 19 ? -10.858 -3.175  6.137   1.00 77.04  ? 19  ARG B HG3  1 
ATOM   961  H HD2  . ARG B 1 19 ? -9.777  -0.960  4.791   1.00 72.08  ? 19  ARG B HD2  1 
ATOM   962  H HD3  . ARG B 1 19 ? -11.351 -1.082  4.979   1.00 72.08  ? 19  ARG B HD3  1 
ATOM   963  H HE   . ARG B 1 19 ? -10.632 -1.208  7.346   1.00 82.33  ? 19  ARG B HE   1 
ATOM   964  H HH11 . ARG B 1 19 ? -9.497  0.982   5.130   1.00 87.86  ? 19  ARG B HH11 1 
ATOM   965  H HH12 . ARG B 1 19 ? -9.157  2.045   6.118   1.00 87.86  ? 19  ARG B HH12 1 
ATOM   966  H HH21 . ARG B 1 19 ? -10.118 0.424   8.821   1.00 101.83 ? 19  ARG B HH21 1 
ATOM   967  H HH22 . ARG B 1 19 ? -9.532  1.708   8.343   1.00 101.83 ? 19  ARG B HH22 1 
ATOM   968  N N    . ILE B 1 20 ? -8.492  -5.145  3.019   1.00 22.63  ? 20  ILE B N    1 
ATOM   969  C CA   . ILE B 1 20 ? -8.865  -5.836  1.783   1.00 35.71  ? 20  ILE B CA   1 
ATOM   970  C C    . ILE B 1 20 ? -8.949  -7.338  2.023   1.00 20.84  ? 20  ILE B C    1 
ATOM   971  O O    . ILE B 1 20 ? -9.952  -7.989  1.694   1.00 29.30  ? 20  ILE B O    1 
ATOM   972  C CB   . ILE B 1 20 ? -7.868  -5.495  0.661   1.00 20.22  ? 20  ILE B CB   1 
ATOM   973  C CG1  . ILE B 1 20 ? -8.011  -4.024  0.259   1.00 29.09  ? 20  ILE B CG1  1 
ATOM   974  C CG2  . ILE B 1 20 ? -8.041  -6.448  -0.537  1.00 41.83  ? 20  ILE B CG2  1 
ATOM   975  C CD1  . ILE B 1 20 ? -7.028  -3.568  -0.808  1.00 26.51  ? 20  ILE B CD1  1 
ATOM   976  H H    . ILE B 1 20 ? -7.809  -4.628  2.948   1.00 27.15  ? 20  ILE B H    1 
ATOM   977  H HA   . ILE B 1 20 ? -9.743  -5.529  1.504   1.00 42.86  ? 20  ILE B HA   1 
ATOM   978  H HB   . ILE B 1 20 ? -6.972  -5.621  1.012   1.00 24.27  ? 20  ILE B HB   1 
ATOM   979  H HG12 . ILE B 1 20 ? -8.906  -3.881  -0.085  1.00 34.91  ? 20  ILE B HG12 1 
ATOM   980  H HG13 . ILE B 1 20 ? -7.870  -3.472  1.045   1.00 34.91  ? 20  ILE B HG13 1 
ATOM   981  H HG21 . ILE B 1 20 ? -7.400  -6.209  -1.225  1.00 50.20  ? 20  ILE B HG21 1 
ATOM   982  H HG22 . ILE B 1 20 ? -7.885  -7.358  -0.241  1.00 50.20  ? 20  ILE B HG22 1 
ATOM   983  H HG23 . ILE B 1 20 ? -8.943  -6.361  -0.880  1.00 50.20  ? 20  ILE B HG23 1 
ATOM   984  H HD11 . ILE B 1 20 ? -7.187  -2.630  -1.002  1.00 31.82  ? 20  ILE B HD11 1 
ATOM   985  H HD12 . ILE B 1 20 ? -6.124  -3.689  -0.477  1.00 31.82  ? 20  ILE B HD12 1 
ATOM   986  H HD13 . ILE B 1 20 ? -7.162  -4.099  -1.608  1.00 31.82  ? 20  ILE B HD13 1 
ATOM   987  N N    . VAL B 1 21 ? -7.908  -7.905  2.633   1.00 33.75  ? 21  VAL B N    1 
ATOM   988  C CA   . VAL B 1 21 ? -7.875  -9.344  2.863   1.00 36.04  ? 21  VAL B CA   1 
ATOM   989  C C    . VAL B 1 21 ? -9.028  -9.757  3.764   1.00 25.19  ? 21  VAL B C    1 
ATOM   990  O O    . VAL B 1 21 ? -9.656  -10.799 3.551   1.00 31.90  ? 21  VAL B O    1 
ATOM   991  C CB   . VAL B 1 21 ? -6.513  -9.771  3.443   1.00 44.43  ? 21  VAL B CB   1 
ATOM   992  C CG1  . VAL B 1 21 ? -6.565  -11.223 3.939   1.00 35.94  ? 21  VAL B CG1  1 
ATOM   993  C CG2  . VAL B 1 21 ? -5.426  -9.598  2.407   1.00 32.37  ? 21  VAL B CG2  1 
ATOM   994  H H    . VAL B 1 21 ? -7.216  -7.482  2.918   1.00 40.49  ? 21  VAL B H    1 
ATOM   995  H HA   . VAL B 1 21 ? -7.989  -9.799  2.014   1.00 43.25  ? 21  VAL B HA   1 
ATOM   996  H HB   . VAL B 1 21 ? -6.301  -9.203  4.199   1.00 53.32  ? 21  VAL B HB   1 
ATOM   997  H HG11 . VAL B 1 21 ? -5.697  -11.465 4.298   1.00 43.13  ? 21  VAL B HG11 1 
ATOM   998  H HG12 . VAL B 1 21 ? -7.241  -11.297 4.630   1.00 43.13  ? 21  VAL B HG12 1 
ATOM   999  H HG13 . VAL B 1 21 ? -6.789  -11.804 3.194   1.00 43.13  ? 21  VAL B HG13 1 
ATOM   1000 H HG21 . VAL B 1 21 ? -4.578  -9.872  2.791   1.00 38.84  ? 21  VAL B HG21 1 
ATOM   1001 H HG22 . VAL B 1 21 ? -5.632  -10.150 1.637   1.00 38.84  ? 21  VAL B HG22 1 
ATOM   1002 H HG23 . VAL B 1 21 ? -5.384  -8.666  2.145   1.00 38.84  ? 21  VAL B HG23 1 
ATOM   1003 N N    . GLN B 1 22 ? -9.301  -8.972  4.807   1.00 35.33  ? 22  GLN B N    1 
ATOM   1004 C CA   . GLN B 1 22 ? -10.399 -9.317  5.701   1.00 25.77  ? 22  GLN B CA   1 
ATOM   1005 C C    . GLN B 1 22 ? -11.725 -9.355  4.957   1.00 52.93  ? 22  GLN B C    1 
ATOM   1006 O O    . GLN B 1 22 ? -12.524 -10.282 5.146   1.00 26.47  ? 22  GLN B O    1 
ATOM   1007 C CB   . GLN B 1 22 ? -10.476 -8.328  6.863   1.00 38.82  ? 22  GLN B CB   1 
ATOM   1008 C CG   . GLN B 1 22 ? -11.321 -8.853  8.011   1.00 41.85  ? 22  GLN B CG   1 
ATOM   1009 C CD   . GLN B 1 22 ? -10.830 -10.186 8.531   1.00 53.99  ? 22  GLN B CD   1 
ATOM   1010 O OE1  . GLN B 1 22 ? -9.639  -10.367 8.783   1.00 58.49  ? 22  GLN B OE1  1 
ATOM   1011 N NE2  . GLN B 1 22 ? -11.735 -11.154 8.623   1.00 75.86  ? 22  GLN B NE2  1 
ATOM   1012 H H    . GLN B 1 22 ? -8.876  -8.253  5.013   1.00 42.40  ? 22  GLN B H    1 
ATOM   1013 H HA   . GLN B 1 22 ? -10.238 -10.199 6.070   1.00 30.92  ? 22  GLN B HA   1 
ATOM   1014 H HB2  . GLN B 1 22 ? -9.581  -8.162  7.199   1.00 46.59  ? 22  GLN B HB2  1 
ATOM   1015 H HB3  . GLN B 1 22 ? -10.872 -7.499  6.550   1.00 46.59  ? 22  GLN B HB3  1 
ATOM   1016 H HG2  . GLN B 1 22 ? -11.291 -8.216  8.742   1.00 50.22  ? 22  GLN B HG2  1 
ATOM   1017 H HG3  . GLN B 1 22 ? -12.234 -8.966  7.705   1.00 50.22  ? 22  GLN B HG3  1 
ATOM   1018 H HE21 . GLN B 1 22 ? -12.550 -11.003 8.393   1.00 91.04  ? 22  GLN B HE21 1 
ATOM   1019 H HE22 . GLN B 1 22 ? -11.506 -11.930 8.913   1.00 91.04  ? 22  GLN B HE22 1 
ATOM   1020 N N    . ARG B 1 23 ? -11.980 -8.366  4.098   1.00 31.49  ? 23  ARG B N    1 
ATOM   1021 C CA   . ARG B 1 23 ? -13.236 -8.366  3.358   1.00 31.80  ? 23  ARG B CA   1 
ATOM   1022 C C    . ARG B 1 23 ? -13.311 -9.560  2.413   1.00 39.34  ? 23  ARG B C    1 
ATOM   1023 O O    . ARG B 1 23 ? -14.359 -10.211 2.306   1.00 29.78  ? 23  ARG B O    1 
ATOM   1024 C CB   . ARG B 1 23 ? -13.397 -7.057  2.588   1.00 30.19  ? 23  ARG B CB   1 
ATOM   1025 C CG   . ARG B 1 23 ? -13.290 -5.826  3.463   1.00 52.09  ? 23  ARG B CG   1 
ATOM   1026 C CD   . ARG B 1 23 ? -14.382 -4.814  3.166   1.00 89.17  ? 23  ARG B CD   1 
ATOM   1027 N NE   . ARG B 1 23 ? -14.110 -3.531  3.809   1.00 92.69  ? 23  ARG B NE   1 
ATOM   1028 C CZ   . ARG B 1 23 ? -14.208 -3.308  5.117   1.00 77.13  ? 23  ARG B CZ   1 
ATOM   1029 N NH1  . ARG B 1 23 ? -14.577 -4.282  5.938   1.00 94.46  ? 23  ARG B NH1  1 
ATOM   1030 N NH2  . ARG B 1 23 ? -13.938 -2.106  5.605   1.00 71.49  ? 23  ARG B NH2  1 
ATOM   1031 H H    . ARG B 1 23 ? -11.457 -7.704  3.931   1.00 37.79  ? 23  ARG B H    1 
ATOM   1032 H HA   . ARG B 1 23 ? -13.971 -8.436  3.986   1.00 38.16  ? 23  ARG B HA   1 
ATOM   1033 H HB2  . ARG B 1 23 ? -12.704 -7.003  1.912   1.00 36.22  ? 23  ARG B HB2  1 
ATOM   1034 H HB3  . ARG B 1 23 ? -14.271 -7.046  2.166   1.00 36.22  ? 23  ARG B HB3  1 
ATOM   1035 H HG2  . ARG B 1 23 ? -13.368 -6.089  4.393   1.00 62.50  ? 23  ARG B HG2  1 
ATOM   1036 H HG3  . ARG B 1 23 ? -12.433 -5.399  3.306   1.00 62.50  ? 23  ARG B HG3  1 
ATOM   1037 H HD2  . ARG B 1 23 ? -14.434 -4.670  2.208   1.00 107.00 ? 23  ARG B HD2  1 
ATOM   1038 H HD3  . ARG B 1 23 ? -15.228 -5.150  3.502   1.00 107.00 ? 23  ARG B HD3  1 
ATOM   1039 H HE   . ARG B 1 23 ? -13.871 -2.874  3.307   1.00 111.22 ? 23  ARG B HE   1 
ATOM   1040 H HH11 . ARG B 1 23 ? -14.752 -5.064  5.627   1.00 113.35 ? 23  ARG B HH11 1 
ATOM   1041 H HH12 . ARG B 1 23 ? -14.639 -4.132  6.783   1.00 113.35 ? 23  ARG B HH12 1 
ATOM   1042 H HH21 . ARG B 1 23 ? -13.700 -1.471  5.076   1.00 85.79  ? 23  ARG B HH21 1 
ATOM   1043 H HH22 . ARG B 1 23 ? -14.002 -1.961  6.450   1.00 85.79  ? 23  ARG B HH22 1 
ATOM   1044 N N    . ILE B 1 24 ? -12.208 -9.870  1.730   1.00 25.43  ? 24  ILE B N    1 
ATOM   1045 C CA   . ILE B 1 24 ? -12.183 -11.048 0.863   1.00 44.55  ? 24  ILE B CA   1 
ATOM   1046 C C    . ILE B 1 24 ? -12.513 -12.299 1.666   1.00 35.32  ? 24  ILE B C    1 
ATOM   1047 O O    . ILE B 1 24 ? -13.345 -13.121 1.257   1.00 24.20  ? 24  ILE B O    1 
ATOM   1048 C CB   . ILE B 1 24 ? -10.819 -11.161 0.159   1.00 40.69  ? 24  ILE B CB   1 
ATOM   1049 C CG1  . ILE B 1 24 ? -10.650 -10.005 -0.829  1.00 33.88  ? 24  ILE B CG1  1 
ATOM   1050 C CG2  . ILE B 1 24 ? -10.693 -12.503 -0.564  1.00 25.03  ? 24  ILE B CG2  1 
ATOM   1051 C CD1  . ILE B 1 24 ? -9.289  -9.941  -1.492  1.00 54.27  ? 24  ILE B CD1  1 
ATOM   1052 H H    . ILE B 1 24 ? -11.473 -9.425  1.750   1.00 30.51  ? 24  ILE B H    1 
ATOM   1053 H HA   . ILE B 1 24 ? -12.863 -10.946 0.179   1.00 53.46  ? 24  ILE B HA   1 
ATOM   1054 H HB   . ILE B 1 24 ? -10.119 -11.101 0.827   1.00 48.82  ? 24  ILE B HB   1 
ATOM   1055 H HG12 . ILE B 1 24 ? -11.315 -10.096 -1.531  1.00 40.66  ? 24  ILE B HG12 1 
ATOM   1056 H HG13 . ILE B 1 24 ? -10.787 -9.169  -0.357  1.00 40.66  ? 24  ILE B HG13 1 
ATOM   1057 H HG21 . ILE B 1 24 ? -9.827  -12.548 -0.999  1.00 30.03  ? 24  ILE B HG21 1 
ATOM   1058 H HG22 . ILE B 1 24 ? -10.776 -13.220 0.083   1.00 30.03  ? 24  ILE B HG22 1 
ATOM   1059 H HG23 . ILE B 1 24 ? -11.399 -12.572 -1.226  1.00 30.03  ? 24  ILE B HG23 1 
ATOM   1060 H HD11 . ILE B 1 24 ? -9.268  -9.184  -2.099  1.00 65.12  ? 24  ILE B HD11 1 
ATOM   1061 H HD12 . ILE B 1 24 ? -8.610  -9.836  -0.808  1.00 65.12  ? 24  ILE B HD12 1 
ATOM   1062 H HD13 . ILE B 1 24 ? -9.140  -10.764 -1.984  1.00 65.12  ? 24  ILE B HD13 1 
ATOM   1063 N N    . LYS B 1 25 ? -11.881 -12.460 2.833   1.00 22.59  ? 25  LYS B N    1 
ATOM   1064 C CA   . LYS B 1 25 ? -12.182 -13.611 3.677   1.00 23.90  ? 25  LYS B CA   1 
ATOM   1065 C C    . LYS B 1 25 ? -13.657 -13.659 4.036   1.00 33.95  ? 25  LYS B C    1 
ATOM   1066 O O    . LYS B 1 25 ? -14.269 -14.730 4.018   1.00 31.21  ? 25  LYS B O    1 
ATOM   1067 C CB   . LYS B 1 25 ? -11.340 -13.594 4.952   1.00 25.30  ? 25  LYS B CB   1 
ATOM   1068 C CG   . LYS B 1 25 ? -10.101 -14.478 4.897   1.00 64.42  ? 25  LYS B CG   1 
ATOM   1069 C CD   . LYS B 1 25 ? -8.982  -13.948 5.785   1.00 50.84  ? 25  LYS B CD   1 
ATOM   1070 C CE   . LYS B 1 25 ? -8.556  -14.989 6.818   1.00 59.29  ? 25  LYS B CE   1 
ATOM   1071 N NZ   . LYS B 1 25 ? -9.487  -15.047 7.983   1.00 65.91  ? 25  LYS B NZ   1 
ATOM   1072 H H    . LYS B 1 25 ? -11.287 -11.926 3.150   1.00 27.10  ? 25  LYS B H    1 
ATOM   1073 H HA   . LYS B 1 25 ? -11.967 -14.422 3.190   1.00 28.68  ? 25  LYS B HA   1 
ATOM   1074 H HB2  . LYS B 1 25 ? -11.047 -12.684 5.119   1.00 30.36  ? 25  LYS B HB2  1 
ATOM   1075 H HB3  . LYS B 1 25 ? -11.890 -13.901 5.691   1.00 30.36  ? 25  LYS B HB3  1 
ATOM   1076 H HG2  . LYS B 1 25 ? -10.332 -15.369 5.202   1.00 77.30  ? 25  LYS B HG2  1 
ATOM   1077 H HG3  . LYS B 1 25 ? -9.774  -14.510 3.984   1.00 77.30  ? 25  LYS B HG3  1 
ATOM   1078 H HD2  . LYS B 1 25 ? -8.213  -13.730 5.236   1.00 61.01  ? 25  LYS B HD2  1 
ATOM   1079 H HD3  . LYS B 1 25 ? -9.293  -13.160 6.256   1.00 61.01  ? 25  LYS B HD3  1 
ATOM   1080 H HE2  . LYS B 1 25 ? -8.542  -15.863 6.400   1.00 71.15  ? 25  LYS B HE2  1 
ATOM   1081 H HE3  . LYS B 1 25 ? -7.672  -14.763 7.149   1.00 71.15  ? 25  LYS B HE3  1 
ATOM   1082 H HZ1  . LYS B 1 25 ? -9.208  -15.662 8.564   1.00 79.09  ? 25  LYS B HZ1  1 
ATOM   1083 H HZ2  . LYS B 1 25 ? -9.514  -14.257 8.391   1.00 79.09  ? 25  LYS B HZ2  1 
ATOM   1084 H HZ3  . LYS B 1 25 ? -10.306 -15.260 7.708   1.00 79.09  ? 25  LYS B HZ3  1 
ATOM   1085 N N    . ASP B 1 26 ? -14.242 -12.513 4.381   1.00 28.67  ? 26  ASP B N    1 
ATOM   1086 C CA   . ASP B 1 26 ? -15.651 -12.485 4.762   1.00 33.13  ? 26  ASP B CA   1 
ATOM   1087 C C    . ASP B 1 26 ? -16.540 -12.944 3.611   1.00 29.98  ? 26  ASP B C    1 
ATOM   1088 O O    . ASP B 1 26 ? -17.421 -13.799 3.784   1.00 34.66  ? 26  ASP B O    1 
ATOM   1089 C CB   . ASP B 1 26 ? -16.027 -11.069 5.194   1.00 52.34  ? 26  ASP B CB   1 
ATOM   1090 C CG   . ASP B 1 26 ? -15.153 -10.559 6.322   1.00 84.81  ? 26  ASP B CG   1 
ATOM   1091 O OD1  . ASP B 1 26 ? -14.518 -11.388 7.008   1.00 108.69 ? 26  ASP B OD1  1 
ATOM   1092 O OD2  . ASP B 1 26 ? -15.072 -9.326  6.502   1.00 78.00  ? 26  ASP B OD2  1 
ATOM   1093 H H    . ASP B 1 26 ? -13.850 -11.747 4.402   1.00 34.40  ? 26  ASP B H    1 
ATOM   1094 H HA   . ASP B 1 26 ? -15.793 -13.082 5.513   1.00 39.76  ? 26  ASP B HA   1 
ATOM   1095 H HB2  . ASP B 1 26 ? -15.924 -10.469 4.439   1.00 62.81  ? 26  ASP B HB2  1 
ATOM   1096 H HB3  . ASP B 1 26 ? -16.947 -11.065 5.501   1.00 62.81  ? 26  ASP B HB3  1 
ATOM   1097 N N    . PHE B 1 27 ? -16.305 -12.396 2.416   1.00 26.38  ? 27  PHE B N    1 
ATOM   1098 C CA   . PHE B 1 27 ? -17.063 -12.816 1.244   1.00 25.92  ? 27  PHE B CA   1 
ATOM   1099 C C    . PHE B 1 27 ? -16.911 -14.313 0.994   1.00 29.63  ? 27  PHE B C    1 
ATOM   1100 O O    . PHE B 1 27 ? -17.891 -15.000 0.696   1.00 55.36  ? 27  PHE B O    1 
ATOM   1101 C CB   . PHE B 1 27 ? -16.618 -12.013 0.022   1.00 24.49  ? 27  PHE B CB   1 
ATOM   1102 C CG   . PHE B 1 27 ? -17.232 -12.476 -1.266  1.00 30.93  ? 27  PHE B CG   1 
ATOM   1103 C CD1  . PHE B 1 27 ? -18.490 -12.035 -1.639  1.00 32.26  ? 27  PHE B CD1  1 
ATOM   1104 C CD2  . PHE B 1 27 ? -16.553 -13.341 -2.108  1.00 37.24  ? 27  PHE B CD2  1 
ATOM   1105 C CE1  . PHE B 1 27 ? -19.065 -12.451 -2.824  1.00 33.20  ? 27  PHE B CE1  1 
ATOM   1106 C CE2  . PHE B 1 27 ? -17.122 -13.761 -3.296  1.00 34.19  ? 27  PHE B CE2  1 
ATOM   1107 C CZ   . PHE B 1 27 ? -18.381 -13.315 -3.654  1.00 47.69  ? 27  PHE B CZ   1 
ATOM   1108 H H    . PHE B 1 27 ? -15.719 -11.785 2.263   1.00 31.65  ? 27  PHE B H    1 
ATOM   1109 H HA   . PHE B 1 27 ? -18.003 -12.633 1.395   1.00 31.10  ? 27  PHE B HA   1 
ATOM   1110 H HB2  . PHE B 1 27 ? -16.866 -11.085 0.151   1.00 29.39  ? 27  PHE B HB2  1 
ATOM   1111 H HB3  . PHE B 1 27 ? -15.654 -12.086 -0.066  1.00 29.39  ? 27  PHE B HB3  1 
ATOM   1112 H HD1  . PHE B 1 27 ? -18.956 -11.452 -1.083  1.00 38.72  ? 27  PHE B HD1  1 
ATOM   1113 H HD2  . PHE B 1 27 ? -15.706 -13.644 -1.871  1.00 44.69  ? 27  PHE B HD2  1 
ATOM   1114 H HE1  . PHE B 1 27 ? -19.912 -12.148 -3.063  1.00 39.84  ? 27  PHE B HE1  1 
ATOM   1115 H HE2  . PHE B 1 27 ? -16.659 -14.344 -3.854  1.00 41.02  ? 27  PHE B HE2  1 
ATOM   1116 H HZ   . PHE B 1 27 ? -18.765 -13.597 -4.452  1.00 57.23  ? 27  PHE B HZ   1 
ATOM   1117 N N    . LEU B 1 28 ? -15.688 -14.835 1.108   1.00 39.65  ? 28  LEU B N    1 
ATOM   1118 C CA   . LEU B 1 28 ? -15.476 -16.261 0.869   1.00 29.66  ? 28  LEU B CA   1 
ATOM   1119 C C    . LEU B 1 28 ? -16.181 -17.113 1.918   1.00 31.31  ? 28  LEU B C    1 
ATOM   1120 O O    . LEU B 1 28 ? -16.706 -18.184 1.598   1.00 30.58  ? 28  LEU B O    1 
ATOM   1121 C CB   . LEU B 1 28 ? -13.979 -16.577 0.842   1.00 27.55  ? 28  LEU B CB   1 
ATOM   1122 C CG   . LEU B 1 28 ? -13.138 -15.948 -0.273  1.00 67.03  ? 28  LEU B CG   1 
ATOM   1123 C CD1  . LEU B 1 28 ? -11.677 -16.337 -0.119  1.00 47.74  ? 28  LEU B CD1  1 
ATOM   1124 C CD2  . LEU B 1 28 ? -13.648 -16.358 -1.648  1.00 53.80  ? 28  LEU B CD2  1 
ATOM   1125 H H    . LEU B 1 28 ? -14.979 -14.396 1.318   1.00 47.58  ? 28  LEU B H    1 
ATOM   1126 H HA   . LEU B 1 28 ? -15.845 -16.491 0.002   1.00 35.60  ? 28  LEU B HA   1 
ATOM   1127 H HB2  . LEU B 1 28 ? -13.597 -16.285 1.684   1.00 33.06  ? 28  LEU B HB2  1 
ATOM   1128 H HB3  . LEU B 1 28 ? -13.878 -17.539 0.764   1.00 33.06  ? 28  LEU B HB3  1 
ATOM   1129 H HG   . LEU B 1 28 ? -13.199 -14.982 -0.207  1.00 80.44  ? 28  LEU B HG   1 
ATOM   1130 H HD11 . LEU B 1 28 ? -11.165 -15.928 -0.834  1.00 57.29  ? 28  LEU B HD11 1 
ATOM   1131 H HD12 . LEU B 1 28 ? -11.356 -16.021 0.740   1.00 57.29  ? 28  LEU B HD12 1 
ATOM   1132 H HD13 . LEU B 1 28 ? -11.601 -17.302 -0.166  1.00 57.29  ? 28  LEU B HD13 1 
ATOM   1133 H HD21 . LEU B 1 28 ? -13.094 -15.942 -2.327  1.00 64.56  ? 28  LEU B HD21 1 
ATOM   1134 H HD22 . LEU B 1 28 ? -13.600 -17.323 -1.727  1.00 64.56  ? 28  LEU B HD22 1 
ATOM   1135 H HD23 . LEU B 1 28 ? -14.567 -16.062 -1.744  1.00 64.56  ? 28  LEU B HD23 1 
ATOM   1136 N N    . ARG B 1 29 ? -16.199 -16.666 3.175   1.00 28.75  ? 29  ARG B N    1 
ATOM   1137 C CA   . ARG B 1 29 ? -16.905 -17.424 4.201   1.00 36.58  ? 29  ARG B CA   1 
ATOM   1138 C C    . ARG B 1 29 ? -18.404 -17.424 3.946   1.00 32.87  ? 29  ARG B C    1 
ATOM   1139 O O    . ARG B 1 29 ? -19.078 -18.420 4.233   1.00 61.92  ? 29  ARG B O    1 
ATOM   1140 C CB   . ARG B 1 29 ? -16.613 -16.862 5.593   1.00 44.30  ? 29  ARG B CB   1 
ATOM   1141 C CG   . ARG B 1 29 ? -17.349 -17.632 6.690   1.00 50.11  ? 29  ARG B CG   1 
ATOM   1142 C CD   . ARG B 1 29 ? -17.221 -17.020 8.069   1.00 66.43  ? 29  ARG B CD   1 
ATOM   1143 N NE   . ARG B 1 29 ? -18.419 -17.314 8.860   1.00 66.58  ? 29  ARG B NE   1 
ATOM   1144 C CZ   . ARG B 1 29 ? -18.434 -17.562 10.167  1.00 65.47  ? 29  ARG B CZ   1 
ATOM   1145 N NH1  . ARG B 1 29 ? -17.308 -17.571 10.870  1.00 73.02  ? 29  ARG B NH1  1 
ATOM   1146 N NH2  . ARG B 1 29 ? -19.586 -17.816 10.774  1.00 74.76  ? 29  ARG B NH2  1 
ATOM   1147 H H    . ARG B 1 29 ? -15.821 -15.946 3.453   1.00 34.50  ? 29  ARG B H    1 
ATOM   1148 H HA   . ARG B 1 29 ? -16.598 -18.344 4.178   1.00 43.90  ? 29  ARG B HA   1 
ATOM   1149 H HB2  . ARG B 1 29 ? -15.660 -16.924 5.768   1.00 53.16  ? 29  ARG B HB2  1 
ATOM   1150 H HB3  . ARG B 1 29 ? -16.898 -15.936 5.629   1.00 53.16  ? 29  ARG B HB3  1 
ATOM   1151 H HG2  . ARG B 1 29 ? -18.293 -17.665 6.468   1.00 60.13  ? 29  ARG B HG2  1 
ATOM   1152 H HG3  . ARG B 1 29 ? -16.991 -18.533 6.732   1.00 60.13  ? 29  ARG B HG3  1 
ATOM   1153 H HD2  . ARG B 1 29 ? -16.451 -17.398 8.522   1.00 79.72  ? 29  ARG B HD2  1 
ATOM   1154 H HD3  . ARG B 1 29 ? -17.132 -16.057 7.990   1.00 79.72  ? 29  ARG B HD3  1 
ATOM   1155 H HE   . ARG B 1 29 ? -19.172 -17.327 8.446   1.00 79.89  ? 29  ARG B HE   1 
ATOM   1156 H HH11 . ARG B 1 29 ? -16.558 -17.407 10.483  1.00 87.62  ? 29  ARG B HH11 1 
ATOM   1157 H HH12 . ARG B 1 29 ? -17.330 -17.734 11.715  1.00 87.62  ? 29  ARG B HH12 1 
ATOM   1158 H HH21 . ARG B 1 29 ? -20.318 -17.814 10.323  1.00 89.72  ? 29  ARG B HH21 1 
ATOM   1159 H HH22 . ARG B 1 29 ? -19.599 -17.979 11.618  1.00 89.72  ? 29  ARG B HH22 1 
ATOM   1160 N N    . ASN B 1 30 ? -18.943 -16.322 3.420   1.00 30.75  ? 30  ASN B N    1 
ATOM   1161 C CA   . ASN B 1 30 ? -20.359 -16.294 3.070   1.00 32.54  ? 30  ASN B CA   1 
ATOM   1162 C C    . ASN B 1 30 ? -20.638 -17.179 1.862   1.00 31.08  ? 30  ASN B C    1 
ATOM   1163 O O    . ASN B 1 30 ? -21.685 -17.830 1.786   1.00 40.52  ? 30  ASN B O    1 
ATOM   1164 C CB   . ASN B 1 30 ? -20.795 -14.856 2.802   1.00 33.34  ? 30  ASN B CB   1 
ATOM   1165 C CG   . ASN B 1 30 ? -20.873 -14.032 4.068   1.00 58.67  ? 30  ASN B CG   1 
ATOM   1166 O OD1  . ASN B 1 30 ? -21.092 -14.564 5.156   1.00 66.36  ? 30  ASN B OD1  1 
ATOM   1167 N ND2  . ASN B 1 30 ? -20.667 -12.726 3.937   1.00 72.97  ? 30  ASN B ND2  1 
ATOM   1168 H H    . ASN B 1 30 ? -18.517 -15.593 3.259   1.00 36.90  ? 30  ASN B H    1 
ATOM   1169 H HA   . ASN B 1 30 ? -20.877 -16.632 3.817   1.00 39.05  ? 30  ASN B HA   1 
ATOM   1170 H HB2  . ASN B 1 30 ? -20.154 -14.437 2.208   1.00 40.01  ? 30  ASN B HB2  1 
ATOM   1171 H HB3  . ASN B 1 30 ? -21.675 -14.864 2.393   1.00 40.01  ? 30  ASN B HB3  1 
ATOM   1172 H HD21 . ASN B 1 30 ? -20.700 -12.214 4.627   1.00 87.56  ? 30  ASN B HD21 1 
ATOM   1173 H HD22 . ASN B 1 30 ? -20.499 -12.392 3.161   1.00 87.56  ? 30  ASN B HD22 1 
ATOM   1174 N N    . LEU B 1 31 ? -19.708 -17.210 0.908   1.00 36.69  ? 31  LEU B N    1 
ATOM   1175 C CA   . LEU B 1 31 ? -19.888 -17.999 -0.304  1.00 35.51  ? 31  LEU B CA   1 
ATOM   1176 C C    . LEU B 1 31 ? -19.856 -19.488 0.010   1.00 39.47  ? 31  LEU B C    1 
ATOM   1177 O O    . LEU B 1 31 ? -20.652 -20.260 -0.535  1.00 57.35  ? 31  LEU B O    1 
ATOM   1178 C CB   . LEU B 1 31 ? -18.796 -17.644 -1.315  1.00 51.37  ? 31  LEU B CB   1 
ATOM   1179 C CG   . LEU B 1 31 ? -18.960 -18.124 -2.756  1.00 45.44  ? 31  LEU B CG   1 
ATOM   1180 C CD1  . LEU B 1 31 ? -20.132 -17.425 -3.430  1.00 62.60  ? 31  LEU B CD1  1 
ATOM   1181 C CD2  . LEU B 1 31 ? -17.675 -17.898 -3.530  1.00 30.31  ? 31  LEU B CD2  1 
ATOM   1182 H H    . LEU B 1 31 ? -18.963 -16.781 0.941   1.00 44.02  ? 31  LEU B H    1 
ATOM   1183 H HA   . LEU B 1 31 ? -20.748 -17.789 -0.699  1.00 42.61  ? 31  LEU B HA   1 
ATOM   1184 H HB2  . LEU B 1 31 ? -18.724 -16.677 -1.347  1.00 61.65  ? 31  LEU B HB2  1 
ATOM   1185 H HB3  . LEU B 1 31 ? -17.960 -18.012 -0.990  1.00 61.65  ? 31  LEU B HB3  1 
ATOM   1186 H HG   . LEU B 1 31 ? -19.143 -19.077 -2.752  1.00 54.53  ? 31  LEU B HG   1 
ATOM   1187 H HD11 . LEU B 1 31 ? -20.211 -17.748 -4.340  1.00 75.12  ? 31  LEU B HD11 1 
ATOM   1188 H HD12 . LEU B 1 31 ? -20.943 -17.621 -2.936  1.00 75.12  ? 31  LEU B HD12 1 
ATOM   1189 H HD13 . LEU B 1 31 ? -19.968 -16.467 -3.431  1.00 75.12  ? 31  LEU B HD13 1 
ATOM   1190 H HD21 . LEU B 1 31 ? -17.796 -18.208 -4.441  1.00 36.37  ? 31  LEU B HD21 1 
ATOM   1191 H HD22 . LEU B 1 31 ? -17.468 -16.950 -3.527  1.00 36.37  ? 31  LEU B HD22 1 
ATOM   1192 H HD23 . LEU B 1 31 ? -16.958 -18.393 -3.105  1.00 36.37  ? 31  LEU B HD23 1 
ATOM   1193 N N    . VAL B 1 32 ? -18.953 -19.907 0.891   1.00 40.65  ? 32  VAL B N    1 
ATOM   1194 C CA   . VAL B 1 32 ? -18.787 -21.316 1.235   1.00 36.60  ? 32  VAL B CA   1 
ATOM   1195 C C    . VAL B 1 32 ? -18.826 -21.446 2.753   1.00 34.49  ? 32  VAL B C    1 
ATOM   1196 O O    . VAL B 1 32 ? -17.766 -21.465 3.397   1.00 46.37  ? 32  VAL B O    1 
ATOM   1197 C CB   . VAL B 1 32 ? -17.479 -21.881 0.657   1.00 32.67  ? 32  VAL B CB   1 
ATOM   1198 C CG1  . VAL B 1 32 ? -17.327 -23.355 1.016   1.00 42.86  ? 32  VAL B CG1  1 
ATOM   1199 C CG2  . VAL B 1 32 ? -17.431 -21.673 -0.849  1.00 34.45  ? 32  VAL B CG2  1 
ATOM   1200 H H    . VAL B 1 32 ? -18.414 -19.384 1.310   1.00 48.78  ? 32  VAL B H    1 
ATOM   1201 H HA   . VAL B 1 32 ? -19.527 -21.825 0.867   1.00 43.92  ? 32  VAL B HA   1 
ATOM   1202 H HB   . VAL B 1 32 ? -16.732 -21.401 1.049   1.00 39.20  ? 32  VAL B HB   1 
ATOM   1203 H HG11 . VAL B 1 32 ? -16.496 -23.687 0.641   1.00 51.43  ? 32  VAL B HG11 1 
ATOM   1204 H HG12 . VAL B 1 32 ? -17.314 -23.445 1.982   1.00 51.43  ? 32  VAL B HG12 1 
ATOM   1205 H HG13 . VAL B 1 32 ? -18.077 -23.848 0.647   1.00 51.43  ? 32  VAL B HG13 1 
ATOM   1206 H HG21 . VAL B 1 32 ? -16.599 -22.036 -1.190  1.00 41.34  ? 32  VAL B HG21 1 
ATOM   1207 H HG22 . VAL B 1 32 ? -18.183 -22.132 -1.254  1.00 41.34  ? 32  VAL B HG22 1 
ATOM   1208 H HG23 . VAL B 1 32 ? -17.480 -20.723 -1.038  1.00 41.34  ? 32  VAL B HG23 1 
ATOM   1209 N N    . PRO B 1 33 ? -20.015 -21.526 3.371   1.00 51.00  ? 33  PRO B N    1 
ATOM   1210 C CA   . PRO B 1 33 ? -20.109 -21.694 4.826   1.00 45.03  ? 33  PRO B CA   1 
ATOM   1211 C C    . PRO B 1 33 ? -19.579 -23.045 5.297   1.00 48.97  ? 33  PRO B C    1 
ATOM   1212 O O    . PRO B 1 33 ? -19.825 -23.414 6.447   1.00 69.53  ? 33  PRO B O    1 
ATOM   1213 C CB   . PRO B 1 33 ? -21.615 -21.581 5.101   1.00 49.41  ? 33  PRO B CB   1 
ATOM   1214 C CG   . PRO B 1 33 ? -22.210 -20.972 3.872   1.00 51.47  ? 33  PRO B CG   1 
ATOM   1215 C CD   . PRO B 1 33 ? -21.342 -21.407 2.743   1.00 42.74  ? 33  PRO B CD   1 
ATOM   1216 H HA   . PRO B 1 33 ? -19.639 -20.980 5.284   1.00 54.04  ? 33  PRO B HA   1 
ATOM   1217 H HB2  . PRO B 1 33 ? -21.984 -22.464 5.257   1.00 59.29  ? 33  PRO B HB2  1 
ATOM   1218 H HB3  . PRO B 1 33 ? -21.764 -21.009 5.871   1.00 59.29  ? 33  PRO B HB3  1 
ATOM   1219 H HG2  . PRO B 1 33 ? -23.115 -21.299 3.751   1.00 61.76  ? 33  PRO B HG2  1 
ATOM   1220 H HG3  . PRO B 1 33 ? -22.204 -20.005 3.953   1.00 61.76  ? 33  PRO B HG3  1 
ATOM   1221 H HD2  . PRO B 1 33 ? -21.634 -22.265 2.402   1.00 51.28  ? 33  PRO B HD2  1 
ATOM   1222 H HD3  . PRO B 1 33 ? -21.327 -20.731 2.046   1.00 51.28  ? 33  PRO B HD3  1 
HETATM 1223 N N    . DPV C 2 .  ? -18.653 -1.659  -4.391  1.00 123.62 ? 101 DPV A N    1 
HETATM 1224 P P    . DPV C 2 .  ? -15.655 -2.916  -1.619  1.00 103.26 ? 101 DPV A P    1 
HETATM 1225 C C1   . DPV C 2 .  ? -16.303 -5.026  -0.190  1.00 76.89  ? 101 DPV A C1   1 
HETATM 1226 C C2   . DPV C 2 .  ? -17.489 -5.959  0.061   1.00 73.30  ? 101 DPV A C2   1 
HETATM 1227 C C3   . DPV C 2 .  ? -17.681 -7.077  -0.965  1.00 68.97  ? 101 DPV A C3   1 
HETATM 1228 C C4   . DPV C 2 .  ? -16.676 -0.877  -3.002  1.00 106.87 ? 101 DPV A C4   1 
HETATM 1229 C C5   . DPV C 2 .  ? -18.102 -0.615  -3.496  1.00 120.49 ? 101 DPV A C5   1 
HETATM 1230 C C6   . DPV C 2 .  ? -19.853 -1.106  -5.027  1.00 124.36 ? 101 DPV A C6   1 
HETATM 1231 C C7   . DPV C 2 .  ? -17.704 -2.050  -5.448  1.00 127.40 ? 101 DPV A C7   1 
HETATM 1232 C C8   . DPV C 2 .  ? -19.125 -2.846  -3.652  1.00 126.85 ? 101 DPV A C8   1 
HETATM 1233 C C15  . DPV C 2 .  ? -16.419 -7.443  -1.739  1.00 62.34  ? 101 DPV A C15  1 
HETATM 1234 C C16  . DPV C 2 .  ? -16.637 -8.741  -2.510  1.00 60.41  ? 101 DPV A C16  1 
HETATM 1235 C C17  . DPV C 2 .  ? -15.501 -9.024  -3.489  1.00 58.90  ? 101 DPV A C17  1 
HETATM 1236 C C18  . DPV C 2 .  ? -14.410 -9.883  -2.857  1.00 32.22  ? 101 DPV A C18  1 
HETATM 1237 C C19  . DPV C 2 .  ? -13.392 -10.326 -3.904  1.00 41.01  ? 101 DPV A C19  1 
HETATM 1238 O O1P  . DPV C 2 .  ? -15.884 -2.039  -0.409  1.00 92.86  ? 101 DPV A O1P  1 
HETATM 1239 C C20  . DPV C 2 .  ? -13.691 -11.713 -4.469  1.00 31.88  ? 101 DPV A C20  1 
HETATM 1240 C C21  . DPV C 2 .  ? -12.478 -12.627 -4.330  1.00 55.63  ? 101 DPV A C21  1 
HETATM 1241 C C22  . DPV C 2 .  ? -12.822 -14.076 -4.656  1.00 38.68  ? 101 DPV A C22  1 
HETATM 1242 C C23  . DPV C 2 .  ? -12.818 -14.318 -6.150  1.00 65.75  ? 101 DPV A C23  1 
HETATM 1243 O O2P  . DPV C 2 .  ? -14.245 -3.235  -2.061  1.00 93.12  ? 101 DPV A O2P  1 
HETATM 1244 O O3P  . DPV C 2 .  ? -16.471 -4.292  -1.399  1.00 67.84  ? 101 DPV A O3P  1 
HETATM 1245 O O4P  . DPV C 2 .  ? -16.456 -2.276  -2.853  1.00 97.44  ? 101 DPV A O4P  1 
HETATM 1246 H H1   . DPV C 2 .  ? -16.206 -4.331  0.647   1.00 92.26  ? 101 DPV A H1   1 
HETATM 1247 H H1A  . DPV C 2 .  ? -15.385 -5.614  -0.246  1.00 92.26  ? 101 DPV A H1A  1 
HETATM 1248 H H2   . DPV C 2 .  ? -17.371 -6.411  1.047   1.00 87.96  ? 101 DPV A H2   1 
HETATM 1249 H H2A  . DPV C 2 .  ? -18.401 -5.359  0.092   1.00 87.96  ? 101 DPV A H2A  1 
HETATM 1250 H H3   . DPV C 2 .  ? -18.048 -7.967  -0.450  1.00 82.77  ? 101 DPV A H3   1 
HETATM 1251 H H3A  . DPV C 2 .  ? -18.453 -6.773  -1.676  1.00 82.77  ? 101 DPV A H3A  1 
HETATM 1252 H H4   . DPV C 2 .  ? -15.959 -0.468  -3.716  1.00 128.25 ? 101 DPV A H4   1 
HETATM 1253 H H4A  . DPV C 2 .  ? -16.523 -0.378  -2.043  1.00 128.25 ? 101 DPV A H4A  1 
HETATM 1254 H H5   . DPV C 2 .  ? -18.759 -0.515  -2.630  1.00 144.59 ? 101 DPV A H5   1 
HETATM 1255 H H5A  . DPV C 2 .  ? -18.118 0.342   -4.023  1.00 144.59 ? 101 DPV A H5A  1 
HETATM 1256 H H6   . DPV C 2 .  ? -19.592 -0.243  -5.584  1.00 149.23 ? 101 DPV A H6   1 
HETATM 1257 H H6A  . DPV C 2 .  ? -20.560 -0.845  -4.282  1.00 149.23 ? 101 DPV A H6A  1 
HETATM 1258 H H6B  . DPV C 2 .  ? -20.274 -1.829  -5.676  1.00 149.23 ? 101 DPV A H6B  1 
HETATM 1259 H H7   . DPV C 2 .  ? -16.821 -2.432  -5.005  1.00 152.88 ? 101 DPV A H7   1 
HETATM 1260 H H7A  . DPV C 2 .  ? -18.143 -2.795  -6.060  1.00 152.88 ? 101 DPV A H7A  1 
HETATM 1261 H H7B  . DPV C 2 .  ? -17.465 -1.204  -6.039  1.00 152.88 ? 101 DPV A H7B  1 
HETATM 1262 H H8   . DPV C 2 .  ? -19.991 -2.596  -3.097  1.00 152.22 ? 101 DPV A H8   1 
HETATM 1263 H H8A  . DPV C 2 .  ? -18.364 -3.175  -2.993  1.00 152.22 ? 101 DPV A H8A  1 
HETATM 1264 H H8B  . DPV C 2 .  ? -19.357 -3.619  -4.338  1.00 152.22 ? 101 DPV A H8B  1 
HETATM 1265 H H15  . DPV C 2 .  ? -16.169 -6.639  -2.434  1.00 74.81  ? 101 DPV A H15  1 
HETATM 1266 H H15A . DPV C 2 .  ? -15.585 -7.564  -1.045  1.00 74.81  ? 101 DPV A H15A 1 
HETATM 1267 H H16  . DPV C 2 .  ? -16.719 -9.569  -1.805  1.00 72.49  ? 101 DPV A H16  1 
HETATM 1268 H H16A . DPV C 2 .  ? -17.578 -8.679  -3.061  1.00 72.49  ? 101 DPV A H16A 1 
HETATM 1269 H H17  . DPV C 2 .  ? -15.068 -8.079  -3.823  1.00 70.68  ? 101 DPV A H17  1 
HETATM 1270 H H17A . DPV C 2 .  ? -15.900 -9.537  -4.366  1.00 70.68  ? 101 DPV A H17A 1 
HETATM 1271 H H18  . DPV C 2 .  ? -14.861 -10.762 -2.393  1.00 38.66  ? 101 DPV A H18  1 
HETATM 1272 H H18A . DPV C 2 .  ? -13.903 -9.312  -2.076  1.00 38.66  ? 101 DPV A H18A 1 
HETATM 1273 H H19  . DPV C 2 .  ? -12.396 -10.328 -3.457  1.00 49.21  ? 101 DPV A H19  1 
HETATM 1274 H H19A . DPV C 2 .  ? -13.383 -9.602  -4.722  1.00 49.21  ? 101 DPV A H19A 1 
HETATM 1275 H H20  . DPV C 2 .  ? -13.964 -11.628 -5.523  1.00 38.25  ? 101 DPV A H20  1 
HETATM 1276 H H20A . DPV C 2 .  ? -14.539 -12.149 -3.936  1.00 38.25  ? 101 DPV A H20A 1 
HETATM 1277 H H21  . DPV C 2 .  ? -12.096 -12.567 -3.309  1.00 66.76  ? 101 DPV A H21  1 
HETATM 1278 H H21A . DPV C 2 .  ? -11.688 -12.283 -5.001  1.00 66.76  ? 101 DPV A H21A 1 
HETATM 1279 H H22  . DPV C 2 .  ? -13.807 -14.315 -4.252  1.00 46.42  ? 101 DPV A H22  1 
HETATM 1280 H H22A . DPV C 2 .  ? -12.095 -14.737 -4.180  1.00 46.42  ? 101 DPV A H22A 1 
HETATM 1281 H H23  . DPV C 2 .  ? -13.535 -13.689 -6.611  1.00 78.91  ? 101 DPV A H23  1 
HETATM 1282 H H23A . DPV C 2 .  ? -13.061 -15.330 -6.344  1.00 78.91  ? 101 DPV A H23A 1 
HETATM 1283 H H23B . DPV C 2 .  ? -11.857 -14.104 -6.540  1.00 78.91  ? 101 DPV A H23B 1 
HETATM 1284 N N    . DPV D 2 .  ? 14.101  7.651   11.974  1.00 88.02  ? 101 DPV B N    1 
HETATM 1285 P P    . DPV D 2 .  ? 12.125  9.618   8.325   1.00 121.73 ? 101 DPV B P    1 
HETATM 1286 C C1   . DPV D 2 .  ? 11.024  8.926   6.052   1.00 79.45  ? 101 DPV B C1   1 
HETATM 1287 C C2   . DPV D 2 .  ? 11.660  8.928   4.668   1.00 69.19  ? 101 DPV B C2   1 
HETATM 1288 C C3   . DPV D 2 .  ? 12.804  9.934   4.602   1.00 75.81  ? 101 DPV B C3   1 
HETATM 1289 C C4   . DPV D 2 .  ? 12.281  9.054   10.872  1.00 100.53 ? 101 DPV B C4   1 
HETATM 1290 C C5   . DPV D 2 .  ? 12.665  7.993   11.907  1.00 96.15  ? 101 DPV B C5   1 
HETATM 1291 C C6   . DPV D 2 .  ? 14.357  6.994   13.261  1.00 93.76  ? 101 DPV B C6   1 
HETATM 1292 C C7   . DPV D 2 .  ? 14.427  6.717   10.894  1.00 92.94  ? 101 DPV B C7   1 
HETATM 1293 C C8   . DPV D 2 .  ? 15.008  8.813   11.922  1.00 68.86  ? 101 DPV B C8   1 
HETATM 1294 C C15  . DPV D 2 .  ? 14.149  9.218   4.584   1.00 70.83  ? 101 DPV B C15  1 
HETATM 1295 C C16  . DPV D 2 .  ? 14.440  8.639   3.204   1.00 51.47  ? 101 DPV B C16  1 
HETATM 1296 C C17  . DPV D 2 .  ? 15.294  7.380   3.294   1.00 26.41  ? 101 DPV B C17  1 
HETATM 1297 C C18  . DPV D 2 .  ? 15.835  7.021   1.915   1.00 18.48  ? 101 DPV B C18  1 
HETATM 1298 C C19  . DPV D 2 .  ? 16.440  5.621   1.891   1.00 62.18  ? 101 DPV B C19  1 
HETATM 1299 O O1P  . DPV D 2 .  ? 13.247  10.598  8.065   1.00 130.94 ? 101 DPV B O1P  1 
HETATM 1300 C C20  . DPV D 2 .  ? 16.502  5.101   0.460   1.00 39.03  ? 101 DPV B C20  1 
HETATM 1301 C C21  . DPV D 2 .  ? 17.782  4.322   0.189   1.00 46.67  ? 101 DPV B C21  1 
HETATM 1302 C C22  . DPV D 2 .  ? 17.807  3.827   -1.254  1.00 50.42  ? 101 DPV B C22  1 
HETATM 1303 C C23  . DPV D 2 .  ? 19.206  3.434   -1.675  1.00 60.36  ? 101 DPV B C23  1 
HETATM 1304 O O2P  . DPV D 2 .  ? 10.735  10.115  8.642   1.00 125.08 ? 101 DPV B O2P  1 
HETATM 1305 O O3P  . DPV D 2 .  ? 12.008  8.646   7.048   1.00 93.14  ? 101 DPV B O3P  1 
HETATM 1306 O O4P  . DPV D 2 .  ? 12.569  8.648   9.534   1.00 107.92 ? 101 DPV B O4P  1 
HETATM 1307 H H1   . DPV D 2 .  ? 10.569  9.899   6.249   1.00 95.34  ? 101 DPV B H1   1 
HETATM 1308 H H1A  . DPV D 2 .  ? 10.236  8.170   6.092   1.00 95.34  ? 101 DPV B H1A  1 
HETATM 1309 H H2   . DPV D 2 .  ? 12.038  7.930   4.438   1.00 83.02  ? 101 DPV B H2   1 
HETATM 1310 H H2A  . DPV D 2 .  ? 10.906  9.184   3.920   1.00 83.02  ? 101 DPV B H2A  1 
HETATM 1311 H H3   . DPV D 2 .  ? 12.703  10.544  3.703   1.00 90.97  ? 101 DPV B H3   1 
HETATM 1312 H H3A  . DPV D 2 .  ? 12.756  10.598  5.468   1.00 90.97  ? 101 DPV B H3A  1 
HETATM 1313 H H4   . DPV D 2 .  ? 11.214  9.267   10.958  1.00 120.64 ? 101 DPV B H4   1 
HETATM 1314 H H4A  . DPV D 2 .  ? 12.820  9.977   11.090  1.00 120.64 ? 101 DPV B H4A  1 
HETATM 1315 H H5   . DPV D 2 .  ? 12.346  8.341   12.892  1.00 115.38 ? 101 DPV B H5   1 
HETATM 1316 H H5A  . DPV D 2 .  ? 12.103  7.082   11.692  1.00 115.38 ? 101 DPV B H5A  1 
HETATM 1317 H H6   . DPV D 2 .  ? 13.770  6.115   13.331  1.00 112.51 ? 101 DPV B H6   1 
HETATM 1318 H H6A  . DPV D 2 .  ? 15.382  6.741   13.330  1.00 112.51 ? 101 DPV B H6A  1 
HETATM 1319 H H6B  . DPV D 2 .  ? 14.100  7.652   14.050  1.00 112.51 ? 101 DPV B H6B  1 
HETATM 1320 H H7   . DPV D 2 .  ? 14.215  7.169   9.960   1.00 111.53 ? 101 DPV B H7   1 
HETATM 1321 H H7A  . DPV D 2 .  ? 13.847  5.838   11.001  1.00 111.53 ? 101 DPV B H7A  1 
HETATM 1322 H H7B  . DPV D 2 .  ? 15.456  6.469   10.940  1.00 111.53 ? 101 DPV B H7B  1 
HETATM 1323 H H8   . DPV D 2 .  ? 14.919  9.370   12.818  1.00 82.63  ? 101 DPV B H8   1 
HETATM 1324 H H8A  . DPV D 2 .  ? 14.749  9.426   11.098  1.00 82.63  ? 101 DPV B H8A  1 
HETATM 1325 H H8B  . DPV D 2 .  ? 16.006  8.477   11.812  1.00 82.63  ? 101 DPV B H8B  1 
HETATM 1326 H H15  . DPV D 2 .  ? 14.938  9.921   4.858   1.00 84.99  ? 101 DPV B H15  1 
HETATM 1327 H H15A . DPV D 2 .  ? 14.143  8.414   5.323   1.00 84.99  ? 101 DPV B H15A 1 
HETATM 1328 H H16  . DPV D 2 .  ? 14.959  9.387   2.601   1.00 61.76  ? 101 DPV B H16  1 
HETATM 1329 H H16A . DPV D 2 .  ? 13.497  8.403   2.705   1.00 61.76  ? 101 DPV B H16A 1 
HETATM 1330 H H17  . DPV D 2 .  ? 14.693  6.554   3.679   1.00 31.69  ? 101 DPV B H17  1 
HETATM 1331 H H17A . DPV D 2 .  ? 16.124  7.547   3.982   1.00 31.69  ? 101 DPV B H17A 1 
HETATM 1332 H H18  . DPV D 2 .  ? 15.026  7.077   1.183   1.00 22.17  ? 101 DPV B H18  1 
HETATM 1333 H H18A . DPV D 2 .  ? 16.597  7.748   1.625   1.00 22.17  ? 101 DPV B H18A 1 
HETATM 1334 H H19  . DPV D 2 .  ? 17.446  5.649   2.316   1.00 74.61  ? 101 DPV B H19  1 
HETATM 1335 H H19A . DPV D 2 .  ? 15.833  4.948   2.501   1.00 74.61  ? 101 DPV B H19A 1 
HETATM 1336 H H20  . DPV D 2 .  ? 15.641  4.456   0.275   1.00 46.83  ? 101 DPV B H20  1 
HETATM 1337 H H20A . DPV D 2 .  ? 16.441  5.944   -0.232  1.00 46.83  ? 101 DPV B H20A 1 
HETATM 1338 H H21  . DPV D 2 .  ? 18.647  4.963   0.371   1.00 56.00  ? 101 DPV B H21  1 
HETATM 1339 H H21A . DPV D 2 .  ? 17.844  3.470   0.869   1.00 56.00  ? 101 DPV B H21A 1 
HETATM 1340 H H22  . DPV D 2 .  ? 17.142  2.967   -1.354  1.00 60.50  ? 101 DPV B H22  1 
HETATM 1341 H H22A . DPV D 2 .  ? 17.437  4.614   -1.914  1.00 60.50  ? 101 DPV B H22A 1 
HETATM 1342 H H23  . DPV D 2 .  ? 19.558  2.657   -1.047  1.00 72.43  ? 101 DPV B H23  1 
HETATM 1343 H H23A . DPV D 2 .  ? 19.190  3.096   -2.679  1.00 72.43  ? 101 DPV B H23A 1 
HETATM 1344 H H23B . DPV D 2 .  ? 19.847  4.272   -1.595  1.00 72.43  ? 101 DPV B H23B 1 
HETATM 1345 O O    . HOH E 3 .  ? 15.153  7.188   -11.607 1.00 31.18  ? 201 HOH A O    1 
HETATM 1346 O O    . HOH E 3 .  ? 17.427  13.665  0.896   1.00 43.46  ? 202 HOH A O    1 
HETATM 1347 O O    . HOH E 3 .  ? -16.347 3.695   -4.856  1.00 57.24  ? 203 HOH A O    1 
HETATM 1348 O O    . HOH F 3 .  ? -9.839  2.069   10.576  1.00 37.80  ? 201 HOH B O    1 
HETATM 1349 O O    . HOH F 3 .  ? 10.149  6.990   8.459   1.00 67.01  ? 202 HOH B O    1 
HETATM 1350 O O    . HOH F 3 .  ? -10.064 2.431   3.463   1.00 62.19  ? 203 HOH B O    1 
HETATM 1351 O O    . HOH F 3 .  ? 13.985  -4.378  6.068   1.00 50.53  ? 204 HOH B O    1 
HETATM 1352 O O    . HOH F 3 .  ? 6.499   7.463   6.161   1.00 23.51  ? 205 HOH B O    1 
HETATM 1353 O O    . HOH F 3 .  ? -1.256  10.034  5.994   1.00 80.59  ? 206 HOH B O    1 
HETATM 1354 O O    . HOH F 3 .  ? 0.050   -2.742  9.999   1.00 44.20  ? 207 HOH B O    1 
# 
loop_
_atom_site_anisotrop.id 
_atom_site_anisotrop.type_symbol 
_atom_site_anisotrop.pdbx_label_atom_id 
_atom_site_anisotrop.pdbx_label_alt_id 
_atom_site_anisotrop.pdbx_label_comp_id 
_atom_site_anisotrop.pdbx_label_asym_id 
_atom_site_anisotrop.pdbx_label_seq_id 
_atom_site_anisotrop.pdbx_PDB_ins_code 
_atom_site_anisotrop.U[1][1] 
_atom_site_anisotrop.U[2][2] 
_atom_site_anisotrop.U[3][3] 
_atom_site_anisotrop.U[1][2] 
_atom_site_anisotrop.U[1][3] 
_atom_site_anisotrop.U[2][3] 
_atom_site_anisotrop.pdbx_auth_seq_id 
_atom_site_anisotrop.pdbx_auth_comp_id 
_atom_site_anisotrop.pdbx_auth_asym_id 
_atom_site_anisotrop.pdbx_auth_atom_id 
1    N N   . LEU A 1  ? 0.6023 1.0993 0.8632 0.0265  -0.0973 -0.0660 1  LEU A N   
2    C CA  . LEU A 1  ? 0.6124 1.1178 0.9022 0.0455  -0.0917 -0.0760 1  LEU A CA  
3    C C   . LEU A 1  ? 0.5397 0.9953 0.8183 0.0594  -0.1002 -0.0739 1  LEU A C   
4    O O   . LEU A 1  ? 0.9439 1.3996 1.2431 0.0758  -0.1009 -0.0795 1  LEU A O   
5    C CB  . LEU A 1  ? 0.7217 1.2415 1.0409 0.0407  -0.0957 -0.0656 1  LEU A CB  
6    C CG  . LEU A 1  ? 0.6760 1.2099 1.0339 0.0603  -0.0958 -0.0697 1  LEU A CG  
7    C CD1 . LEU A 1  ? 0.5965 1.1750 0.9779 0.0761  -0.0767 -0.0954 1  LEU A CD1 
8    C CD2 . LEU A 1  ? 0.6249 1.1832 1.0147 0.0509  -0.1031 -0.0578 1  LEU A CD2 
22   N N   . LEU A 2  ? 0.4748 0.8919 0.7245 0.0519  -0.1069 -0.0654 2  LEU A N   
23   C CA  . LEU A 2  ? 0.3133 0.6945 0.5494 0.0589  -0.1111 -0.0664 2  LEU A CA  
24   C C   . LEU A 2  ? 0.2623 0.6296 0.4755 0.0523  -0.1123 -0.0674 2  LEU A C   
25   O O   . LEU A 2  ? 0.3688 0.7068 0.5711 0.0484  -0.1163 -0.0602 2  LEU A O   
26   C CB  . LEU A 2  ? 0.4904 0.8435 0.7242 0.0545  -0.1193 -0.0516 2  LEU A CB  
27   C CG  . LEU A 2  ? 0.4756 0.8411 0.7327 0.0607  -0.1255 -0.0459 2  LEU A CG  
28   C CD1 . LEU A 2  ? 0.2694 0.6262 0.5234 0.0468  -0.1356 -0.0306 2  LEU A CD1 
29   C CD2 . LEU A 2  ? 0.6891 1.0422 0.9488 0.0749  -0.1315 -0.0504 2  LEU A CD2 
41   N N   . GLY A 3  ? 0.2105 0.6078 0.4187 0.0502  -0.1093 -0.0773 3  GLY A N   
42   C CA  . GLY A 3  ? 0.2166 0.6047 0.4046 0.0417  -0.1166 -0.0727 3  GLY A CA  
43   C C   . GLY A 3  ? 0.4634 0.8264 0.6503 0.0330  -0.1257 -0.0527 3  GLY A C   
44   O O   . GLY A 3  ? 0.3140 0.6863 0.5082 0.0266  -0.1273 -0.0454 3  GLY A O   
48   N N   . ASP A 4  ? 0.3669 0.7043 0.5496 0.0327  -0.1322 -0.0468 4  ASP A N   
49   C CA  . ASP A 4  ? 0.2484 0.5695 0.4376 0.0290  -0.1414 -0.0333 4  ASP A CA  
50   C C   . ASP A 4  ? 0.2705 0.5762 0.4668 0.0314  -0.1348 -0.0345 4  ASP A C   
51   O O   . ASP A 4  ? 0.2703 0.5703 0.4742 0.0311  -0.1400 -0.0309 4  ASP A O   
52   C CB  . ASP A 4  ? 0.3425 0.6584 0.5322 0.0295  -0.1523 -0.0279 4  ASP A CB  
53   C CG  . ASP A 4  ? 0.5951 0.9234 0.7727 0.0227  -0.1699 -0.0200 4  ASP A CG  
54   O OD1 . ASP A 4  ? 0.9544 1.2992 1.1217 0.0163  -0.1714 -0.0196 4  ASP A OD1 
55   O OD2 . ASP A 4  ? 0.6843 1.0112 0.8607 0.0217  -0.1832 -0.0139 4  ASP A OD2 
60   N N   . PHE A 5  ? 0.1961 0.4995 0.3902 0.0344  -0.1263 -0.0414 5  PHE A N   
61   C CA  . PHE A 5  ? 0.1983 0.4915 0.3931 0.0340  -0.1243 -0.0435 5  PHE A CA  
62   C C   . PHE A 5  ? 0.3263 0.6240 0.5250 0.0282  -0.1280 -0.0382 5  PHE A C   
63   O O   . PHE A 5  ? 0.4129 0.7239 0.6178 0.0263  -0.1291 -0.0341 5  PHE A O   
64   C CB  . PHE A 5  ? 0.4278 0.7182 0.6187 0.0380  -0.1213 -0.0504 5  PHE A CB  
65   C CG  . PHE A 5  ? 0.4809 0.7703 0.6696 0.0402  -0.1198 -0.0586 5  PHE A CG  
66   C CD1 . PHE A 5  ? 0.1910 0.4792 0.3839 0.0378  -0.1193 -0.0629 5  PHE A CD1 
67   C CD2 . PHE A 5  ? 0.1966 0.4928 0.3835 0.0450  -0.1198 -0.0661 5  PHE A CD2 
68   C CE1 . PHE A 5  ? 0.1940 0.4875 0.3895 0.0370  -0.1197 -0.0700 5  PHE A CE1 
69   C CE2 . PHE A 5  ? 0.2012 0.4995 0.3864 0.0437  -0.1215 -0.0753 5  PHE A CE2 
70   C CZ  . PHE A 5  ? 0.5317 0.8283 0.7213 0.0381  -0.1218 -0.0750 5  PHE A CZ  
80   N N   . PHE A 6  ? 0.2698 0.5623 0.4670 0.0244  -0.1308 -0.0422 6  PHE A N   
81   C CA  . PHE A 6  ? 0.3028 0.6006 0.5009 0.0152  -0.1379 -0.0394 6  PHE A CA  
82   C C   . PHE A 6  ? 0.3074 0.6141 0.5139 0.0079  -0.1441 -0.0340 6  PHE A C   
83   O O   . PHE A 6  ? 0.2802 0.5992 0.4941 0.0003  -0.1488 -0.0280 6  PHE A O   
84   C CB  . PHE A 6  ? 0.3994 0.7033 0.5996 0.0155  -0.1406 -0.0324 6  PHE A CB  
85   C CG  . PHE A 6  ? 0.3018 0.5987 0.4954 0.0224  -0.1391 -0.0356 6  PHE A CG  
86   C CD1 . PHE A 6  ? 0.5921 0.8838 0.7737 0.0166  -0.1451 -0.0409 6  PHE A CD1 
87   C CD2 . PHE A 6  ? 0.3419 0.6412 0.5413 0.0330  -0.1342 -0.0367 6  PHE A CD2 
88   C CE1 . PHE A 6  ? 0.5734 0.8616 0.7491 0.0197  -0.1479 -0.0433 6  PHE A CE1 
89   C CE2 . PHE A 6  ? 0.5081 0.8018 0.7035 0.0384  -0.1367 -0.0412 6  PHE A CE2 
90   C CZ  . PHE A 6  ? 0.3242 0.6118 0.5081 0.0312  -0.1446 -0.0425 6  PHE A CZ  
100  N N   . ARG A 7  ? 0.2466 0.3547 0.8586 -0.0562 0.0092  -0.0901 7  ARG A N   
101  C CA  . ARG A 7  ? 0.2664 0.3784 0.8834 -0.0566 0.0035  -0.0823 7  ARG A CA  
102  C C   . ARG A 7  ? 0.2505 0.3449 0.8733 -0.0467 0.0068  -0.0849 7  ARG A C   
103  O O   . ARG A 7  ? 0.2410 0.3320 0.8575 -0.0461 0.0057  -0.0838 7  ARG A O   
104  C CB  . ARG A 7  ? 0.3105 0.4386 0.9450 -0.0606 -0.0031 -0.0720 7  ARG A CB  
105  C CG  . ARG A 7  ? 0.4206 0.5613 1.0598 -0.0652 -0.0104 -0.0609 7  ARG A CG  
106  C CD  . ARG A 7  ? 0.6906 0.8473 1.3542 -0.0669 -0.0165 -0.0479 7  ARG A CD  
107  N NE  . ARG A 7  ? 0.8452 0.9875 1.5318 -0.0575 -0.0162 -0.0423 7  ARG A NE  
108  C CZ  . ARG A 7  ? 0.7239 0.8482 1.4288 -0.0479 -0.0107 -0.0468 7  ARG A CZ  
109  N NH1 . ARG A 7  ? 0.6019 0.7215 1.3033 -0.0461 -0.0057 -0.0559 7  ARG A NH1 
110  N NH2 . ARG A 7  ? 0.5340 0.6453 1.2621 -0.0409 -0.0095 -0.0427 7  ARG A NH2 
124  N N   . LYS A 8  ? 0.2389 0.3240 0.8736 -0.0402 0.0113  -0.0891 8  LYS A N   
125  C CA  A LYS A 8  ? 0.2372 0.3091 0.8791 -0.0330 0.0152  -0.0934 8  LYS A CA  
126  C CA  B LYS A 8  ? 0.2372 0.3091 0.8791 -0.0331 0.0152  -0.0934 8  LYS A CA  
127  C C   . LYS A 8  ? 0.2668 0.3321 0.8906 -0.0314 0.0197  -0.0999 8  LYS A C   
128  O O   . LYS A 8  ? 0.6641 0.7241 1.2866 -0.0289 0.0203  -0.1010 8  LYS A O   
129  C CB  A LYS A 8  ? 0.2401 0.3066 0.8985 -0.0289 0.0201  -0.0986 8  LYS A CB  
130  C CB  B LYS A 8  ? 0.2402 0.3067 0.8990 -0.0288 0.0200  -0.0985 8  LYS A CB  
131  C CG  A LYS A 8  ? 0.2464 0.3188 0.9279 -0.0296 0.0162  -0.0913 8  LYS A CG  
132  C CG  B LYS A 8  ? 0.2378 0.3021 0.8869 -0.0283 0.0263  -0.1070 8  LYS A CG  
133  C CD  A LYS A 8  ? 0.2517 0.3142 0.9591 -0.0242 0.0190  -0.0921 8  LYS A CD  
134  C CD  B LYS A 8  ? 0.3963 0.4602 1.0625 -0.0268 0.0297  -0.1108 8  LYS A CD  
135  C CE  A LYS A 8  ? 0.3779 0.4475 1.1118 -0.0252 0.0135  -0.0793 8  LYS A CE  
136  C CE  B LYS A 8  ? 0.3599 0.4232 1.0178 -0.0271 0.0365  -0.1191 8  LYS A CE  
137  N NZ  A LYS A 8  ? 0.4148 0.4725 1.1813 -0.0195 0.0190  -0.0821 8  LYS A NZ  
138  N NZ  B LYS A 8  ? 0.2461 0.3123 0.9183 -0.0274 0.0392  -0.1222 8  LYS A NZ  
163  N N   . SER A 9  ? 0.2297 0.2962 0.8417 -0.0330 0.0229  -0.1036 9  SER A N   
164  C CA  . SER A 9  ? 0.4611 0.5230 1.0597 -0.0318 0.0270  -0.1073 9  SER A CA  
165  C C   . SER A 9  ? 0.2242 0.2879 0.8123 -0.0344 0.0237  -0.1042 9  SER A C   
166  O O   . SER A 9  ? 0.2213 0.2810 0.8034 -0.0323 0.0250  -0.1054 9  SER A O   
167  C CB  . SER A 9  ? 0.2259 0.2885 0.8202 -0.0332 0.0313  -0.1099 9  SER A CB  
168  O OG  . SER A 9  ? 0.4195 0.4809 1.0204 -0.0314 0.0353  -0.1134 9  SER A OG  
174  N N   . LYS A 10 ? 0.2331 0.3052 0.8184 -0.0402 0.0196  -0.1006 10 LYS A N   
175  C CA  . LYS A 10 ? 0.2333 0.3098 0.8084 -0.0446 0.0168  -0.0986 10 LYS A CA  
176  C C   . LYS A 10 ? 0.2325 0.3080 0.8113 -0.0430 0.0126  -0.0939 10 LYS A C   
177  O O   . LYS A 10 ? 0.2305 0.3041 0.8006 -0.0431 0.0127  -0.0941 10 LYS A O   
178  C CB  . LYS A 10 ? 0.2391 0.3295 0.8111 -0.0543 0.0130  -0.0964 10 LYS A CB  
179  C CG  . LYS A 10 ? 0.2566 0.3475 0.8241 -0.0576 0.0184  -0.1029 10 LYS A CG  
180  C CD  . LYS A 10 ? 0.2499 0.3573 0.8129 -0.0700 0.0153  -0.1027 10 LYS A CD  
181  C CE  . LYS A 10 ? 0.3715 0.4939 0.9415 -0.0754 0.0083  -0.0952 10 LYS A CE  
182  N NZ  . LYS A 10 ? 0.7383 0.8820 1.3035 -0.0901 0.0054  -0.0953 10 LYS A NZ  
196  N N   . GLU A 11 ? 0.3585 0.4347 0.9527 -0.0414 0.0097  -0.0896 11 GLU A N   
197  C CA  . GLU A 11 ? 0.2339 0.3073 0.8377 -0.0390 0.0070  -0.0853 11 GLU A CA  
198  C C   . GLU A 11 ? 0.2727 0.3348 0.8736 -0.0329 0.0126  -0.0923 11 GLU A C   
199  O O   . GLU A 11 ? 0.2286 0.2896 0.8237 -0.0332 0.0118  -0.0913 11 GLU A O   
200  C CB  . GLU A 11 ? 0.2391 0.3133 0.8668 -0.0372 0.0046  -0.0797 11 GLU A CB  
201  C CG  . GLU A 11 ? 0.7001 0.7910 1.3338 -0.0450 -0.0033 -0.0678 11 GLU A CG  
202  C CD  . GLU A 11 ? 0.7369 0.8286 1.4002 -0.0423 -0.0059 -0.0594 11 GLU A CD  
203  O OE1 . GLU A 11 ? 0.8845 0.9624 1.5650 -0.0352 -0.0024 -0.0610 11 GLU A OE1 
204  O OE2 . GLU A 11 ? 0.6914 0.7987 1.3626 -0.0476 -0.0108 -0.0511 11 GLU A OE2 
211  N N   . LYS A 12 ? 0.2250 0.2814 0.8294 -0.0288 0.0185  -0.0994 12 LYS A N   
212  C CA  . LYS A 12 ? 0.2227 0.2738 0.8239 -0.0257 0.0238  -0.1063 12 LYS A CA  
213  C C   . LYS A 12 ? 0.2183 0.2709 0.8012 -0.0275 0.0240  -0.1062 12 LYS A C   
214  O O   . LYS A 12 ? 0.3497 0.4013 0.9294 -0.0271 0.0243  -0.1070 12 LYS A O   
215  C CB  . LYS A 12 ? 0.2233 0.2735 0.8276 -0.0243 0.0297  -0.1134 12 LYS A CB  
216  C CG  . LYS A 12 ? 0.2797 0.3266 0.9047 -0.0218 0.0327  -0.1180 12 LYS A CG  
217  C CD  . LYS A 12 ? 0.4015 0.4499 1.0317 -0.0221 0.0364  -0.1225 12 LYS A CD  
218  C CE  . LYS A 12 ? 0.6511 0.6956 1.3063 -0.0196 0.0393  -0.1269 12 LYS A CE  
219  N NZ  . LYS A 12 ? 0.9415 0.9886 1.6012 -0.0207 0.0448  -0.1344 12 LYS A NZ  
233  N N   . ILE A 13 ? 0.2167 0.2716 0.7898 -0.0295 0.0246  -0.1055 13 ILE A N   
234  C CA  . ILE A 13 ? 0.3264 0.3817 0.8870 -0.0308 0.0256  -0.1055 13 ILE A CA  
235  C C   . ILE A 13 ? 0.2841 0.3418 0.8401 -0.0332 0.0211  -0.1017 13 ILE A C   
236  O O   . ILE A 13 ? 0.2121 0.2690 0.7618 -0.0329 0.0219  -0.1023 13 ILE A O   
237  C CB  . ILE A 13 ? 0.2146 0.2712 0.7720 -0.0327 0.0278  -0.1059 13 ILE A CB  
238  C CG1 . ILE A 13 ? 0.2146 0.2693 0.7765 -0.0309 0.0328  -0.1081 13 ILE A CG1 
239  C CG2 . ILE A 13 ? 0.2413 0.2980 0.7909 -0.0343 0.0294  -0.1060 13 ILE A CG2 
240  C CD1 . ILE A 13 ? 0.2180 0.2727 0.7820 -0.0325 0.0357  -0.1087 13 ILE A CD1 
252  N N   . GLY A 14 ? 0.2175 0.2804 0.7763 -0.0371 0.0161  -0.0972 14 GLY A N   
253  C CA  . GLY A 14 ? 0.2300 0.2981 0.7847 -0.0415 0.0112  -0.0923 14 GLY A CA  
254  C C   . GLY A 14 ? 0.2184 0.2819 0.7785 -0.0382 0.0108  -0.0914 14 GLY A C   
255  O O   . GLY A 14 ? 0.5004 0.5650 1.0524 -0.0399 0.0101  -0.0907 14 GLY A O   
259  N N   . LYS A 15 ? 0.3235 0.3822 0.8990 -0.0339 0.0121  -0.0924 15 LYS A N   
260  C CA  . LYS A 15 ? 0.2846 0.3389 0.8697 -0.0313 0.0133  -0.0934 15 LYS A CA  
261  C C   . LYS A 15 ? 0.2805 0.3330 0.8537 -0.0302 0.0180  -0.1002 15 LYS A C   
262  O O   . LYS A 15 ? 0.3201 0.3733 0.8895 -0.0314 0.0173  -0.0994 15 LYS A O   
263  C CB  . LYS A 15 ? 0.2882 0.3372 0.8960 -0.0271 0.0159  -0.0958 15 LYS A CB  
264  C CG  . LYS A 15 ? 0.5445 0.5956 1.1714 -0.0282 0.0104  -0.0859 15 LYS A CG  
265  C CD  . LYS A 15 ? 0.4332 0.4771 1.0879 -0.0230 0.0146  -0.0892 15 LYS A CD  
266  C CE  . LYS A 15 ? 0.3476 0.3948 1.0235 -0.0241 0.0091  -0.0775 15 LYS A CE  
267  N NZ  . LYS A 15 ? 0.8080 0.8486 1.5083 -0.0195 0.0140  -0.0819 15 LYS A NZ  
281  N N   . GLU A 16 ? 0.2173 0.2695 0.7856 -0.0288 0.0227  -0.1061 16 GLU A N   
282  C CA  . GLU A 16 ? 0.2152 0.2693 0.7734 -0.0297 0.0265  -0.1106 16 GLU A CA  
283  C C   . GLU A 16 ? 0.2121 0.2687 0.7567 -0.0320 0.0242  -0.1067 16 GLU A C   
284  O O   . GLU A 16 ? 0.7004 0.7591 1.2394 -0.0335 0.0249  -0.1079 16 GLU A O   
285  C CB  . GLU A 16 ? 0.2145 0.2707 0.7701 -0.0298 0.0307  -0.1142 16 GLU A CB  
286  C CG  . GLU A 16 ? 0.2263 0.2816 0.7949 -0.0286 0.0340  -0.1198 16 GLU A CG  
287  C CD  . GLU A 16 ? 0.3667 0.4228 0.9443 -0.0291 0.0376  -0.1270 16 GLU A CD  
288  O OE1 . GLU A 16 ? 0.7343 0.7963 1.3032 -0.0326 0.0396  -0.1301 16 GLU A OE1 
289  O OE2 . GLU A 16 ? 0.8051 0.8568 1.4007 -0.0265 0.0391  -0.1300 16 GLU A OE2 
296  N N   . PHE A 17 ? 0.4689 0.5260 1.0087 -0.0332 0.0220  -0.1031 17 PHE A N   
297  C CA  . PHE A 17 ? 0.3674 0.4272 0.8969 -0.0357 0.0210  -0.1012 17 PHE A CA  
298  C C   . PHE A 17 ? 0.2095 0.2714 0.7369 -0.0385 0.0168  -0.0979 17 PHE A C   
299  O O   . PHE A 17 ? 0.2083 0.2720 0.7286 -0.0399 0.0172  -0.0981 17 PHE A O   
300  C CB  . PHE A 17 ? 0.2091 0.2703 0.7368 -0.0378 0.0211  -0.1006 17 PHE A CB  
301  C CG  . PHE A 17 ? 0.3344 0.3981 0.8547 -0.0408 0.0220  -0.1011 17 PHE A CG  
302  C CD1 . PHE A 17 ? 0.2083 0.2697 0.7298 -0.0387 0.0274  -0.1034 17 PHE A CD1 
303  C CD2 . PHE A 17 ? 0.2749 0.3443 0.7902 -0.0461 0.0180  -0.0990 17 PHE A CD2 
304  C CE1 . PHE A 17 ? 0.4948 0.5578 1.0141 -0.0408 0.0296  -0.1048 17 PHE A CE1 
305  C CE2 . PHE A 17 ? 0.4212 0.4937 0.9305 -0.0494 0.0199  -0.1011 17 PHE A CE2 
306  C CZ  . PHE A 17 ? 0.4668 0.5353 0.9790 -0.0461 0.0262  -0.1046 17 PHE A CZ  
316  N N   . LYS A 18 ? 0.2788 0.3417 0.8142 -0.0399 0.0127  -0.0938 18 LYS A N   
317  C CA  . LYS A 18 ? 0.4993 0.5652 1.0359 -0.0434 0.0083  -0.0885 18 LYS A CA  
318  C C   . LYS A 18 ? 0.4921 0.5543 1.0320 -0.0409 0.0108  -0.0917 18 LYS A C   
319  O O   . LYS A 18 ? 0.2802 0.3448 0.8159 -0.0440 0.0088  -0.0891 18 LYS A O   
320  C CB  . LYS A 18 ? 0.3146 0.3829 0.8653 -0.0453 0.0033  -0.0815 18 LYS A CB  
321  C CG  . LYS A 18 ? 0.4679 0.5473 1.0131 -0.0530 -0.0017 -0.0758 18 LYS A CG  
322  C CD  . LYS A 18 ? 0.6858 0.7709 1.2487 -0.0555 -0.0074 -0.0662 18 LYS A CD  
323  C CE  . LYS A 18 ? 0.7487 0.8523 1.3052 -0.0668 -0.0133 -0.0592 18 LYS A CE  
324  N NZ  . LYS A 18 ? 0.6982 0.8074 1.2592 -0.0684 -0.0140 -0.0589 18 LYS A NZ  
338  N N   . ARG A 19 ? 0.3582 0.4162 0.9053 -0.0368 0.0156  -0.0979 19 ARG A N   
339  C CA  . ARG A 19 ? 0.3392 0.3965 0.8898 -0.0365 0.0193  -0.1033 19 ARG A CA  
340  C C   . ARG A 19 ? 0.3357 0.3978 0.8702 -0.0388 0.0212  -0.1060 19 ARG A C   
341  O O   . ARG A 19 ? 0.7039 0.7684 1.2353 -0.0414 0.0215  -0.1068 19 ARG A O   
342  C CB  . ARG A 19 ? 0.3420 0.3967 0.9065 -0.0335 0.0247  -0.1108 19 ARG A CB  
343  C CG  . ARG A 19 ? 0.4054 0.4548 0.9939 -0.0308 0.0242  -0.1091 19 ARG A CG  
344  C CD  . ARG A 19 ? 0.6525 0.6998 1.2563 -0.0283 0.0316  -0.1194 19 ARG A CD  
345  N NE  . ARG A 19 ? 0.8760 0.9283 1.4727 -0.0316 0.0376  -0.1297 19 ARG A NE  
346  C CZ  . ARG A 19 ? 0.8779 0.9341 1.4775 -0.0331 0.0446  -0.1409 19 ARG A CZ  
347  N NH1 . ARG A 19 ? 0.8696 0.9232 1.4797 -0.0305 0.0468  -0.1435 19 ARG A NH1 
348  N NH2 . ARG A 19 ? 0.8187 0.8834 1.4101 -0.0387 0.0493  -0.1496 19 ARG A NH2 
362  N N   . ILE A 20 ? 0.2098 0.2739 0.7364 -0.0384 0.0229  -0.1067 20 ILE A N   
363  C CA  . ILE A 20 ? 0.2072 0.2769 0.7225 -0.0409 0.0241  -0.1066 20 ILE A CA  
364  C C   . ILE A 20 ? 0.2066 0.2772 0.7150 -0.0430 0.0208  -0.1025 20 ILE A C   
365  O O   . ILE A 20 ? 0.2067 0.2818 0.7097 -0.0457 0.0209  -0.1029 20 ILE A O   
366  C CB  . ILE A 20 ? 0.5456 0.6162 1.0590 -0.0398 0.0262  -0.1054 20 ILE A CB  
367  C CG1 . ILE A 20 ? 0.2063 0.2796 0.7249 -0.0397 0.0295  -0.1090 20 ILE A CG1 
368  C CG2 . ILE A 20 ? 0.2030 0.2798 0.7102 -0.0419 0.0274  -0.1029 20 ILE A CG2 
369  C CD1 . ILE A 20 ? 0.3440 0.4189 0.8637 -0.0392 0.0316  -0.1065 20 ILE A CD1 
381  N N   . VAL A 21 ? 0.2071 0.2758 0.7155 -0.0433 0.0176  -0.0989 21 VAL A N   
382  C CA  . VAL A 21 ? 0.4375 0.5097 0.9393 -0.0473 0.0146  -0.0957 21 VAL A CA  
383  C C   . VAL A 21 ? 0.3081 0.3815 0.8117 -0.0498 0.0120  -0.0937 21 VAL A C   
384  O O   . VAL A 21 ? 0.4170 0.4941 0.9137 -0.0528 0.0115  -0.0931 21 VAL A O   
385  C CB  . VAL A 21 ? 0.3699 0.4441 0.8721 -0.0501 0.0118  -0.0931 21 VAL A CB  
386  C CG1 . VAL A 21 ? 0.2139 0.2953 0.7097 -0.0570 0.0080  -0.0895 21 VAL A CG1 
387  C CG2 . VAL A 21 ? 0.5261 0.5993 1.0270 -0.0485 0.0158  -0.0965 21 VAL A CG2 
397  N N   . GLN A 22 ? 0.4650 0.5349 0.9801 -0.0485 0.0107  -0.0922 22 GLN A N   
398  C CA  . GLN A 22 ? 0.3139 0.3834 0.8363 -0.0506 0.0091  -0.0897 22 GLN A CA  
399  C C   . GLN A 22 ? 0.3139 0.3842 0.8333 -0.0510 0.0132  -0.0959 22 GLN A C   
400  O O   . GLN A 22 ? 0.3161 0.3890 0.8322 -0.0547 0.0120  -0.0942 22 GLN A O   
401  C CB  . GLN A 22 ? 0.3185 0.3828 0.8617 -0.0478 0.0085  -0.0876 22 GLN A CB  
402  C CG  . GLN A 22 ? 0.5830 0.6469 1.1412 -0.0504 0.0051  -0.0803 22 GLN A CG  
403  C CD  . GLN A 22 ? 0.5668 0.6393 1.1163 -0.0575 -0.0019 -0.0702 22 GLN A CD  
404  O OE1 . GLN A 22 ? 0.7806 0.8589 1.3230 -0.0602 -0.0049 -0.0671 22 GLN A OE1 
405  N NE2 . GLN A 22 ? 0.8623 0.9376 1.4140 -0.0620 -0.0041 -0.0653 22 GLN A NE2 
414  N N   . ARG A 23 ? 0.2913 0.3615 0.8109 -0.0485 0.0181  -0.1030 23 ARG A N   
415  C CA  . ARG A 23 ? 0.2926 0.3683 0.8084 -0.0514 0.0221  -0.1095 23 ARG A CA  
416  C C   . ARG A 23 ? 0.5107 0.5937 1.0110 -0.0547 0.0207  -0.1068 23 ARG A C   
417  O O   . ARG A 23 ? 0.2914 0.3795 0.7880 -0.0589 0.0213  -0.1085 23 ARG A O   
418  C CB  . ARG A 23 ? 0.2928 0.3713 0.8113 -0.0505 0.0269  -0.1165 23 ARG A CB  
419  C CG  . ARG A 23 ? 0.5065 0.5959 1.0197 -0.0561 0.0310  -0.1235 23 ARG A CG  
420  C CD  . ARG A 23 ? 0.9422 1.0309 1.4641 -0.0592 0.0340  -0.1298 23 ARG A CD  
421  N NE  . ARG A 23 ? 0.7102 0.7884 1.2527 -0.0549 0.0365  -0.1328 23 ARG A NE  
422  C CZ  . ARG A 23 ? 1.0871 1.1646 1.6416 -0.0535 0.0418  -0.1411 23 ARG A CZ  
423  N NH1 . ARG A 23 ? 1.1209 1.2086 1.6662 -0.0572 0.0448  -0.1468 23 ARG A NH1 
424  N NH2 . ARG A 23 ? 0.7297 0.7978 1.3074 -0.0490 0.0443  -0.1429 23 ARG A NH2 
438  N N   . ILE A 24 ? 0.2962 0.3800 0.7901 -0.0532 0.0195  -0.1033 24 ILE A N   
439  C CA  . ILE A 24 ? 0.2075 0.2975 0.6919 -0.0555 0.0188  -0.1008 24 ILE A CA  
440  C C   . ILE A 24 ? 0.2098 0.3001 0.6908 -0.0588 0.0155  -0.0978 24 ILE A C   
441  O O   . ILE A 24 ? 0.2100 0.3068 0.6849 -0.0624 0.0156  -0.0976 24 ILE A O   
442  C CB  . ILE A 24 ? 0.2043 0.2929 0.6884 -0.0528 0.0198  -0.0987 24 ILE A CB  
443  C CG1 . ILE A 24 ? 0.3153 0.4067 0.8033 -0.0510 0.0231  -0.1000 24 ILE A CG1 
444  C CG2 . ILE A 24 ? 0.2032 0.2967 0.6826 -0.0547 0.0199  -0.0968 24 ILE A CG2 
445  C CD1 . ILE A 24 ? 0.4941 0.5823 0.9867 -0.0479 0.0251  -0.0980 24 ILE A CD1 
457  N N   . LYS A 25 ? 0.2724 0.3579 0.7578 -0.0589 0.0122  -0.0944 25 LYS A N   
458  C CA  . LYS A 25 ? 0.3005 0.3889 0.7834 -0.0641 0.0083  -0.0899 25 LYS A CA  
459  C C   . LYS A 25 ? 0.5766 0.6655 1.0625 -0.0664 0.0090  -0.0910 25 LYS A C   
460  O O   . LYS A 25 ? 0.4492 0.5434 0.9286 -0.0710 0.0079  -0.0895 25 LYS A O   
461  C CB  . LYS A 25 ? 0.2795 0.3666 0.7689 -0.0657 0.0041  -0.0840 25 LYS A CB  
462  C CG  . LYS A 25 ? 0.4303 0.5237 0.9121 -0.0696 0.0018  -0.0817 25 LYS A CG  
463  C CD  . LYS A 25 ? 0.5509 0.6442 1.0391 -0.0702 -0.0010 -0.0781 25 LYS A CD  
464  C CE  . LYS A 25 ? 0.8647 0.9701 1.3454 -0.0794 -0.0047 -0.0744 25 LYS A CE  
465  N NZ  . LYS A 25 ? 0.8988 1.0139 1.3801 -0.0878 -0.0104 -0.0655 25 LYS A NZ  
479  N N   . ASP A 26 ? 0.3802 0.4641 0.8772 -0.0639 0.0117  -0.0948 26 ASP A N   
480  C CA  . ASP A 26 ? 0.3859 0.4700 0.8886 -0.0668 0.0141  -0.0983 26 ASP A CA  
481  C C   . ASP A 26 ? 0.4932 0.5864 0.9834 -0.0704 0.0165  -0.1029 26 ASP A C   
482  O O   . ASP A 26 ? 0.6533 0.7504 1.1404 -0.0753 0.0161  -0.1026 26 ASP A O   
483  C CB  . ASP A 26 ? 0.3906 0.4686 0.9110 -0.0635 0.0188  -0.1047 26 ASP A CB  
484  C CG  . ASP A 26 ? 0.6823 0.7526 1.2196 -0.0598 0.0161  -0.0986 26 ASP A CG  
485  O OD1 . ASP A 26 ? 0.7539 0.8252 1.2896 -0.0620 0.0102  -0.0888 26 ASP A OD1 
486  O OD2 . ASP A 26 ? 0.5826 0.6478 1.1355 -0.0556 0.0200  -0.1034 26 ASP A OD2 
491  N N   . PHE A 27 ? 0.6421 0.7404 1.1263 -0.0687 0.0187  -0.1060 27 PHE A N   
492  C CA  . PHE A 27 ? 0.2198 0.3306 0.6940 -0.0729 0.0200  -0.1075 27 PHE A CA  
493  C C   . PHE A 27 ? 0.2176 0.3324 0.6833 -0.0752 0.0169  -0.1020 27 PHE A C   
494  O O   . PHE A 27 ? 0.2194 0.3432 0.6802 -0.0802 0.0170  -0.1027 27 PHE A O   
495  C CB  . PHE A 27 ? 0.2151 0.3326 0.6875 -0.0709 0.0218  -0.1077 27 PHE A CB  
496  C CG  . PHE A 27 ? 0.5107 0.6447 0.9762 -0.0750 0.0219  -0.1052 27 PHE A CG  
497  C CD1 . PHE A 27 ? 0.2164 0.3664 0.6802 -0.0813 0.0240  -0.1088 27 PHE A CD1 
498  C CD2 . PHE A 27 ? 0.2082 0.3442 0.6711 -0.0729 0.0206  -0.0992 27 PHE A CD2 
499  C CE1 . PHE A 27 ? 0.2143 0.3846 0.6737 -0.0855 0.0234  -0.1038 27 PHE A CE1 
500  C CE2 . PHE A 27 ? 0.3353 0.4884 0.7963 -0.0759 0.0210  -0.0952 27 PHE A CE2 
501  C CZ  . PHE A 27 ? 0.2088 0.3806 0.6679 -0.0821 0.0218  -0.0961 27 PHE A CZ  
511  N N   . LEU A 28 ? 0.2145 0.3246 0.6792 -0.0724 0.0144  -0.0975 28 LEU A N   
512  C CA  . LEU A 28 ? 0.2998 0.4151 0.7574 -0.0753 0.0125  -0.0940 28 LEU A CA  
513  C C   . LEU A 28 ? 0.2190 0.3347 0.6756 -0.0806 0.0098  -0.0920 28 LEU A C   
514  O O   . LEU A 28 ? 0.2193 0.3429 0.6696 -0.0849 0.0092  -0.0908 28 LEU A O   
515  C CB  . LEU A 28 ? 0.4298 0.5414 0.8875 -0.0729 0.0116  -0.0918 28 LEU A CB  
516  C CG  . LEU A 28 ? 0.4539 0.5641 0.9149 -0.0678 0.0149  -0.0934 28 LEU A CG  
517  C CD1 . LEU A 28 ? 0.3151 0.4220 0.7774 -0.0671 0.0149  -0.0932 28 LEU A CD1 
518  C CD2 . LEU A 28 ? 0.4363 0.5561 0.8980 -0.0677 0.0178  -0.0932 28 LEU A CD2 
530  N N   . ARG A 29 ? 0.2834 0.3915 0.7482 -0.0809 0.0083  -0.0906 29 ARG A N   
531  C CA  . ARG A 29 ? 0.4208 0.5295 0.8879 -0.0865 0.0060  -0.0871 29 ARG A CA  
532  C C   . ARG A 29 ? 0.6047 0.7153 1.0739 -0.0894 0.0093  -0.0924 29 ARG A C   
533  O O   . ARG A 29 ? 0.3363 0.4485 0.8059 -0.0951 0.0081  -0.0900 29 ARG A O   
534  C CB  . ARG A 29 ? 0.3123 0.4137 0.7916 -0.0862 0.0032  -0.0815 29 ARG A CB  
535  C CG  . ARG A 29 ? 0.6904 0.7943 1.1666 -0.0868 -0.0010 -0.0755 29 ARG A CG  
536  C CD  . ARG A 29 ? 0.7585 0.8732 1.2214 -0.0934 -0.0035 -0.0726 29 ARG A CD  
537  N NE  . ARG A 29 ? 0.6959 0.8161 1.1553 -0.0961 -0.0063 -0.0693 29 ARG A NE  
538  C CZ  . ARG A 29 ? 0.8020 0.9220 1.2572 -0.0925 -0.0037 -0.0743 29 ARG A CZ  
539  N NH1 . ARG A 29 ? 0.5010 0.6160 0.9558 -0.0856 0.0012  -0.0808 29 ARG A NH1 
540  N NH2 . ARG A 29 ? 0.9729 1.0994 1.4254 -0.0970 -0.0058 -0.0723 29 ARG A NH2 
554  N N   . ASN A 30 ? 0.3062 0.4183 0.7763 -0.0873 0.0136  -0.0997 30 ASN A N   
555  C CA  . ASN A 30 ? 0.2377 0.3580 0.7055 -0.0927 0.0169  -0.1058 30 ASN A CA  
556  C C   . ASN A 30 ? 0.2790 0.4133 0.7338 -0.0958 0.0155  -0.1035 30 ASN A C   
557  O O   . ASN A 30 ? 0.3630 0.5053 0.8139 -0.1020 0.0158  -0.1047 30 ASN A O   
558  C CB  . ASN A 30 ? 0.2397 0.3617 0.7128 -0.0919 0.0220  -0.1145 30 ASN A CB  
559  C CG  . ASN A 30 ? 0.4207 0.5305 0.9116 -0.0899 0.0256  -0.1196 30 ASN A CG  
560  O OD1 . ASN A 30 ? 0.8562 0.9582 1.3572 -0.0910 0.0248  -0.1165 30 ASN A OD1 
561  N ND2 . ASN A 30 ? 0.4409 0.5497 0.9382 -0.0873 0.0298  -0.1266 30 ASN A ND2 
568  N N   . LEU A 31 ? 0.2274 0.3653 0.6775 -0.0916 0.0145  -0.1002 31 LEU A N   
569  C CA  . LEU A 31 ? 0.4139 0.5659 0.8566 -0.0934 0.0141  -0.0972 31 LEU A CA  
570  C C   . LEU A 31 ? 0.2785 0.4315 0.7165 -0.0963 0.0115  -0.0932 31 LEU A C   
571  O O   . LEU A 31 ? 0.3062 0.4713 0.7396 -0.1008 0.0113  -0.0921 31 LEU A O   
572  C CB  . LEU A 31 ? 0.2163 0.3699 0.6613 -0.0876 0.0151  -0.0949 31 LEU A CB  
573  C CG  . LEU A 31 ? 0.6697 0.8401 1.1147 -0.0882 0.0162  -0.0910 31 LEU A CG  
574  C CD1 . LEU A 31 ? 0.3981 0.5879 0.8422 -0.0935 0.0169  -0.0910 31 LEU A CD1 
575  C CD2 . LEU A 31 ? 0.3030 0.4703 0.7550 -0.0817 0.0181  -0.0885 31 LEU A CD2 
587  N N   . VAL A 32 ? 0.2917 0.4351 0.7309 -0.0949 0.0093  -0.0905 32 VAL A N   
588  C CA  . VAL A 32 ? 0.2452 0.3925 0.6794 -0.0994 0.0067  -0.0866 32 VAL A CA  
589  C C   . VAL A 32 ? 0.2611 0.4014 0.6984 -0.1033 0.0034  -0.0831 32 VAL A C   
590  O O   . VAL A 32 ? 0.5575 0.6946 0.9958 -0.1030 0.0010  -0.0797 32 VAL A O   
591  C CB  . VAL A 32 ? 0.3348 0.4843 0.7671 -0.0967 0.0073  -0.0858 32 VAL A CB  
592  C CG1 . VAL A 32 ? 0.2440 0.4003 0.6709 -0.1030 0.0052  -0.0831 32 VAL A CG1 
593  C CG2 . VAL A 32 ? 0.5482 0.7051 0.9835 -0.0926 0.0112  -0.0876 32 VAL A CG2 
603  N N   . PRO A 33 ? 0.4261 0.5653 0.8665 -0.1078 0.0031  -0.0831 33 PRO A N   
604  C CA  . PRO A 33 ? 0.3461 0.4803 0.7930 -0.1121 0.0000  -0.0772 33 PRO A CA  
605  C C   . PRO A 33 ? 0.6178 0.7616 1.0568 -0.1196 -0.0042 -0.0703 33 PRO A C   
606  O O   . PRO A 33 ? 0.6811 0.8345 1.1107 -0.1221 -0.0039 -0.0715 33 PRO A O   
607  C CB  . PRO A 33 ? 0.4469 0.5778 0.9011 -0.1153 0.0026  -0.0804 33 PRO A CB  
608  C CG  . PRO A 33 ? 0.6112 0.7518 1.0566 -0.1165 0.0053  -0.0864 33 PRO A CG  
609  C CD  . PRO A 33 ? 0.5485 0.6927 0.9885 -0.1102 0.0061  -0.0883 33 PRO A CD  
617  N N   . ARG A 34 ? 0.7657 0.9092 1.2096 -0.1239 -0.0081 -0.0625 34 ARG A N   
618  C CA  . ARG A 34 ? 0.7447 0.9017 1.1811 -0.1337 -0.0124 -0.0553 34 ARG A CA  
619  C C   . ARG A 34 ? 0.5763 0.7382 1.0132 -0.1417 -0.0133 -0.0518 34 ARG A C   
620  O O   . ARG A 34 ? 0.7454 0.9008 1.1863 -0.1397 -0.0101 -0.0563 34 ARG A O   
621  C CB  . ARG A 34 ? 0.6866 0.8465 1.1303 -0.1372 -0.0166 -0.0474 34 ARG A CB  
624  N N   . LEU B 1  ? 0.6258 0.9231 1.0965 -0.1957 -0.1455 -0.0013 1  LEU B N   
625  C CA  . LEU B 1  ? 0.5936 0.8661 1.0463 -0.1954 -0.1376 -0.0438 1  LEU B CA  
626  C C   . LEU B 1  ? 0.6376 0.9198 1.0676 -0.1797 -0.1197 -0.0589 1  LEU B C   
627  O O   . LEU B 1  ? 0.7875 1.0478 1.2270 -0.1701 -0.1082 -0.0841 1  LEU B O   
628  C CB  . LEU B 1  ? 0.7828 1.0632 1.1998 -0.2109 -0.1443 -0.0546 1  LEU B CB  
629  C CG  . LEU B 1  ? 0.7886 1.0476 1.1771 -0.2143 -0.1395 -0.0981 1  LEU B CG  
630  C CD1 . LEU B 1  ? 0.6992 0.9099 1.1212 -0.2159 -0.1421 -0.1237 1  LEU B CD1 
631  C CD2 . LEU B 1  ? 0.6936 0.9704 1.0483 -0.2327 -0.1513 -0.0999 1  LEU B CD2 
645  N N   . LEU B 2  ? 0.6402 0.9546 1.0436 -0.1764 -0.1159 -0.0427 2  LEU B N   
646  C CA  . LEU B 2  ? 0.5393 0.8658 0.9236 -0.1645 -0.1007 -0.0541 2  LEU B CA  
647  C C   . LEU B 2  ? 0.4242 0.7678 0.8222 -0.1578 -0.1025 -0.0305 2  LEU B C   
648  O O   . LEU B 2  ? 0.4034 0.7673 0.7774 -0.1553 -0.0971 -0.0266 2  LEU B O   
649  C CB  . LEU B 2  ? 0.8053 1.1530 1.1459 -0.1684 -0.0943 -0.0599 2  LEU B CB  
650  C CG  . LEU B 2  ? 0.7093 1.0485 1.0281 -0.1782 -0.0962 -0.0813 2  LEU B CG  
651  C CD1 . LEU B 2  ? 0.6254 0.9924 0.9174 -0.1879 -0.1000 -0.0659 2  LEU B CD1 
652  C CD2 . LEU B 2  ? 0.7486 1.0804 1.0508 -0.1693 -0.0805 -0.1117 2  LEU B CD2 
664  N N   . GLY B 3  ? 0.3718 0.7077 0.8097 -0.1560 -0.1114 -0.0139 3  GLY B N   
665  C CA  . GLY B 3  ? 0.4756 0.8324 0.9225 -0.1535 -0.1185 0.0119  3  GLY B CA  
666  C C   . GLY B 3  ? 0.3520 0.7307 0.7619 -0.1605 -0.1234 0.0285  3  GLY B C   
667  O O   . GLY B 3  ? 0.3457 0.7252 0.7481 -0.1679 -0.1272 0.0378  3  GLY B O   
671  N N   . ASP B 4  ? 0.4573 0.8534 0.8459 -0.1584 -0.1223 0.0320  4  ASP B N   
672  C CA  . ASP B 4  ? 0.4361 0.8494 0.7872 -0.1625 -0.1232 0.0444  4  ASP B CA  
673  C C   . ASP B 4  ? 0.4259 0.8409 0.7427 -0.1622 -0.1091 0.0291  4  ASP B C   
674  O O   . ASP B 4  ? 0.4629 0.8886 0.7500 -0.1633 -0.1047 0.0369  4  ASP B O   
675  C CB  . ASP B 4  ? 0.6817 1.1095 1.0245 -0.1625 -0.1315 0.0533  4  ASP B CB  
676  C CG  . ASP B 4  ? 0.6777 1.1167 1.0449 -0.1649 -0.1478 0.0817  4  ASP B CG  
677  O OD1 . ASP B 4  ? 0.5481 0.9833 0.9380 -0.1661 -0.1507 0.0973  4  ASP B OD1 
678  O OD2 . ASP B 4  ? 0.5368 0.9905 0.9032 -0.1669 -0.1592 0.0908  4  ASP B OD2 
683  N N   . PHE B 5  ? 0.3124 0.7184 0.6325 -0.1601 -0.1001 0.0093  5  PHE B N   
684  C CA  . PHE B 5  ? 0.3861 0.7994 0.6802 -0.1595 -0.0870 0.0003  5  PHE B CA  
685  C C   . PHE B 5  ? 0.3247 0.7420 0.6104 -0.1658 -0.0869 0.0078  5  PHE B C   
686  O O   . PHE B 5  ? 0.3683 0.7767 0.6708 -0.1716 -0.0966 0.0104  5  PHE B O   
687  C CB  . PHE B 5  ? 0.2996 0.7097 0.5990 -0.1542 -0.0770 -0.0196 5  PHE B CB  
688  C CG  . PHE B 5  ? 0.4073 0.8180 0.7226 -0.1486 -0.0764 -0.0231 5  PHE B CG  
689  C CD1 . PHE B 5  ? 0.2903 0.7089 0.5937 -0.1492 -0.0750 -0.0199 5  PHE B CD1 
690  C CD2 . PHE B 5  ? 0.3031 0.7059 0.6486 -0.1430 -0.0769 -0.0296 5  PHE B CD2 
691  C CE1 . PHE B 5  ? 0.4591 0.8800 0.7815 -0.1475 -0.0785 -0.0214 5  PHE B CE1 
692  C CE2 . PHE B 5  ? 0.6831 1.0916 1.0511 -0.1386 -0.0775 -0.0275 5  PHE B CE2 
693  C CZ  . PHE B 5  ? 0.2920 0.7109 0.6489 -0.1424 -0.0804 -0.0227 5  PHE B CZ  
703  N N   . PHE B 6  ? 0.3785 0.8091 0.6435 -0.1652 -0.0761 0.0130  6  PHE B N   
704  C CA  . PHE B 6  ? 0.4417 0.8836 0.7033 -0.1714 -0.0754 0.0249  6  PHE B CA  
705  C C   . PHE B 6  ? 0.5365 0.9811 0.8090 -0.1766 -0.0850 0.0475  6  PHE B C   
706  O O   . PHE B 6  ? 0.3736 0.8182 0.6615 -0.1862 -0.0954 0.0545  6  PHE B O   
707  C CB  . PHE B 6  ? 0.3044 0.7431 0.5692 -0.1776 -0.0799 0.0095  6  PHE B CB  
708  C CG  . PHE B 6  ? 0.3015 0.7401 0.5584 -0.1708 -0.0694 -0.0102 6  PHE B CG  
709  C CD1 . PHE B 6  ? 0.2902 0.7473 0.5354 -0.1671 -0.0559 -0.0056 6  PHE B CD1 
710  C CD2 . PHE B 6  ? 0.5981 1.0199 0.8654 -0.1666 -0.0706 -0.0294 6  PHE B CD2 
711  C CE1 . PHE B 6  ? 0.4299 0.8912 0.6729 -0.1605 -0.0453 -0.0184 6  PHE B CE1 
712  C CE2 . PHE B 6  ? 0.3777 0.8039 0.6411 -0.1588 -0.0582 -0.0433 6  PHE B CE2 
713  C CZ  . PHE B 6  ? 0.2980 0.7450 0.5487 -0.1563 -0.0461 -0.0371 6  PHE B CZ  
723  N N   . ARG B 7  ? 0.4720 0.5910 0.7008 -0.1052 -0.2041 -0.0889 7  ARG B N   
724  C CA  . ARG B 7  ? 0.4884 0.6099 0.6768 -0.1043 -0.2178 -0.0824 7  ARG B CA  
725  C C   . ARG B 7  ? 0.4905 0.5958 0.6536 -0.1014 -0.2023 -0.0877 7  ARG B C   
726  O O   . ARG B 7  ? 0.6022 0.7064 0.7493 -0.0937 -0.1962 -0.0733 7  ARG B O   
727  C CB  . ARG B 7  ? 0.6092 0.7356 0.7670 -0.1173 -0.2366 -0.0931 7  ARG B CB  
728  C CG  . ARG B 7  ? 0.6878 0.8149 0.7973 -0.1224 -0.2556 -0.0816 7  ARG B CG  
729  C CD  . ARG B 7  ? 0.8347 0.9622 0.9079 -0.1391 -0.2733 -0.0939 7  ARG B CD  
730  N NE  . ARG B 7  ? 1.0336 1.1554 1.0597 -0.1452 -0.2955 -0.0771 7  ARG B NE  
731  C CZ  . ARG B 7  ? 1.0008 1.1266 1.0406 -0.1425 -0.3216 -0.0618 7  ARG B CZ  
732  N NH1 . ARG B 7  ? 0.9342 1.0753 1.0366 -0.1345 -0.3266 -0.0643 7  ARG B NH1 
733  N NH2 . ARG B 7  ? 0.9499 1.0598 0.9396 -0.1500 -0.3429 -0.0439 7  ARG B NH2 
747  N N   . LYS B 8  ? 0.3817 0.4728 0.5426 -0.1053 -0.1900 -0.1076 8  LYS B N   
748  C CA  . LYS B 8  ? 0.3813 0.4568 0.5271 -0.0992 -0.1709 -0.1155 8  LYS B CA  
749  C C   . LYS B 8  ? 0.3489 0.4127 0.5124 -0.0867 -0.1596 -0.0981 8  LYS B C   
750  O O   . LYS B 8  ? 0.4171 0.4787 0.5682 -0.0791 -0.1502 -0.0936 8  LYS B O   
751  C CB  . LYS B 8  ? 0.3994 0.4593 0.5545 -0.1045 -0.1648 -0.1416 8  LYS B CB  
752  C CG  . LYS B 8  ? 0.8313 0.8729 0.9946 -0.0955 -0.1489 -0.1526 8  LYS B CG  
753  C CD  . LYS B 8  ? 0.9114 0.9355 1.0935 -0.0999 -0.1467 -0.1803 8  LYS B CD  
754  C CE  . LYS B 8  ? 0.8552 0.8565 1.0626 -0.1019 -0.1545 -0.1720 8  LYS B CE  
755  N NZ  . LYS B 8  ? 0.7516 0.7265 0.9731 -0.0925 -0.1531 -0.1528 8  LYS B NZ  
769  N N   . SER B 9  ? 0.3334 0.3884 0.5233 -0.0878 -0.1590 -0.0901 9  SER B N   
770  C CA  . SER B 9  ? 0.3138 0.3523 0.5100 -0.0815 -0.1489 -0.0742 9  SER B CA  
771  C C   . SER B 9  ? 0.3967 0.4516 0.5875 -0.0736 -0.1481 -0.0564 9  SER B C   
772  O O   . SER B 9  ? 0.6626 0.7080 0.8446 -0.0655 -0.1406 -0.0472 9  SER B O   
773  C CB  . SER B 9  ? 0.4416 0.4647 0.6564 -0.0925 -0.1447 -0.0714 9  SER B CB  
774  O OG  . SER B 9  ? 0.4036 0.3969 0.6177 -0.0992 -0.1452 -0.0817 9  SER B OG  
780  N N   . LYS B 10 ? 0.6913 0.7695 0.8923 -0.0757 -0.1591 -0.0515 10 LYS B N   
781  C CA  . LYS B 10 ? 0.5901 0.6805 0.7905 -0.0679 -0.1624 -0.0342 10 LYS B CA  
782  C C   . LYS B 10 ? 0.3329 0.4234 0.4949 -0.0643 -0.1631 -0.0309 10 LYS B C   
783  O O   . LYS B 10 ? 0.3524 0.4413 0.5075 -0.0572 -0.1570 -0.0174 10 LYS B O   
784  C CB  . LYS B 10 ? 0.3236 0.4359 0.5525 -0.0703 -0.1815 -0.0309 10 LYS B CB  
785  C CG  . LYS B 10 ? 0.3089 0.4247 0.5829 -0.0725 -0.1694 -0.0341 10 LYS B CG  
786  C CD  . LYS B 10 ? 0.3166 0.4513 0.6219 -0.0678 -0.1802 -0.0313 10 LYS B CD  
787  C CE  . LYS B 10 ? 0.6326 0.7755 0.9287 -0.0723 -0.2014 -0.0377 10 LYS B CE  
788  N NZ  . LYS B 10 ? 1.0325 1.1896 1.3695 -0.0681 -0.2146 -0.0367 10 LYS B NZ  
802  N N   . GLU B 11 ? 0.4427 0.5351 0.5786 -0.0723 -0.1678 -0.0455 11 GLU B N   
803  C CA  . GLU B 11 ? 0.6615 0.7528 0.7583 -0.0750 -0.1605 -0.0485 11 GLU B CA  
804  C C   . GLU B 11 ? 0.4603 0.5404 0.5671 -0.0659 -0.1395 -0.0538 11 GLU B C   
805  O O   . GLU B 11 ? 0.4627 0.5442 0.5559 -0.0628 -0.1307 -0.0467 11 GLU B O   
806  C CB  . GLU B 11 ? 0.5685 0.6616 0.6338 -0.0903 -0.1636 -0.0699 11 GLU B CB  
807  C CG  . GLU B 11 ? 1.1426 1.2426 1.1754 -0.1037 -0.1895 -0.0602 11 GLU B CG  
808  C CD  . GLU B 11 ? 1.2596 1.3566 1.2449 -0.1245 -0.1902 -0.0823 11 GLU B CD  
809  O OE1 . GLU B 11 ? 1.4015 1.4941 1.3660 -0.1304 -0.1644 -0.1030 11 GLU B OE1 
810  O OE2 . GLU B 11 ? 0.9314 1.0302 0.9029 -0.1365 -0.2165 -0.0817 11 GLU B OE2 
817  N N   . LYS B 12 ? 0.5359 0.6020 0.6682 -0.0625 -0.1346 -0.0657 12 LYS B N   
818  C CA  . LYS B 12 ? 0.4332 0.4834 0.5827 -0.0533 -0.1241 -0.0688 12 LYS B CA  
819  C C   . LYS B 12 ? 0.4088 0.4549 0.5619 -0.0455 -0.1229 -0.0452 12 LYS B C   
820  O O   . LYS B 12 ? 0.4030 0.4498 0.5550 -0.0396 -0.1152 -0.0428 12 LYS B O   
821  C CB  . LYS B 12 ? 0.4812 0.5081 0.6549 -0.0535 -0.1283 -0.0789 12 LYS B CB  
822  C CG  . LYS B 12 ? 0.7768 0.7801 0.9736 -0.0445 -0.1274 -0.0827 12 LYS B CG  
823  C CD  . LYS B 12 ? 1.0098 1.0231 1.2205 -0.0410 -0.1171 -0.1091 12 LYS B CD  
824  C CE  . LYS B 12 ? 1.1686 1.1574 1.4212 -0.0303 -0.1233 -0.1166 12 LYS B CE  
825  N NZ  . LYS B 12 ? 0.9993 1.0055 1.2776 -0.0251 -0.1081 -0.1414 12 LYS B NZ  
839  N N   . ILE B 13 ? 0.2615 0.3037 0.4222 -0.0473 -0.1279 -0.0308 13 ILE B N   
840  C CA  . ILE B 13 ? 0.3921 0.4292 0.5556 -0.0428 -0.1241 -0.0121 13 ILE B CA  
841  C C   . ILE B 13 ? 0.4372 0.4918 0.5879 -0.0380 -0.1228 -0.0023 13 ILE B C   
842  O O   . ILE B 13 ? 0.3385 0.3880 0.4867 -0.0323 -0.1163 0.0049  13 ILE B O   
843  C CB  . ILE B 13 ? 0.2895 0.3260 0.4670 -0.0498 -0.1241 -0.0057 13 ILE B CB  
844  C CG1 . ILE B 13 ? 0.6610 0.6711 0.8414 -0.0598 -0.1223 -0.0121 13 ILE B CG1 
845  C CG2 . ILE B 13 ? 0.2226 0.2588 0.4040 -0.0471 -0.1172 0.0093  13 ILE B CG2 
846  C CD1 . ILE B 13 ? 0.6300 0.6433 0.8264 -0.0728 -0.1168 -0.0140 13 ILE B CD1 
858  N N   . GLY B 14 ? 0.3334 0.4053 0.4740 -0.0424 -0.1319 -0.0008 14 GLY B N   
859  C CA  . GLY B 14 ? 0.5008 0.5816 0.6210 -0.0421 -0.1351 0.0116  14 GLY B CA  
860  C C   . GLY B 14 ? 0.3096 0.3885 0.4093 -0.0430 -0.1212 0.0043  14 GLY B C   
861  O O   . GLY B 14 ? 0.4241 0.5024 0.5180 -0.0399 -0.1153 0.0157  14 GLY B O   
865  N N   . LYS B 15 ? 0.4338 0.5128 0.5280 -0.0483 -0.1138 -0.0183 15 LYS B N   
866  C CA  . LYS B 15 ? 0.5694 0.6510 0.6555 -0.0513 -0.0961 -0.0336 15 LYS B CA  
867  C C   . LYS B 15 ? 0.3593 0.4328 0.4781 -0.0385 -0.0888 -0.0311 15 LYS B C   
868  O O   . LYS B 15 ? 0.2755 0.3536 0.3908 -0.0383 -0.0787 -0.0271 15 LYS B O   
869  C CB  . LYS B 15 ? 0.3793 0.4629 0.4663 -0.0591 -0.0880 -0.0644 15 LYS B CB  
870  C CG  . LYS B 15 ? 0.7383 0.8285 0.7785 -0.0782 -0.0918 -0.0709 15 LYS B CG  
871  C CD  . LYS B 15 ? 0.6374 0.7291 0.6801 -0.0875 -0.0786 -0.1069 15 LYS B CD  
872  C CE  . LYS B 15 ? 0.6696 0.7629 0.6646 -0.1078 -0.0889 -0.1125 15 LYS B CE  
873  N NZ  . LYS B 15 ? 0.9647 1.0561 0.9773 -0.1115 -0.0835 -0.1445 15 LYS B NZ  
887  N N   . GLU B 16 ? 0.2701 0.3278 0.4178 -0.0304 -0.0961 -0.0326 16 GLU B N   
888  C CA  . GLU B 16 ? 0.2907 0.3340 0.4644 -0.0208 -0.0969 -0.0279 16 GLU B CA  
889  C C   . GLU B 16 ? 0.2678 0.3118 0.4302 -0.0184 -0.0966 -0.0042 16 GLU B C   
890  O O   . GLU B 16 ? 0.3642 0.4073 0.5379 -0.0140 -0.0919 -0.0024 16 GLU B O   
891  C CB  . GLU B 16 ? 0.2912 0.3073 0.4821 -0.0185 -0.1107 -0.0266 16 GLU B CB  
892  C CG  . GLU B 16 ? 0.4919 0.5025 0.7014 -0.0196 -0.1135 -0.0505 16 GLU B CG  
893  C CD  . GLU B 16 ? 0.8660 0.8844 1.1089 -0.0141 -0.1052 -0.0758 16 GLU B CD  
894  O OE1 . GLU B 16 ? 0.6964 0.7059 0.9666 -0.0058 -0.1100 -0.0729 16 GLU B OE1 
895  O OE2 . GLU B 16 ? 1.1297 1.1642 1.3742 -0.0197 -0.0928 -0.1012 16 GLU B OE2 
902  N N   . PHE B 17 ? 0.6268 0.6734 0.7739 -0.0215 -0.1016 0.0114  17 PHE B N   
903  C CA  . PHE B 17 ? 0.4436 0.4908 0.5863 -0.0192 -0.1006 0.0308  17 PHE B CA  
904  C C   . PHE B 17 ? 0.2811 0.3416 0.4085 -0.0210 -0.0937 0.0342  17 PHE B C   
905  O O   . PHE B 17 ? 0.3209 0.3784 0.4519 -0.0177 -0.0888 0.0429  17 PHE B O   
906  C CB  . PHE B 17 ? 0.2591 0.3101 0.4036 -0.0218 -0.1073 0.0404  17 PHE B CB  
907  C CG  . PHE B 17 ? 0.3000 0.3513 0.4500 -0.0190 -0.1058 0.0561  17 PHE B CG  
908  C CD1 . PHE B 17 ? 0.5453 0.5809 0.7032 -0.0193 -0.0995 0.0602  17 PHE B CD1 
909  C CD2 . PHE B 17 ? 0.3267 0.3895 0.4710 -0.0186 -0.1126 0.0667  17 PHE B CD2 
910  C CE1 . PHE B 17 ? 0.6041 0.6403 0.7705 -0.0176 -0.0956 0.0704  17 PHE B CE1 
911  C CE2 . PHE B 17 ? 0.4531 0.5141 0.6102 -0.0149 -0.1127 0.0797  17 PHE B CE2 
912  C CZ  . PHE B 17 ? 0.6156 0.6655 0.7868 -0.0137 -0.1021 0.0795  17 PHE B CZ  
922  N N   . LYS B 18 ? 0.2362 0.3081 0.3406 -0.0297 -0.0933 0.0275  18 LYS B N   
923  C CA  . LYS B 18 ? 0.2581 0.3365 0.3347 -0.0389 -0.0852 0.0310  18 LYS B CA  
924  C C   . LYS B 18 ? 0.2561 0.3383 0.3476 -0.0388 -0.0661 0.0146  18 LYS B C   
925  O O   . LYS B 18 ? 0.2635 0.3484 0.3443 -0.0440 -0.0562 0.0208  18 LYS B O   
926  C CB  . LYS B 18 ? 0.3109 0.3941 0.3487 -0.0549 -0.0893 0.0245  18 LYS B CB  
927  C CG  . LYS B 18 ? 0.3114 0.3908 0.3328 -0.0577 -0.1139 0.0461  18 LYS B CG  
928  C CD  . LYS B 18 ? 0.3621 0.4404 0.3364 -0.0772 -0.1235 0.0410  18 LYS B CD  
929  C CE  . LYS B 18 ? 0.7702 0.8412 0.7313 -0.0807 -0.1563 0.0657  18 LYS B CE  
930  N NZ  . LYS B 18 ? 0.8141 0.8704 0.7081 -0.1048 -0.1653 0.0776  18 LYS B NZ  
944  N N   . ARG B 19 ? 0.4513 0.5327 0.5743 -0.0328 -0.0625 -0.0066 19 ARG B N   
945  C CA  . ARG B 19 ? 0.5628 0.6498 0.7187 -0.0304 -0.0480 -0.0263 19 ARG B CA  
946  C C   . ARG B 19 ? 0.4142 0.4910 0.5965 -0.0187 -0.0558 -0.0116 19 ARG B C   
947  O O   . ARG B 19 ? 0.5258 0.6104 0.7222 -0.0199 -0.0445 -0.0154 19 ARG B O   
948  C CB  . ARG B 19 ? 0.5226 0.6086 0.7133 -0.0265 -0.0476 -0.0546 19 ARG B CB  
949  C CG  . ARG B 19 ? 0.7002 0.7933 0.9458 -0.0214 -0.0367 -0.0806 19 ARG B CG  
950  C CD  . ARG B 19 ? 0.6356 0.7224 0.9243 -0.0150 -0.0430 -0.1069 19 ARG B CD  
951  N NE  . ARG B 19 ? 0.7432 0.8457 1.0178 -0.0293 -0.0217 -0.1365 19 ARG B NE  
952  C CZ  . ARG B 19 ? 0.8107 0.9066 1.0965 -0.0288 -0.0270 -0.1542 19 ARG B CZ  
953  N NH1 . ARG B 19 ? 0.8001 0.8718 1.1099 -0.0154 -0.0538 -0.1431 19 ARG B NH1 
954  N NH2 . ARG B 19 ? 0.9490 1.0591 1.2162 -0.0453 -0.0051 -0.1834 19 ARG B NH2 
968  N N   . ILE B 20 ? 0.2053 0.2632 0.3912 -0.0108 -0.0737 0.0041  20 ILE B N   
969  C CA  . ILE B 20 ? 0.3727 0.4160 0.5682 -0.0051 -0.0818 0.0203  20 ILE B CA  
970  C C   . ILE B 20 ? 0.1876 0.2401 0.3639 -0.0088 -0.0726 0.0354  20 ILE B C   
971  O O   . ILE B 20 ? 0.2895 0.3432 0.4806 -0.0074 -0.0682 0.0364  20 ILE B O   
972  C CB  . ILE B 20 ? 0.1877 0.2074 0.3733 -0.0047 -0.0964 0.0340  20 ILE B CB  
973  C CG1 . ILE B 20 ? 0.3001 0.3010 0.5043 -0.0029 -0.1097 0.0223  20 ILE B CG1 
974  C CG2 . ILE B 20 ? 0.4687 0.4723 0.6485 -0.0049 -0.1006 0.0511  20 ILE B CG2 
975  C CD1 . ILE B 20 ? 0.2833 0.2558 0.4684 -0.0093 -0.1212 0.0343  20 ILE B CD1 
987  N N   . VAL B 21 ? 0.3591 0.4168 0.5062 -0.0140 -0.0723 0.0471  21 VAL B N   
988  C CA  . VAL B 21 ? 0.3931 0.4530 0.5234 -0.0175 -0.0692 0.0643  21 VAL B CA  
989  C C   . VAL B 21 ? 0.2545 0.3257 0.3771 -0.0267 -0.0532 0.0559  21 VAL B C   
990  O O   . VAL B 21 ? 0.3395 0.4093 0.4632 -0.0284 -0.0476 0.0650  21 VAL B O   
991  C CB  . VAL B 21 ? 0.5062 0.5666 0.6153 -0.0210 -0.0795 0.0777  21 VAL B CB  
992  C CG1 . VAL B 21 ? 0.4055 0.4637 0.4965 -0.0265 -0.0810 0.0959  21 VAL B CG1 
993  C CG2 . VAL B 21 ? 0.3501 0.4025 0.4772 -0.0141 -0.0887 0.0826  21 VAL B CG2 
1003 N N   . GLN B 22 ? 0.3822 0.4645 0.4957 -0.0359 -0.0427 0.0361  22 GLN B N   
1004 C CA  . GLN B 22 ? 0.2604 0.3539 0.3647 -0.0508 -0.0202 0.0223  22 GLN B CA  
1005 C C   . GLN B 22 ? 0.5856 0.6857 0.7398 -0.0433 -0.0110 0.0093  22 GLN B C   
1006 O O   . GLN B 22 ? 0.2495 0.3544 0.4018 -0.0521 0.0030  0.0111  22 GLN B O   
1007 C CB  . GLN B 22 ? 0.4272 0.5314 0.5166 -0.0646 -0.0060 -0.0041 22 GLN B CB  
1008 C CG  . GLN B 22 ? 0.4732 0.5855 0.5313 -0.0901 0.0217  -0.0170 22 GLN B CG  
1009 C CD  . GLN B 22 ? 0.6526 0.7491 0.6499 -0.1056 0.0141  0.0145  22 GLN B CD  
1010 O OE1 . GLN B 22 ? 0.7258 0.8086 0.6881 -0.1060 -0.0097 0.0364  22 GLN B OE1 
1011 N NE2 . GLN B 22 ? 0.9313 1.0280 0.9233 -0.1171 0.0307  0.0178  22 GLN B NE2 
1020 N N   . ARG B 23 ? 0.2997 0.3970 0.4996 -0.0284 -0.0218 -0.0027 23 ARG B N   
1021 C CA  . ARG B 23 ? 0.2848 0.3853 0.5382 -0.0207 -0.0218 -0.0141 23 ARG B CA  
1022 C C   . ARG B 23 ? 0.3866 0.4749 0.6334 -0.0169 -0.0315 0.0111  23 ARG B C   
1023 O O   . ARG B 23 ? 0.2547 0.3513 0.5257 -0.0196 -0.0224 0.0060  23 ARG B O   
1024 C CB  . ARG B 23 ? 0.2526 0.3426 0.5517 -0.0067 -0.0415 -0.0267 23 ARG B CB  
1025 C CG  . ARG B 23 ? 0.5224 0.6222 0.8345 -0.0092 -0.0326 -0.0542 23 ARG B CG  
1026 C CD  . ARG B 23 ? 0.9652 1.0680 1.3548 0.0008  -0.0387 -0.0835 23 ARG B CD  
1027 N NE  . ARG B 23 ? 1.0035 1.1095 1.4087 0.0007  -0.0348 -0.1088 23 ARG B NE  
1028 C CZ  . ARG B 23 ? 0.8018 0.9306 1.1981 -0.0138 -0.0038 -0.1369 23 ARG B CZ  
1029 N NH1 . ARG B 23 ? 1.0249 1.1727 1.3913 -0.0315 0.0258  -0.1410 23 ARG B NH1 
1030 N NH2 . ARG B 23 ? 0.7251 0.8539 1.1374 -0.0137 -0.0020 -0.1612 23 ARG B NH2 
1044 N N   . ILE B 24 ? 0.2261 0.2959 0.4440 -0.0123 -0.0474 0.0352  24 ILE B N   
1045 C CA  . ILE B 24 ? 0.4750 0.5327 0.6850 -0.0109 -0.0533 0.0556  24 ILE B CA  
1046 C C   . ILE B 24 ? 0.3611 0.4285 0.5525 -0.0214 -0.0369 0.0627  24 ILE B C   
1047 O O   . ILE B 24 ? 0.2153 0.2826 0.4217 -0.0229 -0.0329 0.0656  24 ILE B O   
1048 C CB  . ILE B 24 ? 0.4402 0.4800 0.6258 -0.0079 -0.0658 0.0733  24 ILE B CB  
1049 C CG1 . ILE B 24 ? 0.3562 0.3783 0.5529 -0.0032 -0.0816 0.0685  24 ILE B CG1 
1050 C CG2 . ILE B 24 ? 0.2481 0.2772 0.4256 -0.0088 -0.0663 0.0902  24 ILE B CG2 
1051 C CD1 . ILE B 24 ? 0.6273 0.6335 0.8011 -0.0054 -0.0874 0.0795  24 ILE B CD1 
1063 N N   . LYS B 25 ? 0.2100 0.2826 0.3656 -0.0315 -0.0294 0.0667  25 LYS B N   
1064 C CA  . LYS B 25 ? 0.2358 0.3092 0.3628 -0.0467 -0.0169 0.0764  25 LYS B CA  
1065 C C   . LYS B 25 ? 0.3505 0.4396 0.4999 -0.0572 0.0061  0.0555  25 LYS B C   
1066 O O   . LYS B 25 ? 0.3172 0.4042 0.4645 -0.0654 0.0148  0.0635  25 LYS B O   
1067 C CB  . LYS B 25 ? 0.2711 0.3416 0.3486 -0.0606 -0.0177 0.0833  25 LYS B CB  
1068 C CG  . LYS B 25 ? 0.7802 0.8328 0.8345 -0.0575 -0.0394 0.1122  25 LYS B CG  
1069 C CD  . LYS B 25 ? 0.6197 0.6692 0.6429 -0.0630 -0.0531 0.1160  25 LYS B CD  
1070 C CE  . LYS B 25 ? 0.7491 0.7802 0.7234 -0.0805 -0.0655 0.1395  25 LYS B CE  
1071 N NZ  . LYS B 25 ? 0.8497 0.8792 0.7754 -0.1089 -0.0446 0.1314  25 LYS B NZ  
1085 N N   . ASP B 26 ? 0.2686 0.3744 0.4463 -0.0579 0.0176  0.0261  26 ASP B N   
1086 C CA  . ASP B 26 ? 0.3060 0.4322 0.5205 -0.0686 0.0433  -0.0016 26 ASP B CA  
1087 C C   . ASP B 26 ? 0.2484 0.3751 0.5156 -0.0566 0.0343  -0.0006 26 ASP B C   
1088 O O   . ASP B 26 ? 0.3014 0.4364 0.5793 -0.0686 0.0516  -0.0045 26 ASP B O   
1089 C CB  . ASP B 26 ? 0.5311 0.6746 0.7830 -0.0673 0.0539  -0.0377 26 ASP B CB  
1090 C CG  . ASP B 26 ? 0.9614 1.1030 1.1580 -0.0813 0.0618  -0.0410 26 ASP B CG  
1091 O OD1 . ASP B 26 ? 1.2906 1.4197 1.4193 -0.0980 0.0634  -0.0187 26 ASP B OD1 
1092 O OD2 . ASP B 26 ? 0.8644 1.0136 1.0858 -0.0758 0.0623  -0.0647 26 ASP B OD2 
1097 N N   . PHE B 27 ? 0.1973 0.3120 0.4930 -0.0362 0.0064  0.0054  27 PHE B N   
1098 C CA  . PHE B 27 ? 0.1802 0.2886 0.5160 -0.0272 -0.0091 0.0094  27 PHE B CA  
1099 C C   . PHE B 27 ? 0.2420 0.3393 0.5445 -0.0341 -0.0064 0.0341  27 PHE B C   
1100 O O   . PHE B 27 ? 0.5562 0.6594 0.8878 -0.0379 -0.0014 0.0298  27 PHE B O   
1101 C CB  . PHE B 27 ? 0.1660 0.2518 0.5127 -0.0112 -0.0424 0.0177  27 PHE B CB  
1102 C CG  . PHE B 27 ? 0.2453 0.3149 0.6150 -0.0061 -0.0642 0.0267  27 PHE B CG  
1103 C CD1 . PHE B 27 ? 0.2414 0.3142 0.6702 -0.0010 -0.0750 0.0072  27 PHE B CD1 
1104 C CD2 . PHE B 27 ? 0.3469 0.3933 0.6747 -0.0077 -0.0738 0.0519  27 PHE B CD2 
1105 C CE1 . PHE B 27 ? 0.2639 0.3081 0.6892 0.0006  -0.0955 0.0158  27 PHE B CE1 
1106 C CE2 . PHE B 27 ? 0.3100 0.3384 0.6505 -0.0071 -0.0937 0.0586  27 PHE B CE2 
1107 C CZ  . PHE B 27 ? 0.4694 0.4930 0.8498 -0.0042 -0.1046 0.0413  27 PHE B CZ  
1117 N N   . LEU B 28 ? 0.3921 0.4733 0.6412 -0.0353 -0.0110 0.0582  28 LEU B N   
1118 C CA  . LEU B 28 ? 0.2780 0.3459 0.5032 -0.0402 -0.0108 0.0804  28 LEU B CA  
1119 C C   . LEU B 28 ? 0.3000 0.3774 0.5124 -0.0596 0.0131  0.0785  28 LEU B C   
1120 O O   . LEU B 28 ? 0.2907 0.3626 0.5087 -0.0649 0.0165  0.0867  28 LEU B O   
1121 C CB  . LEU B 28 ? 0.2702 0.3207 0.4560 -0.0364 -0.0226 0.1022  28 LEU B CB  
1122 C CG  . LEU B 28 ? 0.7729 0.8103 0.9636 -0.0233 -0.0409 0.1052  28 LEU B CG  
1123 C CD1 . LEU B 28 ? 0.5405 0.5678 0.7056 -0.0215 -0.0471 0.1208  28 LEU B CD1 
1124 C CD2 . LEU B 28 ? 0.6041 0.6275 0.8126 -0.0198 -0.0501 0.1069  28 LEU B CD2 
1136 N N   . ARG B 29 ? 0.2712 0.3601 0.4612 -0.0740 0.0310  0.0671  29 ARG B N   
1137 C CA  . ARG B 29 ? 0.3765 0.4698 0.5436 -0.1000 0.0575  0.0636  29 ARG B CA  
1138 C C   . ARG B 29 ? 0.3020 0.4180 0.5289 -0.1047 0.0767  0.0368  29 ARG B C   
1139 O O   . ARG B 29 ? 0.6722 0.7875 0.8929 -0.1228 0.0942  0.0393  29 ARG B O   
1140 C CB  . ARG B 29 ? 0.4884 0.5856 0.6094 -0.1205 0.0745  0.0536  29 ARG B CB  
1141 C CG  . ARG B 29 ? 0.5750 0.6709 0.6580 -0.1560 0.1056  0.0495  29 ARG B CG  
1142 C CD  . ARG B 29 ? 0.7983 0.8965 0.8292 -0.1837 0.1273  0.0337  29 ARG B CD  
1143 N NE  . ARG B 29 ? 0.7976 0.9084 0.8236 -0.2183 0.1705  0.0081  29 ARG B NE  
1144 C CZ  . ARG B 29 ? 0.8147 0.9111 0.7619 -0.2599 0.1945  0.0068  29 ARG B CZ  
1145 N NH1 . ARG B 29 ? 0.9474 1.0141 0.8128 -0.2707 0.1733  0.0326  29 ARG B NH1 
1146 N NH2 . ARG B 29 ? 0.9281 1.0347 0.8779 -0.2864 0.2330  -0.0213 29 ARG B NH2 
1160 N N   . ASN B 30 ? 0.2479 0.3826 0.5377 -0.0893 0.0718  0.0107  30 ASN B N   
1161 C CA  . ASN B 30 ? 0.2384 0.3954 0.6025 -0.0900 0.0825  -0.0163 30 ASN B CA  
1162 C C   . ASN B 30 ? 0.2180 0.3615 0.6015 -0.0797 0.0607  0.0021  30 ASN B C   
1163 O O   . ASN B 30 ? 0.3211 0.4770 0.7415 -0.0894 0.0737  -0.0089 30 ASN B O   
1164 C CB  . ASN B 30 ? 0.2195 0.3945 0.6527 -0.0742 0.0740  -0.0472 30 ASN B CB  
1165 C CG  . ASN B 30 ? 0.5345 0.7296 0.9652 -0.0891 0.1051  -0.0776 30 ASN B CG  
1166 O OD1 . ASN B 30 ? 0.6418 0.8447 1.0348 -0.1174 0.1408  -0.0856 30 ASN B OD1 
1167 N ND2 . ASN B 30 ? 0.7028 0.9023 1.1674 -0.0733 0.0918  -0.0946 30 ASN B ND2 
1174 N N   . LEU B 31 ? 0.3056 0.4239 0.6645 -0.0627 0.0299  0.0274  31 LEU B N   
1175 C CA  . LEU B 31 ? 0.2930 0.3942 0.6621 -0.0557 0.0096  0.0427  31 LEU B CA  
1176 C C   . LEU B 31 ? 0.3578 0.4493 0.6926 -0.0705 0.0242  0.0607  31 LEU B C   
1177 O O   . LEU B 31 ? 0.5754 0.6667 0.9371 -0.0744 0.0235  0.0597  31 LEU B O   
1178 C CB  . LEU B 31 ? 0.5117 0.5865 0.8535 -0.0405 -0.0195 0.0612  31 LEU B CB  
1179 C CG  . LEU B 31 ? 0.4415 0.4945 0.7906 -0.0352 -0.0435 0.0714  31 LEU B CG  
1180 C CD1 . LEU B 31 ? 0.6365 0.6958 1.0462 -0.0297 -0.0634 0.0532  31 LEU B CD1 
1181 C CD2 . LEU B 31 ? 0.2730 0.2991 0.5794 -0.0286 -0.0601 0.0880  31 LEU B CD2 
1193 N N   . VAL B 32 ? 0.3956 0.4760 0.6728 -0.0798 0.0339  0.0779  32 VAL B N   
1194 C CA  . VAL B 32 ? 0.3624 0.4249 0.6033 -0.0941 0.0414  0.0995  32 VAL B CA  
1195 C C   . VAL B 32 ? 0.3491 0.4141 0.5472 -0.1191 0.0657  0.0993  32 VAL B C   
1196 O O   . VAL B 32 ? 0.5225 0.5705 0.6689 -0.1222 0.0580  0.1175  32 VAL B O   
1197 C CB  . VAL B 32 ? 0.3323 0.3665 0.5425 -0.0818 0.0189  0.1264  32 VAL B CB  
1198 C CG1 . VAL B 32 ? 0.4782 0.4899 0.6603 -0.0948 0.0220  0.1483  32 VAL B CG1 
1199 C CG2 . VAL B 32 ? 0.3469 0.3751 0.5868 -0.0643 -0.0005 0.1232  32 VAL B CG2 
1209 N N   . PRO B 33 ? 0.5455 0.6299 0.7622 -0.1405 0.0954  0.0776  33 PRO B N   
1210 C CA  . PRO B 33 ? 0.4889 0.5704 0.6517 -0.1732 0.1234  0.0756  33 PRO B CA  
1211 C C   . PRO B 33 ? 0.5737 0.6170 0.6699 -0.1916 0.1173  0.1119  33 PRO B C   
1212 O O   . PRO B 33 ? 0.8554 0.8872 0.8992 -0.2222 0.1381  0.1132  33 PRO B O   
1213 C CB  . PRO B 33 ? 0.5168 0.6299 0.7308 -0.1924 0.1597  0.0391  33 PRO B CB  
1214 C CG  . PRO B 33 ? 0.5051 0.6417 0.8087 -0.1632 0.1431  0.0192  33 PRO B CG  
1215 C CD  . PRO B 33 ? 0.4074 0.5173 0.6990 -0.1379 0.1044  0.0507  33 PRO B CD  
# 
